data_5TGV
#
_entry.id   5TGV
#
_cell.length_a   63.512
_cell.length_b   253.173
_cell.length_c   69.964
_cell.angle_alpha   90.00
_cell.angle_beta   111.97
_cell.angle_gamma   90.00
#
_symmetry.space_group_name_H-M   'P 1 21 1'
#
loop_
_entity.id
_entity.type
_entity.pdbx_description
1 polymer 'Hemagglutinin HA1 chain'
2 polymer 'Hemagglutinin HA2 chain'
3 branched 2-acetamido-2-deoxy-beta-D-glucopyranose-(1-4)-2-acetamido-2-deoxy-beta-D-glucopyranose
4 branched 'N-acetyl-alpha-neuraminic acid-(2-3)-beta-D-galactopyranose-(1-4)-2-acetamido-2-deoxy-beta-D-glucopyranose'
5 branched beta-D-mannopyranose-(1-4)-2-acetamido-2-deoxy-beta-D-glucopyranose
6 non-polymer 2-acetamido-2-deoxy-beta-D-glucopyranose
7 non-polymer 'N-acetyl-alpha-neuraminic acid'
#
loop_
_entity_poly.entity_id
_entity_poly.type
_entity_poly.pdbx_seq_one_letter_code
_entity_poly.pdbx_strand_id
1 'polypeptide(L)'
;ADPGDKICLGHHAVANGTIVKTLTNEQEEVTNATETVESTGINRLCMKGRKHKDLGNCHPIGMLIGTPACDLHLTGMWDT
LIERENAIAYCYPGATVNVEALRQKIMESGGINKISTGFTYGSSINSAGTTRACMRNGGNSFYAELKWLVSKSAGQNFPQ
TTNTYRNTDTAEHLIMWGIHHPSSTQEKNTLYGTQSLSISVGSSTYRNNFVPVVGARPQVNGLSSRIDFHWTLVQPGDNI
TFSHNGGLIAPSRVSKLIGRGLGIQSDAPIDNNCESKCFWRGGSINTRLPFQNLSPRTVGQCPKYVNRRSLMLATGMRNV
PEL
;
A,C,E
2 'polypeptide(L)'
;LFGAIAGFLENGWEGMVDGWYGFRHQNAQGTGQAADYKSTQAAIDQITGKLNRLVEKTNTEFESIESEFSEIEHQIGNVI
NWTKDSITDIWTYQAELLVAMENQHTIDMADSEMLNLYERVRKQLRQNAEEDGKGCFEIYHACDDSCMESIRNNTYDHSQ
YREEALLNRLNINSGRLVPR
;
B,D,F
#
# COMPACT_ATOMS: atom_id res chain seq x y z
N ASP A 5 21.35 55.72 26.23
CA ASP A 5 20.56 55.52 25.01
C ASP A 5 20.62 54.05 24.58
N LYS A 6 19.61 53.56 23.84
CA LYS A 6 19.42 52.10 23.64
C LYS A 6 18.46 51.75 22.51
N ILE A 7 18.69 50.62 21.82
CA ILE A 7 17.74 50.07 20.82
C ILE A 7 17.62 48.53 20.92
N CYS A 8 16.38 48.03 20.80
CA CYS A 8 16.09 46.65 21.10
C CYS A 8 15.29 45.93 20.02
N LEU A 9 15.62 44.65 19.86
CA LEU A 9 14.97 43.80 18.87
C LEU A 9 14.13 42.77 19.58
N GLY A 10 12.93 42.54 19.06
CA GLY A 10 12.03 41.59 19.66
C GLY A 10 11.12 40.95 18.65
N HIS A 11 10.42 39.92 19.11
CA HIS A 11 9.41 39.23 18.32
C HIS A 11 8.09 39.42 19.02
N HIS A 12 7.00 39.22 18.32
CA HIS A 12 5.71 39.31 18.99
C HIS A 12 5.32 38.02 19.73
N ALA A 13 4.31 38.11 20.60
CA ALA A 13 3.75 36.96 21.29
C ALA A 13 2.28 37.24 21.48
N VAL A 14 1.52 36.25 21.88
CA VAL A 14 0.10 36.47 22.17
C VAL A 14 -0.23 36.00 23.57
N ALA A 15 -1.35 36.50 24.10
CA ALA A 15 -1.72 36.16 25.47
C ALA A 15 -1.95 34.65 25.66
N ASN A 16 -2.96 34.08 24.98
CA ASN A 16 -3.22 32.64 24.96
C ASN A 16 -2.86 32.02 23.59
N GLY A 17 -1.80 31.21 23.54
CA GLY A 17 -1.36 30.59 22.30
C GLY A 17 -2.01 29.27 21.92
N THR A 18 -1.35 28.53 21.01
CA THR A 18 -1.73 27.17 20.57
C THR A 18 -0.65 26.15 20.91
N ILE A 19 -0.97 24.85 20.96
CA ILE A 19 0.06 23.80 21.07
C ILE A 19 0.13 22.89 19.83
N VAL A 20 1.36 22.55 19.41
CA VAL A 20 1.55 21.65 18.27
C VAL A 20 2.55 20.59 18.62
N LYS A 21 2.68 19.60 17.75
CA LYS A 21 3.63 18.55 18.03
C LYS A 21 4.83 18.78 17.15
N THR A 22 6.04 18.55 17.66
CA THR A 22 7.19 18.62 16.79
C THR A 22 8.02 17.38 16.98
N LEU A 23 9.09 17.31 16.19
CA LEU A 23 10.04 16.19 16.23
C LEU A 23 10.64 15.94 17.62
N THR A 24 10.93 17.00 18.36
CA THR A 24 11.59 16.79 19.65
C THR A 24 10.66 17.06 20.84
N ASN A 25 9.62 17.86 20.62
CA ASN A 25 8.70 18.28 21.68
C ASN A 25 7.21 18.02 21.35
N GLU A 26 6.61 17.06 22.08
CA GLU A 26 5.18 16.83 21.98
C GLU A 26 4.40 18.10 22.38
N GLN A 27 4.90 18.82 23.38
CA GLN A 27 4.19 19.97 23.95
C GLN A 27 4.98 21.25 23.77
N GLU A 28 4.78 21.89 22.63
CA GLU A 28 5.52 23.07 22.20
C GLU A 28 4.51 24.11 21.80
N GLU A 29 4.64 25.33 22.29
CA GLU A 29 3.54 26.28 22.17
C GLU A 29 3.84 27.37 21.15
N VAL A 30 3.09 27.41 20.06
CA VAL A 30 3.30 28.41 19.01
C VAL A 30 2.18 29.41 19.09
N THR A 31 2.25 30.47 18.30
CA THR A 31 1.25 31.53 18.37
C THR A 31 -0.05 31.22 17.62
N ASN A 32 0.08 30.59 16.46
CA ASN A 32 -1.04 30.35 15.53
C ASN A 32 -0.91 28.95 14.91
N ALA A 33 -2.01 28.41 14.37
CA ALA A 33 -2.01 27.08 13.73
C ALA A 33 -3.33 26.78 13.03
N THR A 34 -3.25 25.98 11.97
CA THR A 34 -4.45 25.54 11.25
C THR A 34 -4.48 24.02 11.20
N GLU A 35 -5.64 23.47 10.86
CA GLU A 35 -5.83 22.04 10.89
C GLU A 35 -5.38 21.47 9.60
N THR A 36 -4.89 20.22 9.65
CA THR A 36 -4.53 19.45 8.45
C THR A 36 -5.37 18.17 8.32
N VAL A 37 -6.25 17.92 9.29
CA VAL A 37 -7.13 16.77 9.20
C VAL A 37 -8.55 17.28 9.18
N GLU A 38 -9.25 17.10 8.07
CA GLU A 38 -10.63 17.59 7.98
C GLU A 38 -11.63 16.70 8.75
N SER A 39 -12.40 17.34 9.62
CA SER A 39 -13.25 16.65 10.59
C SER A 39 -14.75 16.67 10.21
N THR A 40 -15.23 17.79 9.67
CA THR A 40 -16.61 17.88 9.22
C THR A 40 -16.72 17.67 7.71
N GLY A 41 -17.80 17.01 7.29
CA GLY A 41 -18.13 16.81 5.89
C GLY A 41 -19.52 17.35 5.64
N ILE A 42 -19.98 17.29 4.38
CA ILE A 42 -21.33 17.66 3.98
C ILE A 42 -22.25 16.45 3.85
N ASN A 43 -23.44 16.50 4.48
CA ASN A 43 -24.42 15.40 4.41
C ASN A 43 -25.28 15.39 3.15
N ARG A 44 -24.65 15.80 2.03
CA ARG A 44 -25.30 15.83 0.72
C ARG A 44 -24.40 15.25 -0.40
N LEU A 45 -24.99 14.60 -1.38
CA LEU A 45 -24.20 14.16 -2.54
C LEU A 45 -24.14 15.30 -3.53
N CYS A 46 -23.05 16.03 -3.51
CA CYS A 46 -22.92 17.22 -4.31
C CYS A 46 -22.70 16.94 -5.83
N MET A 47 -23.79 17.00 -6.60
CA MET A 47 -23.78 16.56 -8.01
C MET A 47 -23.82 17.67 -9.07
N LYS A 48 -23.44 18.90 -8.72
CA LYS A 48 -23.44 19.93 -9.73
C LYS A 48 -22.21 19.65 -10.57
N GLY A 49 -22.41 19.54 -11.87
CA GLY A 49 -21.29 19.25 -12.72
C GLY A 49 -21.39 17.81 -13.13
N ARG A 50 -22.28 17.06 -12.50
CA ARG A 50 -22.43 15.66 -12.86
C ARG A 50 -23.79 15.25 -13.41
N LYS A 51 -23.76 14.59 -14.54
CA LYS A 51 -24.92 13.91 -15.10
C LYS A 51 -25.11 12.61 -14.35
N HIS A 52 -25.99 12.58 -13.36
CA HIS A 52 -26.03 11.46 -12.42
C HIS A 52 -27.32 10.69 -12.39
N LYS A 53 -27.28 9.53 -11.76
CA LYS A 53 -28.51 8.80 -11.56
C LYS A 53 -28.62 8.48 -10.06
N ASP A 54 -29.73 8.89 -9.44
CA ASP A 54 -30.10 8.44 -8.11
C ASP A 54 -31.01 7.27 -8.32
N LEU A 55 -30.52 6.06 -8.05
CA LEU A 55 -31.27 4.85 -8.31
C LEU A 55 -32.47 4.61 -7.39
N GLY A 56 -32.52 5.32 -6.28
CA GLY A 56 -33.63 5.15 -5.36
C GLY A 56 -33.66 3.76 -4.81
N ASN A 57 -34.79 3.08 -4.95
CA ASN A 57 -34.88 1.74 -4.41
C ASN A 57 -34.59 0.75 -5.52
N CYS A 58 -33.94 1.22 -6.56
CA CYS A 58 -33.46 0.31 -7.59
C CYS A 58 -32.02 -0.17 -7.33
N HIS A 59 -31.84 -1.47 -7.41
CA HIS A 59 -30.53 -2.08 -7.31
C HIS A 59 -29.95 -2.35 -8.67
N PRO A 60 -28.76 -1.84 -8.96
CA PRO A 60 -28.18 -1.93 -10.31
C PRO A 60 -28.43 -3.26 -11.03
N ILE A 61 -28.53 -4.37 -10.31
CA ILE A 61 -28.83 -5.63 -10.95
C ILE A 61 -30.24 -5.56 -11.49
N GLY A 62 -31.10 -4.82 -10.82
CA GLY A 62 -32.46 -4.70 -11.31
C GLY A 62 -32.54 -4.18 -12.74
N MET A 63 -31.67 -3.21 -13.06
CA MET A 63 -31.69 -2.55 -14.36
C MET A 63 -31.58 -3.55 -15.50
N LEU A 64 -30.75 -4.56 -15.33
CA LEU A 64 -30.50 -5.52 -16.39
C LEU A 64 -31.68 -6.49 -16.61
N ILE A 65 -32.42 -6.80 -15.55
CA ILE A 65 -33.55 -7.69 -15.70
C ILE A 65 -34.88 -6.95 -15.71
N GLY A 66 -34.88 -5.70 -15.25
CA GLY A 66 -36.05 -4.88 -15.43
C GLY A 66 -37.08 -5.28 -14.42
N THR A 67 -36.64 -5.36 -13.17
CA THR A 67 -37.54 -5.52 -12.06
C THR A 67 -38.38 -4.26 -11.98
N PRO A 68 -39.63 -4.34 -11.45
CA PRO A 68 -40.58 -3.22 -11.39
C PRO A 68 -40.10 -1.95 -10.65
N ALA A 69 -39.29 -2.12 -9.62
CA ALA A 69 -38.69 -0.99 -8.95
C ALA A 69 -37.82 -0.16 -9.89
N CYS A 70 -37.28 -0.83 -10.92
CA CYS A 70 -36.21 -0.32 -11.75
C CYS A 70 -36.62 0.21 -13.11
N ASP A 71 -37.91 0.36 -13.32
CA ASP A 71 -38.42 0.68 -14.64
C ASP A 71 -38.04 2.07 -15.13
N LEU A 72 -37.87 3.00 -14.21
CA LEU A 72 -37.39 4.32 -14.59
C LEU A 72 -35.90 4.31 -14.97
N HIS A 73 -35.22 3.23 -14.62
CA HIS A 73 -33.77 3.12 -14.84
C HIS A 73 -33.28 2.03 -15.77
N LEU A 74 -34.13 1.60 -16.70
CA LEU A 74 -33.74 0.58 -17.66
C LEU A 74 -32.69 1.04 -18.68
N THR A 75 -32.79 2.27 -19.19
CA THR A 75 -31.76 2.77 -20.10
C THR A 75 -31.35 4.15 -19.65
N GLY A 76 -30.18 4.61 -20.08
CA GLY A 76 -29.81 6.00 -19.87
C GLY A 76 -28.33 6.23 -19.83
N MET A 77 -27.92 7.48 -19.57
CA MET A 77 -26.51 7.80 -19.42
C MET A 77 -26.28 8.47 -18.09
N TRP A 78 -25.07 8.34 -17.59
CA TRP A 78 -24.67 9.04 -16.41
C TRP A 78 -23.15 9.18 -16.42
N ASP A 79 -22.58 10.01 -15.58
CA ASP A 79 -21.15 9.89 -15.29
C ASP A 79 -20.97 9.51 -13.82
N THR A 80 -22.10 9.16 -13.19
CA THR A 80 -22.13 8.86 -11.76
C THR A 80 -23.42 8.19 -11.34
N LEU A 81 -23.32 6.99 -10.79
CA LEU A 81 -24.53 6.23 -10.48
C LEU A 81 -24.56 5.99 -9.00
N ILE A 82 -25.66 6.36 -8.35
CA ILE A 82 -25.84 6.30 -6.88
C ILE A 82 -26.78 5.19 -6.46
N GLU A 83 -26.25 4.17 -5.79
CA GLU A 83 -27.01 3.03 -5.30
C GLU A 83 -27.36 3.25 -3.84
N ARG A 84 -28.60 2.91 -3.46
CA ARG A 84 -29.10 3.19 -2.12
C ARG A 84 -29.36 1.95 -1.32
N GLU A 85 -29.50 2.10 0.01
CA GLU A 85 -29.70 0.97 0.93
C GLU A 85 -30.98 0.08 0.75
N ASN A 86 -32.14 0.67 0.50
CA ASN A 86 -33.36 -0.15 0.41
C ASN A 86 -33.51 -0.84 -0.95
N ALA A 87 -32.40 -0.92 -1.68
CA ALA A 87 -32.35 -1.39 -3.05
C ALA A 87 -33.03 -2.74 -3.31
N ILE A 88 -34.01 -2.77 -4.21
CA ILE A 88 -34.62 -4.02 -4.68
C ILE A 88 -34.03 -4.50 -6.02
N ALA A 89 -33.62 -5.76 -6.09
CA ALA A 89 -33.14 -6.25 -7.38
C ALA A 89 -34.07 -7.34 -7.87
N TYR A 90 -34.42 -8.23 -6.98
CA TYR A 90 -35.22 -9.35 -7.37
C TYR A 90 -36.60 -9.08 -6.85
N CYS A 91 -37.62 -9.50 -7.57
CA CYS A 91 -38.94 -9.34 -7.01
C CYS A 91 -39.59 -10.71 -6.84
N TYR A 92 -39.16 -11.66 -7.67
CA TYR A 92 -39.38 -13.10 -7.52
C TYR A 92 -38.16 -13.62 -6.74
N PRO A 93 -38.35 -14.56 -5.80
CA PRO A 93 -37.13 -14.90 -5.04
C PRO A 93 -36.04 -15.62 -5.90
N GLY A 94 -34.79 -15.22 -5.74
CA GLY A 94 -33.69 -15.92 -6.38
C GLY A 94 -32.37 -15.17 -6.31
N ALA A 95 -31.34 -15.72 -6.95
CA ALA A 95 -30.00 -15.21 -6.81
C ALA A 95 -29.39 -14.93 -8.18
N THR A 96 -28.16 -14.41 -8.20
CA THR A 96 -27.45 -14.13 -9.44
C THR A 96 -26.03 -14.61 -9.26
N VAL A 97 -25.46 -15.22 -10.29
CA VAL A 97 -24.12 -15.76 -10.22
C VAL A 97 -23.08 -14.69 -10.57
N ASN A 98 -22.08 -14.57 -9.70
CA ASN A 98 -21.07 -13.50 -9.71
C ASN A 98 -21.74 -12.16 -9.61
N VAL A 99 -22.66 -12.07 -8.67
CA VAL A 99 -23.49 -10.90 -8.53
C VAL A 99 -22.66 -9.66 -8.16
N GLU A 100 -21.48 -9.84 -7.58
CA GLU A 100 -20.67 -8.69 -7.20
C GLU A 100 -19.78 -8.26 -8.35
N ALA A 101 -19.24 -9.23 -9.07
CA ALA A 101 -18.57 -8.91 -10.32
C ALA A 101 -19.55 -8.17 -11.22
N LEU A 102 -20.74 -8.74 -11.38
CA LEU A 102 -21.75 -8.13 -12.23
C LEU A 102 -22.06 -6.73 -11.74
N ARG A 103 -22.47 -6.61 -10.48
CA ARG A 103 -22.82 -5.31 -9.93
C ARG A 103 -21.76 -4.27 -10.23
N GLN A 104 -20.52 -4.54 -9.83
CA GLN A 104 -19.44 -3.60 -10.04
C GLN A 104 -19.31 -3.13 -11.50
N LYS A 105 -19.59 -4.01 -12.48
CA LYS A 105 -19.47 -3.61 -13.89
C LYS A 105 -20.40 -2.45 -14.25
N ILE A 106 -21.64 -2.55 -13.78
CA ILE A 106 -22.61 -1.50 -13.96
C ILE A 106 -22.22 -0.23 -13.24
N MET A 107 -21.70 -0.40 -12.03
CA MET A 107 -21.43 0.75 -11.17
C MET A 107 -20.28 1.55 -11.74
N GLU A 108 -19.49 0.91 -12.62
CA GLU A 108 -18.40 1.59 -13.32
C GLU A 108 -18.77 2.22 -14.66
N SER A 109 -20.00 2.04 -15.15
CA SER A 109 -20.32 2.52 -16.48
C SER A 109 -20.83 3.95 -16.53
N GLY A 110 -20.90 4.48 -17.73
CA GLY A 110 -21.49 5.76 -17.98
C GLY A 110 -22.89 5.63 -18.59
N GLY A 111 -23.45 4.42 -18.57
CA GLY A 111 -24.83 4.28 -19.01
C GLY A 111 -25.21 2.90 -19.47
N ILE A 112 -26.44 2.73 -19.91
CA ILE A 112 -26.88 1.49 -20.50
C ILE A 112 -27.78 1.75 -21.71
N ASN A 113 -27.68 0.88 -22.72
CA ASN A 113 -28.60 0.82 -23.83
C ASN A 113 -29.23 -0.54 -23.78
N LYS A 114 -30.47 -0.68 -24.24
CA LYS A 114 -31.11 -1.98 -24.23
C LYS A 114 -31.23 -2.41 -25.65
N ILE A 115 -31.04 -3.68 -25.93
CA ILE A 115 -31.19 -4.11 -27.30
C ILE A 115 -32.09 -5.33 -27.36
N SER A 116 -33.07 -5.29 -28.25
CA SER A 116 -34.03 -6.37 -28.37
C SER A 116 -33.32 -7.61 -28.84
N THR A 117 -33.58 -8.75 -28.22
CA THR A 117 -33.07 -10.02 -28.75
C THR A 117 -33.90 -10.54 -29.94
N GLY A 118 -35.16 -10.12 -30.04
CA GLY A 118 -35.97 -10.55 -31.16
C GLY A 118 -36.41 -12.02 -31.09
N PHE A 119 -36.18 -12.69 -29.97
CA PHE A 119 -36.52 -14.11 -29.86
C PHE A 119 -38.01 -14.30 -30.07
N THR A 120 -38.38 -15.25 -30.92
CA THR A 120 -39.81 -15.58 -31.11
C THR A 120 -40.01 -17.09 -30.87
N TYR A 121 -41.15 -17.43 -30.27
CA TYR A 121 -41.36 -18.83 -29.86
C TYR A 121 -42.56 -19.49 -30.59
N GLY A 122 -42.73 -20.78 -30.37
CA GLY A 122 -43.78 -21.43 -31.12
C GLY A 122 -45.16 -21.06 -30.61
N SER A 123 -46.14 -21.75 -31.16
CA SER A 123 -47.53 -21.70 -30.69
C SER A 123 -47.67 -22.53 -29.45
N SER A 124 -46.70 -23.42 -29.27
CA SER A 124 -46.71 -24.41 -28.19
C SER A 124 -46.34 -23.72 -26.91
N ILE A 125 -45.77 -22.54 -27.04
CA ILE A 125 -45.30 -21.77 -25.90
C ILE A 125 -46.10 -20.51 -25.68
N ASN A 126 -46.57 -20.35 -24.45
CA ASN A 126 -46.99 -19.05 -23.93
C ASN A 126 -45.75 -18.39 -23.36
N SER A 127 -45.33 -17.27 -23.95
CA SER A 127 -44.15 -16.58 -23.47
C SER A 127 -44.54 -15.56 -22.42
N ALA A 128 -45.83 -15.51 -22.08
CA ALA A 128 -46.36 -14.39 -21.30
C ALA A 128 -46.57 -14.62 -19.83
N GLY A 129 -45.89 -15.58 -19.23
CA GLY A 129 -46.13 -15.90 -17.83
C GLY A 129 -45.80 -14.75 -16.88
N THR A 130 -46.61 -14.60 -15.83
CA THR A 130 -46.46 -13.53 -14.85
C THR A 130 -46.62 -14.05 -13.42
N THR A 131 -46.43 -13.19 -12.42
CA THR A 131 -46.59 -13.66 -11.04
C THR A 131 -47.08 -12.58 -10.05
N ARG A 132 -47.58 -13.01 -8.89
CA ARG A 132 -48.12 -12.06 -7.92
C ARG A 132 -46.96 -11.30 -7.29
N ALA A 133 -45.76 -11.86 -7.49
CA ALA A 133 -44.49 -11.30 -7.02
C ALA A 133 -44.03 -10.02 -7.72
N CYS A 134 -44.27 -9.91 -9.01
CA CYS A 134 -43.93 -8.70 -9.75
C CYS A 134 -45.19 -7.95 -10.11
N MET A 135 -45.38 -6.79 -9.50
CA MET A 135 -46.61 -6.05 -9.71
C MET A 135 -46.28 -4.76 -10.44
N ARG A 136 -47.08 -4.40 -11.45
CA ARG A 136 -46.87 -3.09 -12.06
C ARG A 136 -47.97 -2.09 -11.66
N ASN A 137 -49.21 -2.47 -11.90
CA ASN A 137 -50.32 -1.57 -11.66
C ASN A 137 -51.42 -2.37 -11.01
N GLY A 138 -51.13 -2.80 -9.79
CA GLY A 138 -51.98 -3.73 -9.06
C GLY A 138 -52.14 -5.09 -9.76
N GLY A 139 -51.36 -5.32 -10.81
CA GLY A 139 -51.52 -6.52 -11.61
C GLY A 139 -50.25 -7.33 -11.82
N ASN A 140 -50.45 -8.64 -11.84
CA ASN A 140 -49.38 -9.61 -11.95
C ASN A 140 -48.59 -9.27 -13.19
N SER A 141 -47.30 -9.49 -13.13
CA SER A 141 -46.40 -9.01 -14.14
C SER A 141 -45.15 -9.86 -14.00
N PHE A 142 -44.13 -9.54 -14.77
CA PHE A 142 -42.85 -10.20 -14.65
C PHE A 142 -41.75 -9.22 -14.99
N TYR A 143 -40.50 -9.62 -14.80
CA TYR A 143 -39.36 -8.83 -15.24
C TYR A 143 -39.49 -8.33 -16.68
N ALA A 144 -39.05 -7.09 -16.93
CA ALA A 144 -39.30 -6.40 -18.20
C ALA A 144 -38.39 -6.89 -19.33
N GLU A 145 -37.24 -7.44 -18.98
CA GLU A 145 -36.31 -7.89 -20.01
C GLU A 145 -36.27 -9.38 -20.11
N LEU A 146 -36.97 -10.08 -19.21
CA LEU A 146 -37.06 -11.53 -19.41
C LEU A 146 -38.48 -11.93 -19.79
N LYS A 147 -38.65 -13.18 -20.20
CA LYS A 147 -39.96 -13.69 -20.48
C LYS A 147 -40.05 -15.11 -19.97
N TRP A 148 -40.97 -15.35 -19.06
CA TRP A 148 -41.15 -16.68 -18.48
C TRP A 148 -41.84 -17.59 -19.47
N LEU A 149 -41.06 -18.46 -20.11
CA LEU A 149 -41.65 -19.38 -21.05
C LEU A 149 -42.20 -20.58 -20.32
N VAL A 150 -43.51 -20.80 -20.47
CA VAL A 150 -44.19 -22.06 -20.05
C VAL A 150 -45.05 -22.57 -21.19
N SER A 151 -45.43 -23.84 -21.14
CA SER A 151 -46.27 -24.45 -22.19
C SER A 151 -47.58 -23.73 -22.40
N LYS A 152 -48.02 -23.53 -23.64
CA LYS A 152 -49.34 -22.91 -23.77
C LYS A 152 -50.32 -23.91 -23.22
N SER A 153 -50.14 -25.19 -23.53
CA SER A 153 -51.10 -26.20 -23.02
C SER A 153 -50.58 -26.95 -21.82
N ALA A 154 -51.15 -26.65 -20.66
CA ALA A 154 -50.75 -27.22 -19.38
C ALA A 154 -50.38 -28.72 -19.47
N GLY A 155 -49.29 -29.09 -18.81
CA GLY A 155 -48.88 -30.48 -18.69
C GLY A 155 -48.15 -31.03 -19.89
N GLN A 156 -48.25 -30.34 -21.03
CA GLN A 156 -47.64 -30.83 -22.25
C GLN A 156 -46.15 -30.56 -22.21
N ASN A 157 -45.39 -31.37 -22.92
CA ASN A 157 -43.96 -31.15 -22.91
C ASN A 157 -43.73 -29.82 -23.57
N PHE A 158 -43.05 -28.92 -22.85
CA PHE A 158 -42.52 -27.71 -23.43
C PHE A 158 -41.68 -28.20 -24.58
N PRO A 159 -41.91 -27.63 -25.77
CA PRO A 159 -41.23 -28.02 -27.00
C PRO A 159 -39.74 -27.73 -26.97
N GLN A 160 -38.96 -28.60 -27.59
CA GLN A 160 -37.53 -28.35 -27.77
C GLN A 160 -37.37 -27.14 -28.68
N THR A 161 -36.84 -26.05 -28.11
CA THR A 161 -36.75 -24.74 -28.76
C THR A 161 -35.30 -24.21 -28.81
N THR A 162 -34.93 -23.53 -29.89
CA THR A 162 -33.57 -23.05 -30.07
C THR A 162 -33.57 -21.58 -30.46
N ASN A 163 -33.18 -20.71 -29.54
CA ASN A 163 -33.12 -19.28 -29.83
C ASN A 163 -31.68 -18.82 -29.95
N THR A 164 -31.44 -17.89 -30.88
CA THR A 164 -30.11 -17.39 -31.17
C THR A 164 -30.10 -15.90 -31.19
N TYR A 165 -29.12 -15.29 -30.54
CA TYR A 165 -28.94 -13.86 -30.60
C TYR A 165 -27.60 -13.49 -31.17
N ARG A 166 -27.61 -12.66 -32.20
CA ARG A 166 -26.37 -12.17 -32.80
C ARG A 166 -26.12 -10.75 -32.37
N ASN A 167 -24.94 -10.51 -31.83
CA ASN A 167 -24.45 -9.19 -31.56
C ASN A 167 -23.79 -8.55 -32.76
N THR A 168 -24.55 -7.76 -33.51
CA THR A 168 -23.97 -7.11 -34.69
C THR A 168 -23.58 -5.66 -34.40
N ASP A 169 -23.37 -5.35 -33.13
CA ASP A 169 -22.94 -4.01 -32.72
C ASP A 169 -21.42 -3.96 -32.80
N THR A 170 -20.81 -2.88 -32.34
CA THR A 170 -19.35 -2.82 -32.33
C THR A 170 -18.72 -3.01 -30.95
N ALA A 171 -19.51 -2.97 -29.87
CA ALA A 171 -19.00 -3.18 -28.51
C ALA A 171 -19.59 -4.44 -27.92
N GLU A 172 -19.21 -4.77 -26.68
CA GLU A 172 -19.68 -5.99 -26.02
C GLU A 172 -21.03 -5.82 -25.32
N HIS A 173 -21.95 -6.77 -25.56
CA HIS A 173 -23.27 -6.74 -24.90
C HIS A 173 -23.35 -7.70 -23.71
N LEU A 174 -24.05 -7.28 -22.65
CA LEU A 174 -24.29 -8.13 -21.48
C LEU A 174 -25.64 -8.74 -21.64
N ILE A 175 -25.75 -10.05 -21.51
CA ILE A 175 -27.02 -10.73 -21.72
C ILE A 175 -27.24 -11.59 -20.50
N MET A 176 -28.50 -11.69 -20.08
CA MET A 176 -28.87 -12.40 -18.86
C MET A 176 -30.01 -13.36 -19.11
N TRP A 177 -30.03 -14.46 -18.38
CA TRP A 177 -31.16 -15.36 -18.48
C TRP A 177 -31.39 -15.90 -17.09
N GLY A 178 -32.56 -16.48 -16.83
CA GLY A 178 -32.79 -17.10 -15.56
C GLY A 178 -33.03 -18.60 -15.74
N ILE A 179 -32.60 -19.40 -14.79
CA ILE A 179 -33.05 -20.76 -14.76
C ILE A 179 -34.08 -20.94 -13.66
N HIS A 180 -35.30 -21.28 -14.06
CA HIS A 180 -36.38 -21.52 -13.12
C HIS A 180 -36.22 -22.86 -12.40
N HIS A 181 -36.39 -22.86 -11.08
CA HIS A 181 -36.43 -24.09 -10.31
C HIS A 181 -37.77 -24.18 -9.62
N PRO A 182 -38.69 -25.01 -10.15
CA PRO A 182 -40.02 -25.21 -9.57
C PRO A 182 -39.99 -25.59 -8.07
N SER A 183 -41.10 -25.35 -7.38
CA SER A 183 -41.20 -25.67 -5.97
C SER A 183 -41.66 -27.09 -5.70
N SER A 184 -42.21 -27.74 -6.73
CA SER A 184 -42.77 -29.08 -6.63
C SER A 184 -42.86 -29.77 -8.00
N THR A 185 -43.03 -31.09 -7.98
CA THR A 185 -43.21 -31.85 -9.20
C THR A 185 -44.62 -31.69 -9.78
N GLN A 186 -45.60 -31.36 -8.94
CA GLN A 186 -46.94 -31.04 -9.43
C GLN A 186 -46.84 -29.87 -10.41
N GLU A 187 -46.03 -28.92 -10.00
CA GLU A 187 -45.75 -27.69 -10.66
C GLU A 187 -44.78 -27.81 -11.83
N LYS A 188 -43.60 -28.40 -11.60
CA LYS A 188 -42.62 -28.59 -12.67
C LYS A 188 -43.30 -29.28 -13.83
N ASN A 189 -44.31 -30.08 -13.53
CA ASN A 189 -45.07 -30.77 -14.56
C ASN A 189 -46.05 -29.86 -15.30
N THR A 190 -46.75 -28.99 -14.57
CA THR A 190 -47.77 -28.13 -15.16
C THR A 190 -47.22 -27.11 -16.17
N LEU A 191 -45.99 -26.65 -15.98
CA LEU A 191 -45.41 -25.64 -16.86
C LEU A 191 -44.62 -26.26 -18.03
N TYR A 192 -43.95 -27.37 -17.75
CA TYR A 192 -42.89 -27.90 -18.61
C TYR A 192 -43.11 -29.33 -19.08
N GLY A 193 -43.84 -30.13 -18.31
CA GLY A 193 -44.17 -31.49 -18.72
C GLY A 193 -43.48 -32.51 -17.84
N THR A 194 -43.62 -33.78 -18.16
CA THR A 194 -42.95 -34.84 -17.40
C THR A 194 -41.52 -35.09 -17.97
N GLN A 195 -41.22 -34.50 -19.12
CA GLN A 195 -39.94 -34.65 -19.80
C GLN A 195 -38.76 -34.12 -18.97
N SER A 196 -37.56 -34.63 -19.21
CA SER A 196 -36.35 -34.13 -18.51
C SER A 196 -36.04 -32.73 -18.95
N LEU A 197 -35.82 -31.82 -18.02
CA LEU A 197 -35.60 -30.43 -18.41
C LEU A 197 -34.11 -30.20 -18.66
N SER A 198 -33.77 -29.56 -19.77
CA SER A 198 -32.37 -29.20 -19.96
C SER A 198 -32.20 -27.84 -20.63
N ILE A 199 -31.25 -27.05 -20.15
CA ILE A 199 -31.00 -25.76 -20.77
C ILE A 199 -29.55 -25.51 -21.12
N SER A 200 -29.19 -25.72 -22.40
CA SER A 200 -27.83 -25.49 -22.87
C SER A 200 -27.68 -24.07 -23.38
N VAL A 201 -26.69 -23.33 -22.89
CA VAL A 201 -26.44 -21.98 -23.38
C VAL A 201 -25.08 -22.01 -24.04
N GLY A 202 -24.98 -21.37 -25.20
CA GLY A 202 -23.74 -21.40 -25.96
C GLY A 202 -23.32 -20.10 -26.56
N SER A 203 -22.05 -19.81 -26.34
CA SER A 203 -21.41 -18.71 -27.03
C SER A 203 -20.04 -19.15 -27.47
N SER A 204 -19.22 -18.22 -27.93
CA SER A 204 -17.83 -18.54 -28.24
C SER A 204 -17.01 -18.46 -26.98
N THR A 205 -17.59 -17.92 -25.92
CA THR A 205 -16.81 -17.51 -24.78
C THR A 205 -17.47 -18.04 -23.54
N TYR A 206 -18.44 -18.92 -23.76
CA TYR A 206 -19.25 -19.49 -22.70
C TYR A 206 -19.92 -20.74 -23.22
N ARG A 207 -19.81 -21.84 -22.48
CA ARG A 207 -20.77 -22.93 -22.66
C ARG A 207 -21.05 -23.67 -21.38
N ASN A 208 -22.33 -23.89 -21.16
CA ASN A 208 -22.79 -24.36 -19.88
C ASN A 208 -24.12 -25.00 -20.05
N ASN A 209 -24.51 -25.85 -19.10
CA ASN A 209 -25.83 -26.46 -19.14
C ASN A 209 -26.50 -26.32 -17.82
N PHE A 210 -27.80 -26.02 -17.83
CA PHE A 210 -28.53 -25.90 -16.57
C PHE A 210 -29.73 -26.86 -16.52
N VAL A 211 -30.09 -27.29 -15.31
CA VAL A 211 -31.20 -28.22 -15.17
C VAL A 211 -32.09 -27.84 -13.99
N PRO A 212 -33.33 -27.44 -14.26
CA PRO A 212 -34.18 -26.97 -13.16
C PRO A 212 -34.23 -27.96 -12.04
N VAL A 213 -34.17 -27.48 -10.80
CA VAL A 213 -34.14 -28.34 -9.64
C VAL A 213 -35.45 -28.21 -8.89
N VAL A 214 -36.10 -29.35 -8.69
CA VAL A 214 -37.31 -29.35 -7.90
C VAL A 214 -36.99 -29.64 -6.44
N GLY A 215 -37.52 -28.82 -5.54
CA GLY A 215 -37.35 -29.02 -4.13
C GLY A 215 -38.17 -27.99 -3.36
N ALA A 216 -38.57 -28.32 -2.14
CA ALA A 216 -39.25 -27.34 -1.31
C ALA A 216 -38.18 -26.56 -0.57
N ARG A 217 -38.41 -25.27 -0.47
CA ARG A 217 -37.48 -24.36 0.16
C ARG A 217 -38.39 -23.49 1.01
N PRO A 218 -37.82 -22.63 1.85
CA PRO A 218 -38.71 -21.69 2.54
C PRO A 218 -39.55 -20.92 1.53
N GLN A 219 -40.73 -20.47 1.91
CA GLN A 219 -41.44 -19.59 1.00
C GLN A 219 -40.90 -18.21 1.28
N VAL A 220 -40.67 -17.44 0.22
CA VAL A 220 -40.22 -16.06 0.32
C VAL A 220 -41.18 -15.34 -0.61
N ASN A 221 -41.58 -14.12 -0.28
CA ASN A 221 -42.61 -13.39 -1.04
C ASN A 221 -43.87 -14.26 -1.30
N GLY A 222 -44.00 -15.36 -0.57
CA GLY A 222 -45.12 -16.28 -0.70
C GLY A 222 -44.77 -17.61 -1.35
N LEU A 223 -43.66 -17.61 -2.11
CA LEU A 223 -43.24 -18.69 -3.05
C LEU A 223 -42.06 -19.62 -2.65
N SER A 224 -42.09 -20.89 -3.09
CA SER A 224 -41.04 -21.89 -2.76
C SER A 224 -40.18 -22.27 -3.96
N SER A 225 -40.54 -21.70 -5.10
CA SER A 225 -39.75 -21.85 -6.30
C SER A 225 -38.89 -20.63 -6.38
N ARG A 226 -37.80 -20.75 -7.11
CA ARG A 226 -36.74 -19.76 -7.15
C ARG A 226 -36.49 -19.39 -8.61
N ILE A 227 -35.78 -18.30 -8.83
CA ILE A 227 -35.17 -18.03 -10.13
C ILE A 227 -33.69 -17.69 -10.01
N ASP A 228 -32.83 -18.57 -10.52
CA ASP A 228 -31.39 -18.30 -10.58
C ASP A 228 -31.06 -17.48 -11.80
N PHE A 229 -30.24 -16.45 -11.64
CA PHE A 229 -29.94 -15.62 -12.79
C PHE A 229 -28.50 -15.86 -13.18
N HIS A 230 -28.19 -15.63 -14.45
CA HIS A 230 -26.89 -15.95 -15.04
C HIS A 230 -26.56 -14.86 -16.05
N TRP A 231 -25.28 -14.70 -16.39
CA TRP A 231 -24.93 -13.69 -17.39
C TRP A 231 -23.59 -13.95 -18.05
N THR A 232 -23.42 -13.42 -19.24
CA THR A 232 -22.10 -13.42 -19.90
C THR A 232 -22.00 -12.28 -20.92
N LEU A 233 -20.80 -11.84 -21.21
CA LEU A 233 -20.66 -10.79 -22.22
C LEU A 233 -20.57 -11.42 -23.64
N VAL A 234 -21.41 -10.96 -24.56
CA VAL A 234 -21.42 -11.41 -25.96
C VAL A 234 -20.62 -10.42 -26.81
N GLN A 235 -19.51 -10.92 -27.37
CA GLN A 235 -18.55 -10.15 -28.14
C GLN A 235 -19.04 -9.60 -29.48
N PRO A 236 -18.41 -8.54 -30.00
CA PRO A 236 -18.99 -8.06 -31.25
C PRO A 236 -18.86 -9.12 -32.31
N GLY A 237 -19.91 -9.36 -33.11
CA GLY A 237 -19.84 -10.29 -34.22
C GLY A 237 -20.07 -11.69 -33.74
N ASP A 238 -20.36 -11.80 -32.45
CA ASP A 238 -20.59 -13.09 -31.84
C ASP A 238 -22.06 -13.40 -31.62
N ASN A 239 -22.40 -14.66 -31.81
CA ASN A 239 -23.75 -15.19 -31.68
C ASN A 239 -23.85 -15.98 -30.36
N ILE A 240 -25.01 -15.96 -29.71
CA ILE A 240 -25.20 -16.77 -28.51
C ILE A 240 -26.57 -17.44 -28.64
N THR A 241 -26.70 -18.64 -28.09
CA THR A 241 -27.82 -19.51 -28.40
C THR A 241 -28.34 -20.25 -27.16
N PHE A 242 -29.61 -20.61 -27.17
CA PHE A 242 -30.17 -21.30 -26.04
C PHE A 242 -30.84 -22.59 -26.53
N SER A 243 -30.47 -23.74 -25.98
CA SER A 243 -31.29 -24.94 -26.16
C SER A 243 -32.06 -25.25 -24.91
N HIS A 244 -33.38 -25.12 -24.96
CA HIS A 244 -34.18 -25.30 -23.77
C HIS A 244 -35.45 -26.11 -23.95
N ASN A 245 -35.54 -27.12 -23.09
CA ASN A 245 -36.71 -27.94 -22.83
C ASN A 245 -37.81 -27.30 -22.00
N GLY A 246 -37.42 -26.46 -21.04
CA GLY A 246 -38.37 -25.71 -20.25
C GLY A 246 -37.59 -25.22 -19.07
N GLY A 247 -38.02 -24.14 -18.46
CA GLY A 247 -37.25 -23.70 -17.32
C GLY A 247 -36.41 -22.51 -17.63
N LEU A 248 -36.11 -22.29 -18.90
CA LEU A 248 -35.40 -21.07 -19.22
C LEU A 248 -36.34 -19.88 -19.06
N ILE A 249 -35.88 -18.86 -18.34
CA ILE A 249 -36.55 -17.57 -18.34
C ILE A 249 -35.74 -16.71 -19.28
N ALA A 250 -36.14 -16.64 -20.54
CA ALA A 250 -35.24 -16.14 -21.58
C ALA A 250 -35.19 -14.63 -21.56
N PRO A 251 -34.18 -14.02 -22.19
CA PRO A 251 -34.15 -12.57 -22.20
C PRO A 251 -34.97 -12.01 -23.36
N SER A 252 -35.71 -10.91 -23.18
CA SER A 252 -36.31 -10.26 -24.34
C SER A 252 -35.47 -9.10 -24.79
N ARG A 253 -34.58 -8.60 -23.92
CA ARG A 253 -33.63 -7.54 -24.29
C ARG A 253 -32.25 -7.87 -23.76
N VAL A 254 -31.21 -7.35 -24.38
CA VAL A 254 -29.92 -7.40 -23.72
C VAL A 254 -29.40 -6.00 -23.53
N SER A 255 -28.53 -5.88 -22.55
CA SER A 255 -27.93 -4.66 -22.10
C SER A 255 -26.59 -4.43 -22.75
N LYS A 256 -26.21 -3.16 -22.88
CA LYS A 256 -24.90 -2.75 -23.37
C LYS A 256 -24.37 -1.73 -22.42
N LEU A 257 -23.30 -2.01 -21.71
CA LEU A 257 -22.86 -1.03 -20.73
C LEU A 257 -21.99 -0.07 -21.43
N ILE A 258 -22.41 1.17 -21.48
CA ILE A 258 -21.71 2.21 -22.23
C ILE A 258 -20.78 3.03 -21.35
N GLY A 259 -19.64 3.44 -21.88
CA GLY A 259 -18.83 4.47 -21.27
C GLY A 259 -18.27 4.15 -19.90
N ARG A 260 -17.86 5.19 -19.18
CA ARG A 260 -17.33 5.07 -17.83
C ARG A 260 -17.95 6.09 -16.88
N GLY A 261 -18.22 5.65 -15.66
CA GLY A 261 -18.85 6.50 -14.67
C GLY A 261 -18.27 6.19 -13.32
N LEU A 262 -19.04 6.45 -12.27
CA LEU A 262 -18.49 6.43 -10.93
C LEU A 262 -19.50 6.03 -9.88
N GLY A 263 -19.42 4.78 -9.44
CA GLY A 263 -20.40 4.22 -8.51
C GLY A 263 -20.27 4.75 -7.10
N ILE A 264 -21.19 5.59 -6.68
CA ILE A 264 -21.27 6.01 -5.31
C ILE A 264 -22.27 5.18 -4.58
N GLN A 265 -21.87 4.52 -3.50
CA GLN A 265 -22.84 3.92 -2.59
C GLN A 265 -23.03 4.84 -1.41
N SER A 266 -24.23 5.33 -1.15
CA SER A 266 -24.39 6.32 -0.10
C SER A 266 -25.81 6.47 0.42
N ASP A 267 -25.94 6.79 1.72
CA ASP A 267 -27.23 7.15 2.33
C ASP A 267 -27.67 8.62 2.24
N ALA A 268 -26.85 9.53 1.75
CA ALA A 268 -27.20 10.95 1.86
C ALA A 268 -27.99 11.41 0.66
N PRO A 269 -28.87 12.39 0.87
CA PRO A 269 -29.69 12.99 -0.20
C PRO A 269 -28.84 13.70 -1.27
N ILE A 270 -29.46 14.08 -2.38
CA ILE A 270 -28.75 14.72 -3.49
C ILE A 270 -28.78 16.25 -3.44
N ASP A 271 -27.70 16.91 -3.81
CA ASP A 271 -27.69 18.38 -3.98
C ASP A 271 -27.11 18.71 -5.35
N ASN A 272 -27.97 19.06 -6.31
CA ASN A 272 -27.53 19.31 -7.68
C ASN A 272 -27.00 20.75 -7.92
N ASN A 273 -26.64 21.41 -6.82
CA ASN A 273 -26.23 22.82 -6.81
C ASN A 273 -24.90 23.03 -6.04
N CYS A 274 -24.53 22.02 -5.25
CA CYS A 274 -23.25 21.89 -4.55
C CYS A 274 -22.27 21.08 -5.40
N GLU A 275 -20.99 21.40 -5.38
CA GLU A 275 -20.07 20.74 -6.31
C GLU A 275 -18.96 19.97 -5.61
N SER A 276 -18.80 18.69 -5.92
CA SER A 276 -17.78 17.94 -5.20
C SER A 276 -17.05 16.86 -6.04
N LYS A 277 -15.89 16.44 -5.57
CA LYS A 277 -15.08 15.43 -6.28
C LYS A 277 -14.75 14.22 -5.38
N CYS A 278 -15.25 14.21 -4.13
CA CYS A 278 -14.98 13.13 -3.19
C CYS A 278 -16.23 12.73 -2.41
N PHE A 279 -16.55 11.43 -2.34
CA PHE A 279 -17.74 10.97 -1.63
C PHE A 279 -17.51 9.77 -0.71
N TRP A 280 -18.27 9.75 0.38
CA TRP A 280 -18.33 8.65 1.34
C TRP A 280 -19.79 8.29 1.50
N ARG A 281 -20.13 7.34 2.36
CA ARG A 281 -21.55 6.96 2.38
C ARG A 281 -22.37 8.00 3.11
N GLY A 282 -21.70 8.84 3.91
CA GLY A 282 -22.33 9.98 4.56
C GLY A 282 -22.61 11.22 3.70
N GLY A 283 -22.03 11.26 2.50
CA GLY A 283 -22.16 12.46 1.71
C GLY A 283 -20.92 12.81 0.94
N SER A 284 -20.45 14.05 1.09
CA SER A 284 -19.33 14.58 0.30
C SER A 284 -18.23 15.18 1.16
N ILE A 285 -17.09 15.49 0.54
CA ILE A 285 -15.98 16.08 1.27
C ILE A 285 -15.28 17.17 0.43
N ASN A 286 -15.68 18.43 0.63
CA ASN A 286 -15.08 19.60 0.00
C ASN A 286 -14.01 20.29 0.81
N THR A 287 -12.78 19.81 0.79
CA THR A 287 -11.79 20.48 1.63
C THR A 287 -10.49 20.70 0.89
N ARG A 288 -9.66 21.58 1.43
CA ARG A 288 -8.37 21.74 0.84
C ARG A 288 -7.30 20.96 1.61
N LEU A 289 -7.59 20.57 2.85
CA LEU A 289 -6.57 19.87 3.65
C LEU A 289 -6.17 18.50 3.04
N PRO A 290 -4.94 18.05 3.33
CA PRO A 290 -4.49 16.81 2.71
C PRO A 290 -5.15 15.55 3.27
N PHE A 291 -5.67 15.61 4.49
CA PHE A 291 -6.12 14.41 5.20
C PHE A 291 -7.53 14.55 5.75
N GLN A 292 -8.14 13.44 6.13
CA GLN A 292 -9.45 13.48 6.76
C GLN A 292 -9.68 12.33 7.73
N ASN A 293 -10.56 12.57 8.72
CA ASN A 293 -10.90 11.58 9.74
C ASN A 293 -12.28 10.95 9.57
N LEU A 294 -13.02 11.42 8.56
CA LEU A 294 -14.43 11.08 8.32
C LEU A 294 -14.77 9.62 7.94
N SER A 295 -14.04 9.05 6.97
CA SER A 295 -14.26 7.64 6.58
C SER A 295 -13.10 6.95 5.89
N PRO A 296 -12.85 5.67 6.25
CA PRO A 296 -11.82 4.88 5.57
C PRO A 296 -12.22 4.50 4.14
N ARG A 297 -13.52 4.39 3.89
CA ARG A 297 -14.02 4.01 2.57
C ARG A 297 -14.58 5.22 1.85
N THR A 298 -13.93 5.60 0.75
CA THR A 298 -14.25 6.81 0.03
C THR A 298 -14.14 6.50 -1.44
N VAL A 299 -14.75 7.33 -2.26
CA VAL A 299 -14.78 7.14 -3.69
C VAL A 299 -14.46 8.45 -4.39
N GLY A 300 -13.62 8.41 -5.44
CA GLY A 300 -13.18 9.63 -6.12
C GLY A 300 -11.86 10.24 -5.66
N GLN A 301 -11.53 11.43 -6.16
CA GLN A 301 -10.33 12.14 -5.72
C GLN A 301 -10.40 12.58 -4.26
N CYS A 302 -9.80 11.82 -3.36
CA CYS A 302 -9.99 12.07 -1.93
C CYS A 302 -8.71 12.28 -1.14
N PRO A 303 -8.79 13.12 -0.09
CA PRO A 303 -7.71 13.24 0.90
C PRO A 303 -7.60 11.90 1.59
N LYS A 304 -6.43 11.52 2.07
CA LYS A 304 -6.27 10.17 2.54
C LYS A 304 -6.74 10.08 3.98
N TYR A 305 -7.40 8.99 4.34
CA TYR A 305 -7.89 8.85 5.71
C TYR A 305 -6.72 8.55 6.66
N VAL A 306 -6.72 9.22 7.82
CA VAL A 306 -5.72 9.00 8.88
C VAL A 306 -6.44 8.77 10.20
N ASN A 307 -5.85 7.97 11.09
CA ASN A 307 -6.45 7.70 12.40
C ASN A 307 -6.10 8.66 13.53
N ARG A 308 -6.42 9.94 13.38
CA ARG A 308 -6.12 10.96 14.39
C ARG A 308 -7.27 11.95 14.48
N ARG A 309 -7.57 12.42 15.67
CA ARG A 309 -8.72 13.29 15.79
C ARG A 309 -8.30 14.62 15.16
N SER A 310 -7.05 15.01 15.44
CA SER A 310 -6.58 16.35 15.10
C SER A 310 -5.09 16.32 14.69
N LEU A 311 -4.69 17.12 13.70
CA LEU A 311 -3.26 17.37 13.47
C LEU A 311 -2.94 18.83 13.16
N MET A 312 -2.15 19.45 14.02
CA MET A 312 -1.96 20.90 13.99
C MET A 312 -0.57 21.27 13.46
N LEU A 313 -0.61 22.16 12.49
CA LEU A 313 0.56 22.65 11.78
C LEU A 313 0.83 24.05 12.26
N ALA A 314 2.01 24.27 12.84
CA ALA A 314 2.35 25.60 13.29
C ALA A 314 2.34 26.53 12.10
N THR A 315 1.78 27.73 12.28
CA THR A 315 1.83 28.79 11.30
C THR A 315 2.21 30.09 12.01
N GLY A 316 3.21 30.00 12.88
CA GLY A 316 3.74 31.16 13.58
C GLY A 316 4.91 30.69 14.44
N MET A 317 5.67 31.60 15.03
CA MET A 317 6.86 31.22 15.80
C MET A 317 6.52 30.69 17.18
N ARG A 318 7.53 30.20 17.89
CA ARG A 318 7.35 29.64 19.23
C ARG A 318 6.84 30.75 20.10
N ASN A 319 5.93 30.46 21.03
CA ASN A 319 5.27 31.51 21.80
C ASN A 319 5.89 31.66 23.17
N VAL A 320 6.43 32.84 23.42
CA VAL A 320 7.00 33.17 24.71
C VAL A 320 6.32 34.40 25.31
N PRO A 321 5.40 34.20 26.26
CA PRO A 321 4.65 35.35 26.79
C PRO A 321 5.40 36.08 27.92
N GLU A 322 4.95 37.30 28.20
CA GLU A 322 5.50 38.12 29.27
C GLU A 322 4.95 37.71 30.65
N LEU B 1 18.27 25.04 15.86
CA LEU B 1 17.92 26.16 16.75
C LEU B 1 18.89 27.32 16.63
N PHE B 2 18.37 28.49 16.28
CA PHE B 2 19.26 29.64 16.25
C PHE B 2 19.20 30.27 17.62
N GLY B 3 20.15 31.12 17.96
CA GLY B 3 20.21 31.57 19.34
C GLY B 3 19.03 32.29 19.98
N ALA B 4 18.10 32.82 19.19
CA ALA B 4 17.33 34.01 19.57
C ALA B 4 15.95 33.90 20.28
N ILE B 5 14.97 33.19 19.70
CA ILE B 5 13.58 33.41 20.07
C ILE B 5 13.13 32.70 21.36
N ALA B 6 13.49 31.44 21.55
CA ALA B 6 13.34 30.86 22.89
C ALA B 6 14.65 31.02 23.67
N GLY B 7 15.49 31.94 23.20
CA GLY B 7 16.85 32.03 23.69
C GLY B 7 17.24 33.35 24.36
N PHE B 8 18.13 34.12 23.72
CA PHE B 8 18.70 35.26 24.44
C PHE B 8 17.73 36.45 24.54
N LEU B 9 16.63 36.39 23.80
CA LEU B 9 15.49 37.26 24.09
C LEU B 9 14.59 36.62 25.19
N GLU B 10 14.32 37.38 26.28
CA GLU B 10 13.53 36.91 27.42
C GLU B 10 12.14 36.35 27.01
N ASN B 11 11.46 37.15 26.21
CA ASN B 11 10.09 36.89 25.88
C ASN B 11 9.62 37.68 24.66
N GLY B 12 8.54 37.25 24.05
CA GLY B 12 7.94 38.03 22.99
C GLY B 12 7.24 39.24 23.58
N TRP B 13 6.82 40.13 22.69
CA TRP B 13 6.10 41.32 23.08
C TRP B 13 4.65 41.18 22.60
N GLU B 14 3.72 41.07 23.55
CA GLU B 14 2.31 41.01 23.22
C GLU B 14 1.87 42.34 22.67
N GLY B 15 2.52 43.39 23.12
CA GLY B 15 2.15 44.74 22.72
C GLY B 15 2.39 45.05 21.26
N MET B 16 3.08 44.14 20.57
CA MET B 16 3.36 44.29 19.15
C MET B 16 2.47 43.40 18.28
N VAL B 17 1.34 43.96 17.84
CA VAL B 17 0.43 43.27 16.92
C VAL B 17 0.67 43.81 15.53
N ASP B 18 1.62 44.74 15.48
CA ASP B 18 2.03 45.45 14.27
C ASP B 18 2.61 44.54 13.16
N GLY B 19 3.46 43.59 13.56
CA GLY B 19 4.10 42.61 12.70
C GLY B 19 4.82 41.62 13.60
N TRP B 20 5.60 40.70 13.02
CA TRP B 20 6.23 39.63 13.81
C TRP B 20 7.56 39.99 14.47
N TYR B 21 8.29 40.90 13.85
CA TYR B 21 9.58 41.27 14.39
C TYR B 21 9.60 42.78 14.49
N GLY B 22 10.18 43.27 15.57
CA GLY B 22 10.14 44.70 15.75
C GLY B 22 11.26 45.27 16.57
N PHE B 23 11.36 46.59 16.46
CA PHE B 23 12.30 47.42 17.19
C PHE B 23 11.64 48.09 18.35
N ARG B 24 12.40 48.23 19.45
CA ARG B 24 12.03 49.16 20.51
C ARG B 24 13.24 50.02 20.92
N HIS B 25 13.10 51.33 20.85
CA HIS B 25 14.19 52.21 21.19
C HIS B 25 13.86 53.10 22.40
N GLN B 26 14.86 53.43 23.21
CA GLN B 26 14.72 54.41 24.29
C GLN B 26 15.75 55.54 24.20
N ASN B 27 15.39 56.66 23.58
CA ASN B 27 16.29 57.82 23.61
C ASN B 27 15.81 58.95 24.53
N ALA B 28 16.49 60.10 24.48
CA ALA B 28 16.10 61.27 25.30
C ALA B 28 14.69 61.71 24.96
N GLN B 29 14.34 61.59 23.68
CA GLN B 29 13.00 61.91 23.24
C GLN B 29 12.02 60.78 23.53
N GLY B 30 11.93 60.34 24.78
CA GLY B 30 10.98 59.29 25.13
C GLY B 30 11.32 57.91 24.58
N THR B 31 10.33 57.04 24.51
CA THR B 31 10.52 55.71 23.92
C THR B 31 9.54 55.49 22.77
N GLY B 32 9.95 54.62 21.84
CA GLY B 32 9.10 54.22 20.72
C GLY B 32 9.10 52.72 20.48
N GLN B 33 8.21 52.26 19.59
CA GLN B 33 8.15 50.86 19.14
C GLN B 33 7.61 50.86 17.71
N ALA B 34 8.30 50.14 16.82
CA ALA B 34 7.86 49.94 15.44
C ALA B 34 8.32 48.58 14.95
N ALA B 35 7.58 48.00 14.03
CA ALA B 35 7.89 46.65 13.58
C ALA B 35 8.53 46.68 12.18
N ASP B 36 9.57 45.86 12.00
CA ASP B 36 10.26 45.80 10.71
C ASP B 36 9.47 45.02 9.66
N TYR B 37 9.07 45.71 8.61
CA TYR B 37 8.29 45.09 7.56
C TYR B 37 9.05 43.99 6.83
N LYS B 38 10.32 44.28 6.52
CA LYS B 38 11.20 43.39 5.76
C LYS B 38 11.30 41.99 6.35
N SER B 39 11.51 41.92 7.65
CA SER B 39 11.83 40.65 8.29
C SER B 39 10.61 39.78 8.54
N THR B 40 9.47 40.39 8.89
CA THR B 40 8.29 39.57 9.12
C THR B 40 7.90 38.94 7.81
N GLN B 41 7.88 39.76 6.77
CA GLN B 41 7.47 39.32 5.45
C GLN B 41 8.34 38.24 4.84
N ALA B 42 9.57 38.13 5.29
CA ALA B 42 10.37 36.99 4.87
C ALA B 42 9.75 35.71 5.42
N ALA B 43 9.38 35.78 6.70
CA ALA B 43 8.86 34.62 7.42
C ALA B 43 7.47 34.28 6.95
N ILE B 44 6.65 35.32 6.75
CA ILE B 44 5.25 35.13 6.41
C ILE B 44 5.17 34.52 5.03
N ASP B 45 6.07 34.94 4.16
CA ASP B 45 6.07 34.46 2.79
C ASP B 45 6.55 33.00 2.73
N GLN B 46 7.23 32.56 3.77
CA GLN B 46 7.65 31.16 3.83
C GLN B 46 6.58 30.27 4.45
N ILE B 47 5.92 30.76 5.51
CA ILE B 47 4.84 30.00 6.13
C ILE B 47 3.74 29.79 5.11
N THR B 48 3.45 30.79 4.28
CA THR B 48 2.35 30.64 3.34
C THR B 48 2.77 29.73 2.21
N GLY B 49 4.06 29.60 1.98
CA GLY B 49 4.55 28.61 1.04
C GLY B 49 4.27 27.18 1.48
N LYS B 50 4.48 26.87 2.76
CA LYS B 50 4.26 25.52 3.25
C LYS B 50 2.80 25.16 3.18
N LEU B 51 1.95 26.19 3.24
CA LEU B 51 0.51 26.00 3.16
C LEU B 51 0.06 25.70 1.73
N ASN B 52 0.65 26.40 0.77
CA ASN B 52 0.42 26.09 -0.62
C ASN B 52 0.85 24.68 -0.94
N ARG B 53 2.02 24.29 -0.45
CA ARG B 53 2.57 22.98 -0.72
C ARG B 53 1.65 21.86 -0.19
N LEU B 54 1.10 22.02 1.01
CA LEU B 54 0.20 20.99 1.55
C LEU B 54 -1.09 20.79 0.79
N VAL B 55 -1.69 21.89 0.37
CA VAL B 55 -2.97 21.83 -0.29
C VAL B 55 -2.85 21.53 -1.77
N GLU B 56 -1.64 21.56 -2.32
CA GLU B 56 -1.48 21.24 -3.75
C GLU B 56 -1.38 19.73 -3.89
N LYS B 57 -2.53 19.07 -3.80
CA LYS B 57 -2.52 17.63 -3.90
C LYS B 57 -3.57 17.15 -4.90
N THR B 58 -3.28 17.32 -6.18
CA THR B 58 -4.12 16.72 -7.21
C THR B 58 -4.01 15.23 -7.02
N ASN B 59 -5.09 14.52 -7.31
CA ASN B 59 -5.13 13.12 -6.95
C ASN B 59 -5.74 12.22 -8.02
N THR B 60 -5.78 10.96 -7.65
CA THR B 60 -6.30 9.91 -8.48
C THR B 60 -7.78 9.81 -8.20
N GLU B 61 -8.55 9.34 -9.18
CA GLU B 61 -9.91 8.91 -8.94
C GLU B 61 -9.87 7.47 -8.42
N PHE B 62 -10.45 7.23 -7.24
CA PHE B 62 -10.50 5.89 -6.65
C PHE B 62 -11.91 5.40 -6.70
N GLU B 63 -12.09 4.14 -7.07
CA GLU B 63 -13.42 3.57 -7.12
C GLU B 63 -13.67 2.65 -5.92
N SER B 64 -14.89 2.17 -5.80
CA SER B 64 -15.26 1.39 -4.64
C SER B 64 -14.85 -0.08 -4.78
N ILE B 65 -14.19 -0.60 -3.74
CA ILE B 65 -13.87 -2.02 -3.67
C ILE B 65 -14.52 -2.71 -2.47
N GLU B 66 -15.24 -1.94 -1.67
CA GLU B 66 -15.95 -2.48 -0.52
C GLU B 66 -17.44 -2.21 -0.65
N SER B 67 -18.26 -3.25 -0.68
CA SER B 67 -19.68 -2.98 -0.79
C SER B 67 -20.20 -2.51 0.53
N GLU B 68 -20.81 -1.34 0.51
CA GLU B 68 -21.40 -0.77 1.71
C GLU B 68 -22.72 -1.44 2.07
N PHE B 69 -23.40 -2.04 1.10
CA PHE B 69 -24.75 -2.52 1.30
C PHE B 69 -24.95 -4.00 1.03
N SER B 70 -23.87 -4.77 1.15
CA SER B 70 -23.94 -6.18 0.80
C SER B 70 -22.68 -6.82 1.25
N GLU B 71 -22.72 -8.12 1.55
CA GLU B 71 -21.47 -8.77 1.84
C GLU B 71 -20.66 -9.10 0.60
N ILE B 72 -19.35 -9.15 0.79
CA ILE B 72 -18.41 -9.67 -0.20
C ILE B 72 -17.74 -10.86 0.44
N GLU B 73 -17.27 -11.78 -0.39
CA GLU B 73 -16.74 -13.04 0.10
C GLU B 73 -15.64 -12.77 1.13
N HIS B 74 -15.54 -13.64 2.14
CA HIS B 74 -14.68 -13.41 3.31
C HIS B 74 -13.20 -13.24 2.96
N GLN B 75 -12.68 -14.14 2.13
CA GLN B 75 -11.27 -14.13 1.78
C GLN B 75 -10.85 -12.82 1.12
N ILE B 76 -11.62 -12.35 0.15
CA ILE B 76 -11.22 -11.12 -0.50
C ILE B 76 -11.44 -9.97 0.47
N GLY B 77 -12.46 -10.12 1.32
CA GLY B 77 -12.86 -9.06 2.23
C GLY B 77 -11.73 -8.80 3.19
N ASN B 78 -11.14 -9.87 3.69
CA ASN B 78 -9.99 -9.81 4.58
C ASN B 78 -8.74 -9.24 3.92
N VAL B 79 -8.57 -9.50 2.61
CA VAL B 79 -7.45 -8.88 1.89
C VAL B 79 -7.73 -7.38 1.80
N ILE B 80 -8.98 -7.03 1.49
CA ILE B 80 -9.31 -5.62 1.38
C ILE B 80 -9.24 -4.94 2.75
N ASN B 81 -9.61 -5.62 3.82
CA ASN B 81 -9.44 -5.01 5.14
C ASN B 81 -7.95 -4.86 5.48
N TRP B 82 -7.13 -5.82 5.08
CA TRP B 82 -5.70 -5.80 5.41
C TRP B 82 -4.96 -4.67 4.68
N THR B 83 -5.14 -4.61 3.36
CA THR B 83 -4.56 -3.53 2.60
C THR B 83 -5.06 -2.16 3.04
N LYS B 84 -6.38 -1.91 2.98
CA LYS B 84 -6.93 -0.61 3.41
C LYS B 84 -6.34 -0.16 4.74
N ASP B 85 -6.35 -1.06 5.71
CA ASP B 85 -5.74 -0.74 6.98
C ASP B 85 -4.26 -0.47 6.87
N SER B 86 -3.53 -1.27 6.10
CA SER B 86 -2.11 -1.03 6.01
C SER B 86 -1.76 0.29 5.32
N ILE B 87 -2.58 0.73 4.36
CA ILE B 87 -2.42 2.07 3.76
C ILE B 87 -2.71 3.17 4.79
N THR B 88 -3.84 3.10 5.48
CA THR B 88 -4.09 4.02 6.56
C THR B 88 -2.93 4.15 7.55
N ASP B 89 -2.45 3.04 8.07
CA ASP B 89 -1.28 3.05 8.93
C ASP B 89 -0.11 3.82 8.30
N ILE B 90 0.26 3.53 7.05
CA ILE B 90 1.29 4.28 6.33
C ILE B 90 0.95 5.76 6.25
N TRP B 91 -0.28 6.05 5.84
CA TRP B 91 -0.76 7.43 5.71
C TRP B 91 -0.92 8.19 7.03
N THR B 92 -1.06 7.47 8.16
CA THR B 92 -1.17 8.14 9.44
C THR B 92 0.24 8.45 9.92
N TYR B 93 1.16 7.52 9.68
CA TYR B 93 2.55 7.77 9.99
C TYR B 93 3.09 8.91 9.12
N GLN B 94 2.59 8.99 7.90
CA GLN B 94 3.12 9.95 6.98
C GLN B 94 2.63 11.34 7.37
N ALA B 95 1.39 11.42 7.86
CA ALA B 95 0.90 12.71 8.30
C ALA B 95 1.61 13.14 9.57
N GLU B 96 1.64 12.26 10.58
CA GLU B 96 2.17 12.62 11.91
C GLU B 96 3.60 13.11 11.82
N LEU B 97 4.34 12.59 10.83
CA LEU B 97 5.71 13.02 10.53
C LEU B 97 5.76 14.30 9.70
N LEU B 98 4.80 14.49 8.80
CA LEU B 98 4.78 15.64 7.90
C LEU B 98 4.77 16.86 8.73
N VAL B 99 3.90 16.81 9.73
CA VAL B 99 3.61 17.90 10.63
C VAL B 99 4.72 18.18 11.64
N ALA B 100 5.15 17.15 12.37
CA ALA B 100 6.27 17.29 13.29
C ALA B 100 7.41 17.94 12.54
N MET B 101 7.66 17.46 11.33
CA MET B 101 8.85 17.87 10.59
C MET B 101 8.66 19.23 9.96
N GLU B 102 7.40 19.58 9.68
CA GLU B 102 7.10 20.88 9.11
C GLU B 102 7.02 21.93 10.21
N ASN B 103 6.79 21.46 11.44
CA ASN B 103 6.72 22.36 12.57
C ASN B 103 8.09 22.69 13.11
N GLN B 104 8.94 21.69 13.17
CA GLN B 104 10.30 21.91 13.61
C GLN B 104 10.97 22.90 12.64
N HIS B 105 10.73 22.79 11.34
CA HIS B 105 11.28 23.78 10.44
C HIS B 105 10.72 25.18 10.63
N THR B 106 9.40 25.27 10.83
CA THR B 106 8.66 26.51 11.05
C THR B 106 9.07 27.33 12.30
N ILE B 107 9.34 26.70 13.43
CA ILE B 107 9.82 27.46 14.56
C ILE B 107 11.22 27.96 14.26
N ASP B 108 12.05 27.04 13.83
CA ASP B 108 13.44 27.32 13.60
C ASP B 108 13.64 28.31 12.46
N MET B 109 12.72 28.34 11.50
CA MET B 109 12.75 29.33 10.41
C MET B 109 12.54 30.71 10.95
N ALA B 110 11.53 30.82 11.78
CA ALA B 110 11.14 32.09 12.34
C ALA B 110 12.19 32.52 13.32
N ASP B 111 12.80 31.54 13.98
CA ASP B 111 13.86 31.86 14.91
C ASP B 111 15.07 32.44 14.20
N SER B 112 15.39 31.92 13.02
CA SER B 112 16.49 32.45 12.22
C SER B 112 16.23 33.87 11.76
N GLU B 113 15.01 34.16 11.31
CA GLU B 113 14.71 35.50 10.77
C GLU B 113 14.92 36.61 11.82
N MET B 114 14.76 36.22 13.08
CA MET B 114 15.05 37.09 14.19
C MET B 114 16.54 37.42 14.22
N LEU B 115 17.39 36.38 14.20
CA LEU B 115 18.83 36.52 14.27
C LEU B 115 19.33 37.31 13.07
N ASN B 116 18.71 37.08 11.92
CA ASN B 116 19.07 37.80 10.72
C ASN B 116 18.81 39.29 10.91
N LEU B 117 17.69 39.64 11.53
CA LEU B 117 17.40 41.03 11.87
C LEU B 117 18.41 41.57 12.91
N TYR B 118 18.81 40.71 13.84
CA TYR B 118 19.74 41.08 14.89
C TYR B 118 21.09 41.38 14.32
N GLU B 119 21.60 40.46 13.52
CA GLU B 119 22.86 40.63 12.84
C GLU B 119 22.79 41.86 11.95
N ARG B 120 21.66 42.02 11.27
CA ARG B 120 21.48 43.09 10.27
C ARG B 120 21.66 44.48 10.88
N VAL B 121 21.22 44.64 12.10
CA VAL B 121 21.39 45.88 12.79
C VAL B 121 22.79 45.91 13.41
N ARG B 122 23.20 44.84 14.06
CA ARG B 122 24.53 44.76 14.65
C ARG B 122 25.61 45.23 13.69
N LYS B 123 25.68 44.57 12.54
CA LYS B 123 26.63 44.89 11.48
C LYS B 123 26.49 46.35 11.06
N GLN B 124 25.26 46.85 11.01
CA GLN B 124 25.06 48.21 10.56
C GLN B 124 25.47 49.24 11.59
N LEU B 125 25.36 48.88 12.86
CA LEU B 125 25.74 49.78 13.94
C LEU B 125 27.26 49.87 14.05
N ARG B 126 27.96 48.90 13.46
CA ARG B 126 29.41 48.91 13.37
C ARG B 126 30.09 49.02 14.73
N GLN B 127 30.84 50.12 14.95
CA GLN B 127 31.61 50.36 16.19
C GLN B 127 30.88 51.29 17.13
N ASN B 128 29.78 51.86 16.64
CA ASN B 128 29.03 52.87 17.36
C ASN B 128 28.17 52.33 18.50
N ALA B 129 28.09 51.00 18.61
CA ALA B 129 27.32 50.39 19.70
C ALA B 129 27.91 49.06 20.17
N GLU B 130 27.33 48.50 21.24
CA GLU B 130 27.70 47.17 21.74
C GLU B 130 26.45 46.38 22.12
N GLU B 131 26.58 45.07 22.27
CA GLU B 131 25.44 44.26 22.68
C GLU B 131 25.53 43.80 24.14
N ASP B 132 24.47 44.02 24.92
CA ASP B 132 24.30 43.23 26.15
C ASP B 132 23.81 41.84 25.76
N GLY B 133 23.66 40.95 26.73
CA GLY B 133 23.22 39.60 26.43
C GLY B 133 21.83 39.46 25.85
N LYS B 134 20.87 40.25 26.36
CA LYS B 134 19.51 40.31 25.82
C LYS B 134 19.55 40.95 24.44
N GLY B 135 18.42 41.06 23.77
CA GLY B 135 18.45 41.52 22.39
C GLY B 135 18.62 43.01 22.18
N CYS B 136 19.38 43.63 23.07
CA CYS B 136 19.49 45.07 23.06
C CYS B 136 20.80 45.55 22.48
N PHE B 137 20.77 46.74 21.90
CA PHE B 137 21.99 47.44 21.58
C PHE B 137 22.09 48.77 22.32
N GLU B 138 23.03 48.84 23.26
CA GLU B 138 23.36 50.10 23.90
C GLU B 138 24.12 50.98 22.88
N ILE B 139 23.42 51.99 22.37
CA ILE B 139 23.98 52.95 21.40
C ILE B 139 24.75 54.11 22.06
N TYR B 140 26.06 54.19 21.78
CA TYR B 140 26.99 55.08 22.51
C TYR B 140 27.20 56.49 21.94
N HIS B 141 26.32 56.93 21.05
CA HIS B 141 26.29 58.32 20.65
C HIS B 141 24.85 58.77 20.86
N ALA B 142 24.61 60.07 21.04
CA ALA B 142 23.26 60.57 21.27
C ALA B 142 22.38 60.25 20.08
N CYS B 143 21.19 59.71 20.31
CA CYS B 143 20.36 59.32 19.17
C CYS B 143 19.10 60.13 19.00
N ASP B 144 19.00 60.74 17.82
CA ASP B 144 17.83 61.50 17.41
C ASP B 144 16.67 60.50 17.23
N ASP B 145 15.44 60.95 17.27
CA ASP B 145 14.38 60.05 16.85
C ASP B 145 14.58 59.81 15.36
N SER B 146 15.00 60.83 14.63
CA SER B 146 15.23 60.70 13.20
C SER B 146 16.32 59.64 12.90
N CYS B 147 17.39 59.63 13.68
CA CYS B 147 18.45 58.63 13.50
C CYS B 147 17.91 57.20 13.74
N MET B 148 17.03 57.05 14.73
CA MET B 148 16.39 55.77 15.00
C MET B 148 15.52 55.31 13.85
N GLU B 149 14.76 56.25 13.26
CA GLU B 149 14.00 55.95 12.06
C GLU B 149 14.99 55.35 11.08
N SER B 150 16.18 55.93 11.07
CA SER B 150 17.30 55.58 10.17
C SER B 150 17.96 54.21 10.43
N ILE B 151 17.85 53.67 11.64
CA ILE B 151 18.43 52.36 11.91
C ILE B 151 17.60 51.21 11.33
N ARG B 152 16.28 51.30 11.50
CA ARG B 152 15.30 50.42 10.84
C ARG B 152 15.31 50.59 9.32
N ASN B 153 15.33 51.86 8.90
CA ASN B 153 15.39 52.28 7.50
C ASN B 153 16.55 51.67 6.73
N ASN B 154 17.49 51.07 7.48
CA ASN B 154 18.76 50.54 6.94
C ASN B 154 19.56 51.61 6.22
N THR B 155 19.60 52.78 6.81
CA THR B 155 20.13 53.94 6.14
C THR B 155 21.05 54.70 7.11
N TYR B 156 21.27 54.09 8.28
CA TYR B 156 22.05 54.69 9.33
C TYR B 156 23.52 54.70 8.90
N ASP B 157 24.07 55.89 8.73
CA ASP B 157 25.45 56.05 8.28
C ASP B 157 26.41 56.14 9.46
N HIS B 158 26.95 55.00 9.88
CA HIS B 158 27.69 54.92 11.15
C HIS B 158 28.84 55.87 11.22
N SER B 159 29.42 56.17 10.06
CA SER B 159 30.63 56.99 10.02
C SER B 159 30.34 58.42 10.50
N GLN B 160 29.14 58.92 10.22
CA GLN B 160 28.69 60.22 10.73
C GLN B 160 28.97 60.30 12.23
N TYR B 161 28.37 59.40 13.00
CA TYR B 161 28.45 59.50 14.46
C TYR B 161 29.66 58.75 15.01
N ARG B 162 30.55 58.28 14.15
CA ARG B 162 31.60 57.39 14.62
C ARG B 162 32.51 57.97 15.70
N GLU B 163 32.98 59.20 15.56
CA GLU B 163 33.95 59.73 16.51
C GLU B 163 33.33 59.97 17.89
N GLU B 164 32.08 60.43 17.86
CA GLU B 164 31.33 60.66 19.07
C GLU B 164 31.17 59.37 19.87
N ALA B 165 30.71 58.33 19.20
CA ALA B 165 30.50 57.03 19.85
C ALA B 165 31.83 56.47 20.32
N LEU B 166 32.81 56.44 19.41
CA LEU B 166 34.11 55.85 19.70
C LEU B 166 34.78 56.45 20.92
N LEU B 167 34.52 57.73 21.20
CA LEU B 167 35.04 58.33 22.41
C LEU B 167 34.28 57.84 23.65
N ASN B 168 32.96 57.98 23.62
CA ASN B 168 32.08 57.57 24.73
C ASN B 168 32.32 56.12 25.17
N ARG B 169 32.77 55.27 24.26
CA ARG B 169 32.98 53.85 24.57
C ARG B 169 34.25 53.72 25.36
N LEU B 170 35.09 54.74 25.23
CA LEU B 170 36.39 54.72 25.86
C LEU B 170 36.48 55.63 27.10
N ASN B 171 35.79 56.78 27.11
CA ASN B 171 35.80 57.68 28.29
C ASN B 171 34.55 57.55 29.18
N ASP C 5 45.80 35.01 30.75
CA ASP C 5 44.75 34.05 31.08
C ASP C 5 43.48 34.08 30.17
N LYS C 6 42.95 32.90 29.88
CA LYS C 6 41.85 32.75 28.93
C LYS C 6 40.72 31.86 29.46
N ILE C 7 39.65 31.74 28.67
CA ILE C 7 38.61 30.74 28.92
C ILE C 7 38.20 30.05 27.60
N CYS C 8 38.08 28.72 27.64
CA CYS C 8 37.84 27.94 26.42
C CYS C 8 36.52 27.17 26.43
N LEU C 9 36.04 26.79 25.26
CA LEU C 9 34.84 25.95 25.20
C LEU C 9 35.06 24.66 24.40
N GLY C 10 34.26 23.65 24.71
CA GLY C 10 34.47 22.32 24.19
C GLY C 10 33.37 21.36 24.59
N HIS C 11 33.21 20.33 23.76
CA HIS C 11 32.16 19.33 23.94
C HIS C 11 32.81 18.02 24.30
N HIS C 12 32.05 17.10 24.87
CA HIS C 12 32.65 15.84 25.24
C HIS C 12 32.83 14.97 24.00
N ALA C 13 33.57 13.88 24.14
CA ALA C 13 33.73 12.90 23.08
C ALA C 13 33.94 11.56 23.74
N VAL C 14 34.03 10.49 22.95
CA VAL C 14 34.34 9.16 23.52
C VAL C 14 35.44 8.46 22.70
N ALA C 15 35.89 7.32 23.18
CA ALA C 15 36.90 6.54 22.46
C ALA C 15 36.26 5.57 21.47
N ASN C 16 35.48 4.64 22.03
CA ASN C 16 34.71 3.67 21.25
C ASN C 16 33.42 4.33 20.79
N GLY C 17 33.47 5.09 19.70
CA GLY C 17 32.25 5.64 19.13
C GLY C 17 31.36 4.60 18.45
N THR C 18 30.18 5.00 17.96
CA THR C 18 29.34 4.15 17.14
C THR C 18 28.87 4.93 15.88
N ILE C 19 28.76 4.24 14.76
CA ILE C 19 28.52 4.87 13.46
C ILE C 19 27.07 4.78 12.94
N VAL C 20 26.48 5.93 12.60
CA VAL C 20 25.10 6.01 12.08
C VAL C 20 25.00 6.66 10.68
N LYS C 21 23.87 6.46 10.01
CA LYS C 21 23.63 7.06 8.71
C LYS C 21 22.88 8.38 8.84
N THR C 22 23.27 9.35 8.00
CA THR C 22 22.64 10.65 7.92
C THR C 22 22.30 11.01 6.49
N LEU C 23 21.79 12.21 6.27
CA LEU C 23 21.39 12.63 4.93
C LEU C 23 22.58 12.80 3.99
N THR C 24 23.73 13.12 4.54
CA THR C 24 24.91 13.46 3.74
C THR C 24 26.02 12.44 3.91
N ASN C 25 25.97 11.70 4.99
CA ASN C 25 27.04 10.80 5.36
C ASN C 25 26.48 9.41 5.59
N GLU C 26 26.99 8.40 4.91
CA GLU C 26 26.57 7.03 5.20
C GLU C 26 27.50 6.40 6.24
N GLN C 27 28.51 7.16 6.67
CA GLN C 27 29.48 6.70 7.69
C GLN C 27 29.81 7.75 8.77
N GLU C 28 28.91 8.07 9.69
CA GLU C 28 29.12 9.20 10.61
C GLU C 28 29.27 8.82 12.10
N GLU C 29 30.47 9.03 12.66
CA GLU C 29 30.75 8.66 14.05
C GLU C 29 30.12 9.64 15.00
N VAL C 30 29.56 9.07 16.07
CA VAL C 30 28.68 9.72 17.04
C VAL C 30 29.03 9.16 18.44
N THR C 31 28.66 9.90 19.50
CA THR C 31 28.93 9.47 20.87
C THR C 31 28.08 8.31 21.40
N ASN C 32 26.83 8.21 20.96
CA ASN C 32 25.93 7.22 21.54
C ASN C 32 24.84 6.95 20.52
N ALA C 33 24.27 5.75 20.55
CA ALA C 33 23.21 5.46 19.61
C ALA C 33 22.42 4.24 20.04
N THR C 34 21.20 4.12 19.50
CA THR C 34 20.27 3.06 19.88
C THR C 34 19.72 2.35 18.65
N GLU C 35 19.44 1.06 18.77
CA GLU C 35 18.79 0.28 17.71
C GLU C 35 17.33 0.66 17.55
N THR C 36 16.87 0.72 16.31
CA THR C 36 15.46 1.01 16.03
C THR C 36 14.74 -0.18 15.41
N VAL C 37 15.50 -1.26 15.19
CA VAL C 37 14.97 -2.54 14.71
C VAL C 37 15.16 -3.63 15.75
N GLU C 38 14.04 -4.23 16.17
CA GLU C 38 14.10 -5.34 17.11
C GLU C 38 14.34 -6.56 16.30
N SER C 39 15.40 -7.26 16.66
CA SER C 39 15.94 -8.32 15.85
C SER C 39 15.76 -9.71 16.48
N THR C 40 15.27 -9.72 17.71
CA THR C 40 15.37 -10.96 18.49
C THR C 40 14.02 -11.69 18.62
N GLY C 41 13.05 -11.04 19.27
CA GLY C 41 11.80 -11.70 19.61
C GLY C 41 11.93 -13.02 20.36
N ILE C 42 10.81 -13.71 20.55
CA ILE C 42 10.75 -14.78 21.53
C ILE C 42 10.17 -16.06 20.95
N ASN C 43 10.97 -17.12 20.85
CA ASN C 43 10.53 -18.30 20.09
C ASN C 43 9.57 -19.20 20.85
N ARG C 44 8.70 -18.55 21.64
CA ARG C 44 7.54 -19.17 22.29
C ARG C 44 6.31 -18.29 22.12
N LEU C 45 5.13 -18.88 21.93
CA LEU C 45 3.92 -18.08 21.99
C LEU C 45 3.59 -17.65 23.44
N CYS C 46 3.31 -16.37 23.64
CA CYS C 46 3.15 -15.82 24.99
C CYS C 46 1.71 -15.51 25.27
N MET C 47 1.01 -16.48 25.86
CA MET C 47 -0.45 -16.37 26.05
C MET C 47 -0.93 -16.00 27.47
N LYS C 48 -0.13 -15.21 28.17
CA LYS C 48 -0.55 -14.62 29.42
C LYS C 48 -1.59 -13.53 29.15
N GLY C 49 -2.62 -13.48 29.97
CA GLY C 49 -3.68 -12.50 29.80
C GLY C 49 -4.73 -12.98 28.82
N ARG C 50 -4.45 -14.08 28.14
CA ARG C 50 -5.35 -14.58 27.10
C ARG C 50 -6.00 -15.94 27.42
N LYS C 51 -7.34 -15.95 27.43
CA LYS C 51 -8.13 -17.18 27.40
C LYS C 51 -7.98 -17.78 26.01
N HIS C 52 -7.03 -18.69 25.91
CA HIS C 52 -6.66 -19.27 24.65
C HIS C 52 -6.99 -20.75 24.62
N LYS C 53 -7.32 -21.25 23.44
CA LYS C 53 -7.49 -22.67 23.23
C LYS C 53 -6.47 -23.09 22.19
N ASP C 54 -5.61 -24.05 22.56
CA ASP C 54 -4.66 -24.64 21.60
C ASP C 54 -5.28 -25.87 20.94
N LEU C 55 -5.19 -25.94 19.63
CA LEU C 55 -5.88 -26.99 18.89
C LEU C 55 -5.07 -28.27 18.79
N GLY C 56 -3.78 -28.20 19.14
CA GLY C 56 -2.92 -29.35 18.97
C GLY C 56 -3.10 -29.89 17.57
N ASN C 57 -3.30 -31.20 17.43
CA ASN C 57 -3.35 -31.80 16.09
C ASN C 57 -4.72 -31.65 15.46
N CYS C 58 -5.59 -30.88 16.10
CA CYS C 58 -6.92 -30.64 15.55
C CYS C 58 -6.95 -29.42 14.63
N HIS C 59 -7.55 -29.60 13.46
CA HIS C 59 -7.66 -28.48 12.53
C HIS C 59 -9.00 -27.78 12.71
N PRO C 60 -9.00 -26.44 12.61
CA PRO C 60 -10.22 -25.68 12.89
C PRO C 60 -11.46 -26.15 12.12
N ILE C 61 -11.32 -26.62 10.88
CA ILE C 61 -12.50 -27.14 10.17
C ILE C 61 -13.17 -28.27 10.96
N GLY C 62 -12.38 -29.26 11.39
CA GLY C 62 -12.88 -30.41 12.16
C GLY C 62 -13.69 -30.10 13.43
N MET C 63 -13.53 -28.92 14.00
CA MET C 63 -14.42 -28.51 15.08
C MET C 63 -15.87 -28.47 14.63
N LEU C 64 -16.07 -28.12 13.37
CA LEU C 64 -17.42 -27.93 12.87
C LEU C 64 -18.11 -29.26 12.54
N ILE C 65 -17.35 -30.23 12.04
CA ILE C 65 -17.92 -31.54 11.69
C ILE C 65 -17.60 -32.65 12.73
N GLY C 66 -16.66 -32.38 13.64
CA GLY C 66 -16.40 -33.27 14.77
C GLY C 66 -15.56 -34.49 14.47
N THR C 67 -14.43 -34.29 13.81
CA THR C 67 -13.38 -35.30 13.66
C THR C 67 -12.79 -35.69 14.99
N PRO C 68 -12.54 -36.99 15.19
CA PRO C 68 -11.90 -37.51 16.41
C PRO C 68 -10.74 -36.69 16.92
N ALA C 69 -10.06 -35.97 16.05
CA ALA C 69 -8.97 -35.10 16.49
C ALA C 69 -9.46 -33.94 17.38
N CYS C 70 -10.70 -33.53 17.13
CA CYS C 70 -11.24 -32.33 17.69
C CYS C 70 -12.30 -32.65 18.70
N ASP C 71 -12.26 -33.83 19.28
CA ASP C 71 -13.35 -34.18 20.20
C ASP C 71 -13.35 -33.35 21.48
N LEU C 72 -12.31 -32.55 21.68
CA LEU C 72 -12.21 -31.70 22.87
C LEU C 72 -12.26 -30.25 22.50
N HIS C 73 -12.77 -29.98 21.32
CA HIS C 73 -12.83 -28.62 20.79
C HIS C 73 -14.11 -28.44 20.00
N LEU C 74 -15.18 -29.13 20.35
CA LEU C 74 -16.41 -29.06 19.56
C LEU C 74 -17.23 -27.84 19.97
N THR C 75 -16.86 -27.29 21.13
CA THR C 75 -17.43 -26.08 21.67
C THR C 75 -16.34 -25.28 22.35
N GLY C 76 -16.69 -24.08 22.81
CA GLY C 76 -15.74 -23.32 23.59
C GLY C 76 -15.92 -21.83 23.44
N MET C 77 -15.10 -21.11 24.19
CA MET C 77 -15.03 -19.66 24.22
C MET C 77 -13.55 -19.35 24.33
N TRP C 78 -13.05 -18.40 23.55
CA TRP C 78 -11.64 -18.06 23.59
C TRP C 78 -11.45 -16.67 23.00
N ASP C 79 -10.32 -16.02 23.27
CA ASP C 79 -9.99 -14.80 22.55
C ASP C 79 -8.75 -14.98 21.64
N THR C 80 -8.07 -16.12 21.78
CA THR C 80 -6.97 -16.47 20.89
C THR C 80 -7.02 -17.95 20.52
N LEU C 81 -7.33 -18.27 19.28
CA LEU C 81 -7.39 -19.66 18.84
C LEU C 81 -6.10 -20.01 18.12
N ILE C 82 -5.51 -21.18 18.43
CA ILE C 82 -4.19 -21.55 17.89
C ILE C 82 -4.18 -22.79 16.99
N GLU C 83 -3.56 -22.70 15.83
CA GLU C 83 -3.60 -23.81 14.91
C GLU C 83 -2.20 -24.28 14.52
N ARG C 84 -2.02 -25.59 14.57
CA ARG C 84 -0.71 -26.20 14.45
C ARG C 84 -0.49 -26.77 13.08
N GLU C 85 0.75 -27.12 12.76
CA GLU C 85 1.12 -27.28 11.35
C GLU C 85 0.35 -28.37 10.62
N ASN C 86 0.37 -29.61 11.08
CA ASN C 86 -0.31 -30.61 10.28
C ASN C 86 -1.55 -31.14 10.93
N ALA C 87 -2.43 -30.21 11.24
CA ALA C 87 -3.67 -30.50 11.90
C ALA C 87 -4.61 -31.31 11.00
N ILE C 88 -5.31 -32.29 11.58
CA ILE C 88 -6.26 -33.12 10.85
C ILE C 88 -7.64 -32.47 10.81
N ALA C 89 -8.27 -32.51 9.65
CA ALA C 89 -9.61 -31.93 9.51
C ALA C 89 -10.56 -33.04 9.15
N TYR C 90 -10.09 -33.94 8.32
CA TYR C 90 -10.94 -35.01 7.82
C TYR C 90 -10.29 -36.34 8.15
N CYS C 91 -11.09 -37.34 8.46
CA CYS C 91 -10.58 -38.69 8.52
C CYS C 91 -11.02 -39.44 7.26
N TYR C 92 -12.25 -39.21 6.85
CA TYR C 92 -12.72 -39.80 5.60
C TYR C 92 -12.26 -38.91 4.45
N PRO C 93 -11.56 -39.50 3.48
CA PRO C 93 -11.01 -38.79 2.32
C PRO C 93 -12.01 -37.81 1.73
N GLY C 94 -11.67 -36.54 1.67
CA GLY C 94 -12.58 -35.59 1.08
C GLY C 94 -12.02 -34.19 1.14
N ALA C 95 -12.86 -33.21 0.87
CA ALA C 95 -12.44 -31.81 0.83
C ALA C 95 -13.61 -30.92 1.15
N THR C 96 -13.34 -29.64 1.39
CA THR C 96 -14.43 -28.71 1.64
C THR C 96 -14.43 -27.58 0.64
N VAL C 97 -15.54 -27.39 -0.05
CA VAL C 97 -15.76 -26.20 -0.86
C VAL C 97 -15.54 -24.90 -0.09
N ASN C 98 -14.77 -23.98 -0.66
CA ASN C 98 -14.45 -22.71 -0.03
C ASN C 98 -13.84 -22.93 1.33
N VAL C 99 -12.89 -23.84 1.48
CA VAL C 99 -12.41 -24.15 2.82
C VAL C 99 -11.59 -22.97 3.35
N GLU C 100 -11.00 -22.20 2.44
CA GLU C 100 -10.16 -21.13 2.90
C GLU C 100 -10.96 -20.00 3.56
N ALA C 101 -12.18 -19.74 3.09
CA ALA C 101 -13.04 -18.74 3.75
C ALA C 101 -13.56 -19.20 5.13
N LEU C 102 -14.11 -20.43 5.18
CA LEU C 102 -14.57 -21.08 6.43
C LEU C 102 -13.53 -21.24 7.52
N ARG C 103 -12.32 -21.64 7.15
CA ARG C 103 -11.19 -21.67 8.09
C ARG C 103 -11.00 -20.30 8.74
N GLN C 104 -10.92 -19.24 7.93
CA GLN C 104 -10.80 -17.88 8.48
C GLN C 104 -11.99 -17.42 9.37
N LYS C 105 -13.23 -17.81 9.06
CA LYS C 105 -14.35 -17.40 9.91
C LYS C 105 -14.19 -18.01 11.29
N ILE C 106 -13.71 -19.25 11.36
CA ILE C 106 -13.49 -19.89 12.64
C ILE C 106 -12.38 -19.19 13.38
N MET C 107 -11.23 -19.11 12.73
CA MET C 107 -10.05 -18.47 13.30
C MET C 107 -10.27 -17.01 13.71
N GLU C 108 -11.36 -16.36 13.27
CA GLU C 108 -11.65 -14.98 13.70
C GLU C 108 -12.53 -14.95 14.91
N SER C 109 -13.27 -16.02 15.10
CA SER C 109 -14.25 -16.12 16.15
C SER C 109 -13.65 -16.02 17.54
N GLY C 110 -14.55 -15.92 18.51
CA GLY C 110 -14.20 -16.04 19.91
C GLY C 110 -14.84 -17.26 20.55
N GLY C 111 -15.35 -18.18 19.75
CA GLY C 111 -15.85 -19.41 20.32
C GLY C 111 -16.99 -20.07 19.55
N ILE C 112 -17.33 -21.30 19.92
CA ILE C 112 -18.42 -22.00 19.27
C ILE C 112 -19.45 -22.61 20.22
N ASN C 113 -20.72 -22.34 19.93
CA ASN C 113 -21.83 -23.06 20.54
C ASN C 113 -22.15 -24.11 19.55
N LYS C 114 -22.68 -25.23 20.00
CA LYS C 114 -23.28 -26.16 19.07
C LYS C 114 -24.74 -26.26 19.39
N ILE C 115 -25.56 -26.34 18.36
CA ILE C 115 -26.99 -26.46 18.58
C ILE C 115 -27.45 -27.61 17.73
N SER C 116 -28.30 -28.47 18.26
CA SER C 116 -28.74 -29.64 17.52
C SER C 116 -29.69 -29.26 16.37
N THR C 117 -29.83 -30.12 15.37
CA THR C 117 -30.80 -29.95 14.28
C THR C 117 -32.08 -30.76 14.51
N GLY C 118 -32.00 -31.80 15.33
CA GLY C 118 -33.16 -32.60 15.62
C GLY C 118 -33.74 -33.22 14.37
N PHE C 119 -32.89 -33.45 13.37
CA PHE C 119 -33.27 -34.21 12.19
C PHE C 119 -33.60 -35.63 12.61
N THR C 120 -34.68 -36.21 12.08
CA THR C 120 -34.97 -37.65 12.28
C THR C 120 -35.36 -38.35 11.00
N TYR C 121 -35.14 -39.64 10.94
CA TYR C 121 -35.37 -40.34 9.71
C TYR C 121 -36.31 -41.54 9.89
N GLY C 122 -37.08 -41.84 8.84
CA GLY C 122 -38.00 -42.97 8.87
C GLY C 122 -37.29 -44.30 9.01
N SER C 123 -38.07 -45.35 9.20
CA SER C 123 -37.55 -46.68 9.49
C SER C 123 -36.71 -47.29 8.36
N SER C 124 -37.03 -46.96 7.11
CA SER C 124 -36.36 -47.57 5.97
C SER C 124 -34.93 -47.10 5.81
N ILE C 125 -34.53 -46.19 6.70
CA ILE C 125 -33.22 -45.55 6.68
C ILE C 125 -32.41 -45.89 7.91
N ASN C 126 -31.13 -46.15 7.71
CA ASN C 126 -30.16 -46.28 8.81
C ASN C 126 -29.26 -45.02 8.93
N SER C 127 -29.35 -44.33 10.07
CA SER C 127 -28.59 -43.12 10.28
C SER C 127 -27.33 -43.33 11.13
N ALA C 128 -26.96 -44.58 11.42
CA ALA C 128 -25.75 -44.79 12.22
C ALA C 128 -24.60 -45.35 11.42
N GLY C 129 -24.53 -45.05 10.11
CA GLY C 129 -23.43 -45.48 9.28
C GLY C 129 -22.10 -45.12 9.92
N THR C 130 -21.10 -45.98 9.78
CA THR C 130 -19.73 -45.66 10.20
C THR C 130 -18.68 -46.11 9.18
N THR C 131 -17.40 -45.89 9.51
CA THR C 131 -16.31 -46.22 8.61
C THR C 131 -15.01 -46.44 9.36
N ARG C 132 -14.11 -47.22 8.74
CA ARG C 132 -12.77 -47.51 9.27
C ARG C 132 -11.89 -46.27 9.29
N ALA C 133 -12.17 -45.29 8.43
CA ALA C 133 -11.31 -44.08 8.38
C ALA C 133 -11.46 -43.14 9.58
N CYS C 134 -12.64 -43.11 10.21
CA CYS C 134 -12.84 -42.29 11.40
C CYS C 134 -12.98 -43.14 12.62
N MET C 135 -11.99 -43.10 13.51
CA MET C 135 -12.01 -44.02 14.63
C MET C 135 -12.08 -43.34 15.97
N ARG C 136 -12.93 -43.87 16.83
CA ARG C 136 -12.94 -43.54 18.26
C ARG C 136 -12.79 -44.83 19.03
N ASN C 137 -12.07 -44.77 20.14
CA ASN C 137 -11.71 -45.96 20.88
C ASN C 137 -11.15 -47.01 19.95
N GLY C 138 -10.56 -46.54 18.85
CA GLY C 138 -9.82 -47.42 17.97
C GLY C 138 -10.67 -48.41 17.18
N GLY C 139 -11.98 -48.18 17.13
CA GLY C 139 -12.86 -48.87 16.19
C GLY C 139 -13.70 -47.89 15.37
N ASN C 140 -14.54 -48.43 14.47
CA ASN C 140 -15.36 -47.64 13.56
C ASN C 140 -16.31 -46.59 14.15
N SER C 141 -16.27 -45.39 13.56
CA SER C 141 -16.98 -44.20 14.02
C SER C 141 -17.38 -43.34 12.82
N PHE C 142 -17.83 -42.11 13.06
CA PHE C 142 -18.06 -41.13 12.00
C PHE C 142 -18.01 -39.75 12.63
N TYR C 143 -18.18 -38.72 11.81
CA TYR C 143 -18.13 -37.36 12.30
C TYR C 143 -19.21 -37.14 13.36
N ALA C 144 -18.83 -36.44 14.42
CA ALA C 144 -19.68 -36.34 15.59
C ALA C 144 -20.81 -35.40 15.27
N GLU C 145 -20.66 -34.62 14.21
CA GLU C 145 -21.63 -33.59 13.96
C GLU C 145 -22.37 -33.89 12.70
N LEU C 146 -22.14 -35.08 12.15
CA LEU C 146 -22.78 -35.48 10.89
C LEU C 146 -23.28 -36.91 10.97
N LYS C 147 -24.26 -37.28 10.15
CA LYS C 147 -24.76 -38.66 10.16
C LYS C 147 -24.73 -39.25 8.75
N TRP C 148 -24.23 -40.47 8.61
CA TRP C 148 -24.22 -41.12 7.30
C TRP C 148 -25.47 -41.95 7.03
N LEU C 149 -26.35 -41.43 6.19
CA LEU C 149 -27.63 -42.10 5.91
C LEU C 149 -27.54 -43.11 4.79
N VAL C 150 -27.82 -44.38 5.09
CA VAL C 150 -27.84 -45.39 4.03
C VAL C 150 -29.12 -46.18 4.08
N SER C 151 -29.46 -46.88 3.00
CA SER C 151 -30.62 -47.75 3.03
C SER C 151 -30.33 -48.81 4.09
N LYS C 152 -31.19 -48.88 5.11
CA LYS C 152 -31.08 -49.95 6.09
C LYS C 152 -31.07 -51.25 5.33
N SER C 153 -32.03 -51.35 4.42
CA SER C 153 -32.18 -52.55 3.68
C SER C 153 -31.32 -52.42 2.44
N ALA C 154 -30.11 -53.01 2.51
CA ALA C 154 -29.09 -52.95 1.45
C ALA C 154 -29.67 -53.26 0.09
N GLY C 155 -29.31 -52.48 -0.91
CA GLY C 155 -29.81 -52.68 -2.24
C GLY C 155 -31.00 -51.81 -2.53
N GLN C 156 -31.86 -51.64 -1.54
CA GLN C 156 -33.17 -51.00 -1.69
C GLN C 156 -33.08 -49.50 -1.95
N ASN C 157 -33.87 -49.02 -2.91
CA ASN C 157 -33.99 -47.58 -3.14
C ASN C 157 -34.18 -46.76 -1.85
N PHE C 158 -33.15 -45.96 -1.54
CA PHE C 158 -33.16 -45.00 -0.45
C PHE C 158 -34.33 -44.08 -0.65
N PRO C 159 -35.25 -44.03 0.33
CA PRO C 159 -36.50 -43.27 0.22
C PRO C 159 -36.32 -41.76 0.08
N GLN C 160 -37.01 -41.14 -0.89
CA GLN C 160 -37.11 -39.68 -0.97
C GLN C 160 -37.47 -39.04 0.38
N THR C 161 -36.50 -38.35 0.98
CA THR C 161 -36.65 -37.80 2.33
C THR C 161 -36.48 -36.30 2.24
N THR C 162 -36.85 -35.63 3.33
CA THR C 162 -36.79 -34.19 3.38
C THR C 162 -36.68 -33.75 4.85
N ASN C 163 -35.83 -32.74 5.11
CA ASN C 163 -35.33 -32.38 6.44
C ASN C 163 -35.05 -30.91 6.57
N THR C 164 -35.80 -30.21 7.44
CA THR C 164 -35.70 -28.77 7.60
C THR C 164 -35.04 -28.39 8.92
N TYR C 165 -34.11 -27.45 8.90
CA TYR C 165 -33.58 -26.91 10.15
C TYR C 165 -33.93 -25.44 10.30
N ARG C 166 -34.55 -25.08 11.42
CA ARG C 166 -35.08 -23.74 11.60
C ARG C 166 -34.25 -22.91 12.52
N ASN C 167 -33.81 -21.74 12.09
CA ASN C 167 -32.98 -20.94 12.98
C ASN C 167 -33.83 -20.04 13.87
N THR C 168 -34.20 -20.56 15.02
CA THR C 168 -34.97 -19.82 16.00
C THR C 168 -34.12 -18.97 16.94
N ASP C 169 -32.89 -18.67 16.54
CA ASP C 169 -31.97 -17.86 17.36
C ASP C 169 -32.01 -16.40 16.94
N THR C 170 -31.07 -15.62 17.47
CA THR C 170 -30.94 -14.22 17.11
C THR C 170 -29.70 -13.98 16.25
N ALA C 171 -28.65 -14.77 16.46
CA ALA C 171 -27.45 -14.67 15.62
C ALA C 171 -27.61 -15.67 14.50
N GLU C 172 -26.75 -15.56 13.49
CA GLU C 172 -26.74 -16.50 12.38
C GLU C 172 -26.06 -17.82 12.73
N HIS C 173 -26.35 -18.86 11.98
CA HIS C 173 -25.91 -20.20 12.34
C HIS C 173 -25.22 -20.86 11.19
N LEU C 174 -24.11 -21.54 11.49
CA LEU C 174 -23.30 -22.25 10.48
C LEU C 174 -23.68 -23.73 10.35
N ILE C 175 -24.05 -24.15 9.15
CA ILE C 175 -24.49 -25.52 8.94
C ILE C 175 -23.63 -26.20 7.87
N MET C 176 -23.10 -27.37 8.20
CA MET C 176 -22.26 -28.08 7.26
C MET C 176 -22.95 -29.35 6.85
N TRP C 177 -22.76 -29.77 5.61
CA TRP C 177 -23.28 -31.04 5.28
C TRP C 177 -22.30 -31.72 4.36
N GLY C 178 -22.54 -32.99 4.10
CA GLY C 178 -21.61 -33.75 3.30
C GLY C 178 -22.35 -34.42 2.17
N ILE C 179 -21.67 -34.53 1.03
CA ILE C 179 -22.15 -35.36 -0.05
C ILE C 179 -21.22 -36.55 -0.22
N HIS C 180 -21.79 -37.73 -0.33
CA HIS C 180 -20.98 -38.93 -0.50
C HIS C 180 -20.79 -39.27 -1.94
N HIS C 181 -19.54 -39.43 -2.35
CA HIS C 181 -19.23 -39.94 -3.69
C HIS C 181 -18.71 -41.38 -3.60
N PRO C 182 -19.53 -42.38 -3.97
CA PRO C 182 -19.17 -43.78 -3.80
C PRO C 182 -18.00 -44.19 -4.67
N SER C 183 -17.34 -45.26 -4.25
CA SER C 183 -16.17 -45.76 -4.96
C SER C 183 -16.51 -46.41 -6.31
N SER C 184 -17.71 -46.96 -6.46
CA SER C 184 -18.09 -47.66 -7.69
C SER C 184 -19.59 -47.69 -7.84
N THR C 185 -20.07 -48.00 -9.04
CA THR C 185 -21.52 -48.12 -9.20
C THR C 185 -22.10 -49.22 -8.36
N GLN C 186 -21.32 -50.29 -8.23
CA GLN C 186 -21.75 -51.45 -7.48
C GLN C 186 -22.19 -51.05 -6.09
N GLU C 187 -21.30 -50.29 -5.48
CA GLU C 187 -21.45 -49.72 -4.16
C GLU C 187 -22.54 -48.70 -3.95
N LYS C 188 -22.65 -47.75 -4.87
CA LYS C 188 -23.72 -46.77 -4.81
C LYS C 188 -25.05 -47.50 -4.80
N ASN C 189 -25.15 -48.55 -5.63
CA ASN C 189 -26.40 -49.32 -5.73
C ASN C 189 -26.79 -49.90 -4.38
N THR C 190 -25.81 -50.32 -3.59
CA THR C 190 -26.05 -50.88 -2.27
C THR C 190 -26.48 -49.87 -1.24
N LEU C 191 -25.70 -48.78 -1.17
CA LEU C 191 -25.90 -47.80 -0.12
C LEU C 191 -27.20 -47.06 -0.30
N TYR C 192 -27.58 -46.80 -1.54
CA TYR C 192 -28.72 -45.93 -1.78
C TYR C 192 -29.74 -46.46 -2.78
N GLY C 193 -29.49 -47.61 -3.39
CA GLY C 193 -30.38 -48.16 -4.40
C GLY C 193 -29.90 -47.83 -5.82
N THR C 194 -30.69 -48.22 -6.82
CA THR C 194 -30.38 -48.02 -8.26
C THR C 194 -30.89 -46.71 -8.84
N GLN C 195 -31.82 -46.07 -8.15
CA GLN C 195 -32.41 -44.82 -8.60
C GLN C 195 -31.36 -43.73 -8.78
N SER C 196 -31.72 -42.67 -9.50
CA SER C 196 -30.84 -41.51 -9.63
C SER C 196 -30.78 -40.71 -8.32
N LEU C 197 -29.58 -40.35 -7.87
CA LEU C 197 -29.44 -39.66 -6.61
C LEU C 197 -29.56 -38.16 -6.86
N SER C 198 -30.19 -37.44 -5.93
CA SER C 198 -30.24 -35.99 -6.01
C SER C 198 -30.46 -35.38 -4.62
N ILE C 199 -29.58 -34.44 -4.23
CA ILE C 199 -29.73 -33.71 -2.96
C ILE C 199 -29.96 -32.19 -3.15
N SER C 200 -31.15 -31.66 -2.86
CA SER C 200 -31.37 -30.21 -2.96
C SER C 200 -31.29 -29.55 -1.60
N VAL C 201 -30.74 -28.35 -1.55
CA VAL C 201 -30.60 -27.64 -0.29
C VAL C 201 -31.11 -26.22 -0.51
N GLY C 202 -32.00 -25.75 0.35
CA GLY C 202 -32.55 -24.42 0.18
C GLY C 202 -32.84 -23.65 1.46
N SER C 203 -32.38 -22.41 1.51
CA SER C 203 -32.81 -21.53 2.56
C SER C 203 -33.55 -20.42 1.85
N SER C 204 -33.71 -19.29 2.53
CA SER C 204 -34.36 -18.15 1.91
C SER C 204 -33.30 -17.37 1.15
N THR C 205 -32.04 -17.75 1.39
CA THR C 205 -30.86 -17.05 0.86
C THR C 205 -29.88 -17.90 -0.02
N TYR C 206 -30.16 -19.19 -0.20
CA TYR C 206 -29.18 -20.11 -0.75
C TYR C 206 -29.93 -21.18 -1.49
N ARG C 207 -29.41 -21.58 -2.64
CA ARG C 207 -29.98 -22.71 -3.30
C ARG C 207 -28.87 -23.44 -4.02
N ASN C 208 -29.05 -24.75 -4.16
CA ASN C 208 -28.01 -25.64 -4.67
C ASN C 208 -28.53 -27.07 -4.78
N ASN C 209 -28.14 -27.85 -5.80
CA ASN C 209 -28.37 -29.29 -5.65
C ASN C 209 -27.02 -30.00 -5.89
N PHE C 210 -26.89 -31.22 -5.39
CA PHE C 210 -25.66 -31.97 -5.55
C PHE C 210 -26.02 -33.36 -6.04
N VAL C 211 -25.19 -33.86 -6.95
CA VAL C 211 -25.31 -35.22 -7.41
C VAL C 211 -24.05 -35.94 -7.01
N PRO C 212 -24.19 -37.09 -6.34
CA PRO C 212 -23.02 -37.90 -6.08
C PRO C 212 -22.38 -38.40 -7.36
N VAL C 213 -21.05 -38.33 -7.41
CA VAL C 213 -20.27 -38.70 -8.59
C VAL C 213 -19.52 -40.01 -8.38
N VAL C 214 -20.05 -41.05 -8.99
CA VAL C 214 -19.52 -42.37 -8.76
C VAL C 214 -18.28 -42.54 -9.61
N GLY C 215 -17.20 -42.94 -8.95
CA GLY C 215 -15.90 -43.29 -9.52
C GLY C 215 -15.84 -44.77 -9.87
N ALA C 216 -14.68 -45.26 -10.32
CA ALA C 216 -14.65 -46.63 -10.86
C ALA C 216 -13.50 -47.55 -10.45
N ARG C 217 -13.76 -48.83 -10.68
CA ARG C 217 -12.75 -49.88 -10.73
C ARG C 217 -11.91 -50.04 -9.40
N PRO C 218 -10.55 -50.20 -9.46
CA PRO C 218 -10.04 -50.59 -8.13
C PRO C 218 -10.09 -49.50 -7.06
N GLN C 219 -10.04 -49.93 -5.80
CA GLN C 219 -10.02 -48.99 -4.69
C GLN C 219 -8.78 -48.08 -4.84
N VAL C 220 -7.68 -48.64 -5.38
CA VAL C 220 -6.38 -47.96 -5.41
C VAL C 220 -6.34 -46.60 -6.14
N ASN C 221 -7.03 -46.48 -7.27
CA ASN C 221 -7.04 -45.26 -8.06
C ASN C 221 -7.83 -44.09 -7.43
N GLY C 222 -7.50 -42.87 -7.84
CA GLY C 222 -8.15 -41.68 -7.32
C GLY C 222 -9.67 -41.75 -7.19
N LEU C 223 -10.35 -42.18 -8.23
CA LEU C 223 -11.79 -42.27 -8.12
C LEU C 223 -12.16 -43.38 -7.15
N SER C 224 -12.06 -43.06 -5.85
CA SER C 224 -12.51 -43.93 -4.76
C SER C 224 -13.36 -43.08 -3.84
N SER C 225 -13.92 -43.67 -2.78
CA SER C 225 -14.90 -42.94 -1.95
C SER C 225 -14.35 -41.65 -1.42
N ARG C 226 -15.25 -40.67 -1.39
CA ARG C 226 -14.96 -39.33 -0.93
C ARG C 226 -16.16 -38.76 -0.22
N ILE C 227 -15.93 -37.67 0.49
CA ILE C 227 -17.01 -36.91 1.07
C ILE C 227 -16.56 -35.48 0.95
N ASP C 228 -17.10 -34.83 -0.06
CA ASP C 228 -16.92 -33.40 -0.21
C ASP C 228 -17.90 -32.78 0.78
N PHE C 229 -17.45 -31.77 1.53
CA PHE C 229 -18.31 -31.04 2.48
C PHE C 229 -18.79 -29.70 1.92
N HIS C 230 -19.92 -29.21 2.40
CA HIS C 230 -20.42 -27.93 1.93
C HIS C 230 -21.02 -27.21 3.13
N TRP C 231 -21.09 -25.89 3.08
CA TRP C 231 -21.62 -25.12 4.21
C TRP C 231 -22.25 -23.81 3.78
N THR C 232 -23.30 -23.39 4.50
CA THR C 232 -23.86 -22.06 4.33
C THR C 232 -24.08 -21.41 5.68
N LEU C 233 -24.41 -20.12 5.67
CA LEU C 233 -24.92 -19.48 6.87
C LEU C 233 -26.45 -19.37 6.80
N VAL C 234 -27.10 -19.82 7.87
CA VAL C 234 -28.53 -19.78 8.01
C VAL C 234 -28.83 -18.53 8.79
N GLN C 235 -29.73 -17.72 8.28
CA GLN C 235 -29.98 -16.44 8.91
C GLN C 235 -30.88 -16.66 10.10
N PRO C 236 -30.95 -15.66 11.02
CA PRO C 236 -31.83 -15.80 12.17
C PRO C 236 -33.27 -15.73 11.72
N GLY C 237 -34.04 -16.77 12.01
CA GLY C 237 -35.44 -16.77 11.64
C GLY C 237 -35.63 -17.55 10.37
N ASP C 238 -34.51 -17.93 9.77
CA ASP C 238 -34.49 -18.60 8.49
C ASP C 238 -34.40 -20.12 8.66
N ASN C 239 -35.18 -20.85 7.86
CA ASN C 239 -35.17 -22.32 7.85
C ASN C 239 -34.31 -22.77 6.69
N ILE C 240 -33.90 -24.04 6.65
CA ILE C 240 -33.10 -24.55 5.52
C ILE C 240 -33.40 -26.03 5.22
N THR C 241 -33.71 -26.36 3.99
CA THR C 241 -34.23 -27.69 3.78
C THR C 241 -33.38 -28.59 2.86
N PHE C 242 -33.24 -29.84 3.27
CA PHE C 242 -32.53 -30.81 2.49
C PHE C 242 -33.55 -31.72 1.87
N SER C 243 -33.59 -31.75 0.53
CA SER C 243 -34.42 -32.70 -0.21
C SER C 243 -33.53 -33.74 -0.87
N HIS C 244 -33.57 -34.97 -0.36
CA HIS C 244 -32.57 -35.93 -0.81
C HIS C 244 -33.08 -37.36 -0.89
N ASN C 245 -32.31 -38.20 -1.56
CA ASN C 245 -32.58 -39.63 -1.61
C ASN C 245 -31.32 -40.46 -1.76
N GLY C 246 -30.29 -40.11 -1.00
CA GLY C 246 -29.09 -40.91 -0.97
C GLY C 246 -27.89 -40.06 -1.29
N GLY C 247 -26.79 -40.33 -0.62
CA GLY C 247 -25.60 -39.53 -0.82
C GLY C 247 -25.37 -38.47 0.25
N LEU C 248 -26.43 -38.08 0.98
CA LEU C 248 -26.28 -36.97 1.91
C LEU C 248 -25.58 -37.39 3.19
N ILE C 249 -24.61 -36.60 3.62
CA ILE C 249 -24.09 -36.74 4.95
C ILE C 249 -24.73 -35.59 5.67
N ALA C 250 -25.85 -35.87 6.34
CA ALA C 250 -26.70 -34.86 6.98
C ALA C 250 -26.11 -34.40 8.28
N PRO C 251 -26.25 -33.10 8.61
CA PRO C 251 -25.74 -32.58 9.88
C PRO C 251 -26.64 -32.97 11.02
N SER C 252 -26.07 -33.21 12.21
CA SER C 252 -26.90 -33.58 13.36
C SER C 252 -26.79 -32.49 14.39
N ARG C 253 -25.91 -31.53 14.08
CA ARG C 253 -25.68 -30.34 14.87
C ARG C 253 -25.25 -29.18 13.97
N VAL C 254 -25.51 -27.93 14.38
CA VAL C 254 -24.97 -26.77 13.65
C VAL C 254 -24.10 -25.94 14.56
N SER C 255 -23.30 -25.05 14.00
CA SER C 255 -22.46 -24.19 14.84
C SER C 255 -23.01 -22.80 14.95
N LYS C 256 -22.56 -22.10 15.97
CA LYS C 256 -22.76 -20.69 16.02
C LYS C 256 -21.44 -20.16 16.43
N LEU C 257 -20.92 -19.20 15.68
CA LEU C 257 -19.62 -18.66 16.04
C LEU C 257 -19.82 -17.48 16.94
N ILE C 258 -19.14 -17.47 18.07
CA ILE C 258 -19.40 -16.46 19.07
C ILE C 258 -18.31 -15.45 19.09
N GLY C 259 -18.69 -14.18 18.95
CA GLY C 259 -17.80 -13.09 19.23
C GLY C 259 -16.59 -13.00 18.31
N ARG C 260 -15.58 -12.28 18.75
CA ARG C 260 -14.43 -12.08 17.91
C ARG C 260 -13.18 -12.44 18.72
N GLY C 261 -12.20 -13.05 18.06
CA GLY C 261 -10.96 -13.49 18.68
C GLY C 261 -9.78 -13.47 17.70
N LEU C 262 -8.56 -13.58 18.21
CA LEU C 262 -7.36 -13.51 17.37
C LEU C 262 -6.85 -14.89 16.99
N GLY C 263 -6.72 -15.17 15.69
CA GLY C 263 -6.25 -16.47 15.27
C GLY C 263 -4.76 -16.48 14.96
N ILE C 264 -4.05 -17.43 15.56
CA ILE C 264 -2.59 -17.57 15.41
C ILE C 264 -2.22 -18.91 14.78
N GLN C 265 -1.37 -18.89 13.76
CA GLN C 265 -0.79 -20.10 13.20
C GLN C 265 0.69 -20.14 13.53
N SER C 266 1.04 -20.94 14.53
CA SER C 266 2.43 -21.09 14.95
C SER C 266 2.68 -22.51 15.34
N ASP C 267 3.96 -22.89 15.35
CA ASP C 267 4.33 -24.15 15.96
C ASP C 267 5.18 -23.92 17.19
N ALA C 268 5.38 -22.65 17.51
CA ALA C 268 6.03 -22.30 18.74
C ALA C 268 5.22 -22.91 19.88
N PRO C 269 5.89 -23.25 20.99
CA PRO C 269 5.25 -23.70 22.22
C PRO C 269 4.64 -22.55 23.00
N ILE C 270 3.52 -22.82 23.67
CA ILE C 270 2.87 -21.82 24.50
C ILE C 270 3.63 -21.51 25.78
N ASP C 271 3.81 -20.21 26.03
CA ASP C 271 4.35 -19.71 27.29
C ASP C 271 3.30 -18.86 27.99
N ASN C 272 2.89 -19.24 29.20
CA ASN C 272 1.84 -18.50 29.90
C ASN C 272 2.33 -17.50 30.96
N ASN C 273 3.63 -17.32 31.10
CA ASN C 273 4.12 -16.33 32.06
C ASN C 273 4.34 -14.94 31.45
N CYS C 274 4.54 -14.86 30.13
CA CYS C 274 4.73 -13.55 29.50
C CYS C 274 3.54 -13.21 28.62
N GLU C 275 3.21 -11.91 28.54
CA GLU C 275 2.19 -11.46 27.61
C GLU C 275 2.84 -10.78 26.41
N SER C 276 2.06 -10.59 25.37
CA SER C 276 2.56 -10.07 24.11
C SER C 276 1.37 -9.68 23.23
N LYS C 277 1.58 -8.74 22.31
CA LYS C 277 0.51 -8.36 21.41
C LYS C 277 0.83 -8.70 19.94
N CYS C 278 2.00 -9.29 19.70
CA CYS C 278 2.39 -9.62 18.34
C CYS C 278 2.88 -11.07 18.18
N PHE C 279 2.56 -11.70 17.05
CA PHE C 279 2.90 -13.11 16.81
C PHE C 279 3.27 -13.44 15.37
N TRP C 280 4.04 -14.52 15.19
CA TRP C 280 4.39 -15.04 13.86
C TRP C 280 4.57 -16.55 13.97
N ARG C 281 5.10 -17.19 12.94
CA ARG C 281 5.22 -18.64 12.97
C ARG C 281 6.11 -19.09 14.11
N GLY C 282 7.20 -18.33 14.26
CA GLY C 282 8.26 -18.52 15.22
C GLY C 282 7.91 -18.37 16.67
N GLY C 283 7.06 -17.39 16.99
CA GLY C 283 6.76 -17.13 18.38
C GLY C 283 6.21 -15.72 18.49
N SER C 284 6.20 -15.20 19.72
CA SER C 284 5.81 -13.82 20.05
C SER C 284 6.88 -12.76 19.74
N ILE C 285 6.48 -11.50 19.59
CA ILE C 285 7.40 -10.36 19.47
C ILE C 285 7.17 -9.27 20.52
N ASN C 286 8.17 -8.95 21.36
CA ASN C 286 7.95 -7.87 22.32
C ASN C 286 9.00 -6.77 22.32
N THR C 287 8.59 -5.58 21.87
CA THR C 287 9.54 -4.52 21.61
C THR C 287 8.89 -3.14 21.56
N ARG C 288 9.55 -2.18 22.23
CA ARG C 288 9.11 -0.79 22.27
C ARG C 288 9.24 -0.25 20.88
N LEU C 289 10.28 -0.78 20.23
CA LEU C 289 10.80 -0.35 18.95
C LEU C 289 9.77 -0.50 17.86
N PRO C 290 9.74 0.48 16.95
CA PRO C 290 8.70 0.63 15.92
C PRO C 290 8.80 -0.37 14.77
N PHE C 291 9.99 -0.92 14.51
CA PHE C 291 10.17 -1.83 13.38
C PHE C 291 10.82 -3.11 13.83
N GLN C 292 10.60 -4.17 13.06
CA GLN C 292 11.27 -5.43 13.34
C GLN C 292 11.69 -6.10 12.03
N ASN C 293 12.65 -7.02 12.10
CA ASN C 293 13.08 -7.78 10.92
C ASN C 293 12.90 -9.27 11.12
N LEU C 294 12.09 -9.65 12.11
CA LEU C 294 11.85 -11.09 12.37
C LEU C 294 11.08 -11.77 11.24
N SER C 295 9.82 -11.43 11.07
CA SER C 295 8.98 -12.09 10.08
C SER C 295 8.11 -11.09 9.33
N PRO C 296 8.10 -11.20 7.99
CA PRO C 296 7.22 -10.35 7.17
C PRO C 296 5.77 -10.57 7.51
N ARG C 297 5.42 -11.82 7.83
CA ARG C 297 4.03 -12.20 8.04
C ARG C 297 3.70 -12.34 9.54
N THR C 298 3.05 -11.33 10.11
CA THR C 298 2.68 -11.34 11.52
C THR C 298 1.21 -11.05 11.70
N VAL C 299 0.74 -11.04 12.96
CA VAL C 299 -0.67 -10.81 13.31
C VAL C 299 -0.83 -10.13 14.70
N GLY C 300 -1.69 -9.12 14.78
CA GLY C 300 -1.84 -8.36 16.02
C GLY C 300 -1.26 -6.95 15.94
N GLN C 301 -1.01 -6.33 17.09
CA GLN C 301 -0.40 -5.02 17.12
C GLN C 301 1.12 -5.19 17.05
N CYS C 302 1.64 -5.09 15.84
CA CYS C 302 3.03 -5.38 15.57
C CYS C 302 3.86 -4.21 15.12
N PRO C 303 5.16 -4.27 15.42
CA PRO C 303 6.06 -3.37 14.70
C PRO C 303 6.09 -3.69 13.19
N LYS C 304 6.20 -2.66 12.36
CA LYS C 304 6.27 -2.90 10.93
C LYS C 304 7.53 -3.64 10.54
N TYR C 305 7.38 -4.72 9.76
CA TYR C 305 8.51 -5.45 9.21
C TYR C 305 9.28 -4.57 8.26
N VAL C 306 10.62 -4.44 8.41
CA VAL C 306 11.45 -3.78 7.40
C VAL C 306 12.63 -4.65 6.97
N ASN C 307 13.10 -4.43 5.73
CA ASN C 307 14.19 -5.18 5.05
C ASN C 307 15.62 -4.84 5.48
N ARG C 308 15.86 -4.72 6.78
CA ARG C 308 17.17 -4.30 7.28
C ARG C 308 17.49 -4.99 8.60
N ARG C 309 18.73 -5.44 8.76
CA ARG C 309 19.20 -6.00 10.03
C ARG C 309 19.30 -4.91 11.08
N SER C 310 19.64 -3.69 10.62
CA SER C 310 19.99 -2.57 11.51
C SER C 310 19.89 -1.14 10.94
N LEU C 311 19.11 -0.30 11.63
CA LEU C 311 19.16 1.17 11.49
C LEU C 311 19.37 1.78 12.85
N MET C 312 20.44 2.56 12.98
CA MET C 312 20.79 3.19 14.25
C MET C 312 20.38 4.65 14.33
N LEU C 313 19.79 4.97 15.47
CA LEU C 313 19.36 6.33 15.79
C LEU C 313 20.38 6.99 16.77
N ALA C 314 21.19 7.91 16.24
CA ALA C 314 22.11 8.73 17.03
C ALA C 314 21.41 9.37 18.19
N THR C 315 21.92 9.11 19.39
CA THR C 315 21.36 9.63 20.62
C THR C 315 22.45 10.48 21.31
N GLY C 316 23.31 11.04 20.46
CA GLY C 316 24.40 11.90 20.89
C GLY C 316 24.91 12.76 19.74
N MET C 317 25.81 13.69 20.06
CA MET C 317 26.40 14.60 19.10
C MET C 317 27.42 13.96 18.18
N ARG C 318 27.96 14.74 17.24
CA ARG C 318 29.04 14.26 16.37
C ARG C 318 30.27 13.96 17.21
N ASN C 319 31.03 12.93 16.86
CA ASN C 319 32.15 12.49 17.72
C ASN C 319 33.53 12.78 17.14
N VAL C 320 34.26 13.73 17.74
CA VAL C 320 35.61 14.05 17.27
C VAL C 320 36.59 13.87 18.39
N PRO C 321 37.25 12.72 18.39
CA PRO C 321 38.18 12.41 19.46
C PRO C 321 39.52 13.11 19.25
N GLU C 322 40.36 13.17 20.28
CA GLU C 322 41.70 13.79 20.21
C GLU C 322 42.74 12.95 19.44
N LEU C 323 43.57 13.61 18.62
CA LEU C 323 44.56 12.92 17.77
C LEU C 323 45.73 12.33 18.57
N LEU D 1 24.42 22.83 9.54
CA LEU D 1 25.73 22.81 10.20
C LEU D 1 26.06 24.19 10.80
N PHE D 2 26.32 24.18 12.10
CA PHE D 2 26.76 25.39 12.77
C PHE D 2 28.24 25.25 12.99
N GLY D 3 28.93 26.37 13.12
CA GLY D 3 30.38 26.34 13.07
C GLY D 3 31.15 25.51 14.09
N ALA D 4 30.47 25.06 15.14
CA ALA D 4 31.12 24.59 16.36
C ALA D 4 31.71 23.17 16.34
N ILE D 5 30.88 22.15 16.40
CA ILE D 5 31.36 20.78 16.47
C ILE D 5 31.80 20.23 15.11
N ALA D 6 33.01 19.68 15.06
CA ALA D 6 33.75 19.36 13.84
C ALA D 6 34.11 20.61 13.03
N GLY D 7 33.83 21.79 13.59
CA GLY D 7 34.09 23.03 12.89
C GLY D 7 35.31 23.70 13.50
N PHE D 8 35.11 24.86 14.13
CA PHE D 8 36.24 25.63 14.69
C PHE D 8 36.72 25.10 16.05
N LEU D 9 36.04 24.09 16.58
CA LEU D 9 36.56 23.34 17.70
C LEU D 9 37.32 22.11 17.17
N GLU D 10 38.64 22.10 17.32
CA GLU D 10 39.43 21.09 16.62
C GLU D 10 39.08 19.69 17.10
N ASN D 11 38.54 19.59 18.32
CA ASN D 11 38.11 18.29 18.83
C ASN D 11 37.24 18.37 20.07
N GLY D 12 36.79 17.21 20.53
CA GLY D 12 36.08 17.10 21.78
C GLY D 12 36.95 16.75 22.98
N TRP D 13 36.37 16.82 24.17
CA TRP D 13 37.09 16.47 25.38
C TRP D 13 36.62 15.17 25.96
N GLU D 14 37.40 14.11 25.77
CA GLU D 14 37.07 12.80 26.34
C GLU D 14 37.00 12.90 27.87
N GLY D 15 37.74 13.86 28.43
CA GLY D 15 37.74 14.14 29.85
C GLY D 15 36.47 14.66 30.50
N MET D 16 35.69 15.48 29.79
CA MET D 16 34.46 16.05 30.36
C MET D 16 33.40 14.96 30.38
N VAL D 17 32.85 14.69 31.56
CA VAL D 17 31.82 13.66 31.72
C VAL D 17 30.55 14.11 32.47
N ASP D 18 30.61 15.28 33.09
CA ASP D 18 29.47 15.76 33.87
C ASP D 18 28.47 16.52 32.97
N GLY D 19 28.87 16.71 31.71
CA GLY D 19 28.12 17.45 30.70
C GLY D 19 28.56 17.09 29.30
N TRP D 20 27.79 17.55 28.31
CA TRP D 20 28.19 17.43 26.91
C TRP D 20 28.88 18.69 26.43
N TYR D 21 28.58 19.79 27.10
CA TYR D 21 29.18 21.08 26.85
C TYR D 21 29.84 21.58 28.15
N GLY D 22 30.87 22.41 28.05
CA GLY D 22 31.48 22.93 29.26
C GLY D 22 32.72 23.80 29.09
N PHE D 23 33.15 24.40 30.19
CA PHE D 23 34.25 25.33 30.14
C PHE D 23 35.53 24.74 30.68
N ARG D 24 36.64 25.00 30.00
CA ARG D 24 37.95 24.94 30.62
C ARG D 24 38.51 26.36 30.84
N HIS D 25 39.28 26.58 31.89
CA HIS D 25 39.85 27.91 32.05
C HIS D 25 41.34 27.83 32.32
N GLN D 26 41.97 28.99 32.23
CA GLN D 26 43.39 29.17 32.50
C GLN D 26 43.53 30.45 33.32
N ASN D 27 44.17 30.38 34.49
CA ASN D 27 44.48 31.60 35.22
C ASN D 27 45.73 31.51 36.12
N ALA D 28 45.84 32.46 37.06
CA ALA D 28 46.80 32.38 38.14
C ALA D 28 46.67 31.04 38.87
N GLN D 29 45.52 30.84 39.52
CA GLN D 29 45.27 29.69 40.40
C GLN D 29 45.41 28.30 39.71
N GLY D 30 45.74 28.29 38.41
CA GLY D 30 45.88 27.06 37.65
C GLY D 30 44.85 26.94 36.52
N THR D 31 44.34 25.72 36.34
CA THR D 31 43.33 25.40 35.33
C THR D 31 42.25 24.52 35.92
N GLY D 32 41.19 24.26 35.16
CA GLY D 32 40.09 23.44 35.64
C GLY D 32 38.99 23.26 34.59
N GLN D 33 38.08 22.31 34.82
CA GLN D 33 37.11 21.92 33.79
C GLN D 33 35.68 21.64 34.29
N ALA D 34 34.84 22.64 34.16
CA ALA D 34 33.46 22.51 34.61
C ALA D 34 32.54 22.18 33.42
N ALA D 35 31.61 21.25 33.61
CA ALA D 35 30.59 21.00 32.61
C ALA D 35 29.49 22.05 32.72
N ASP D 36 28.82 22.38 31.63
CA ASP D 36 27.68 23.31 31.73
C ASP D 36 26.40 22.51 31.76
N TYR D 37 25.63 22.72 32.81
CA TYR D 37 24.42 21.96 33.02
C TYR D 37 23.28 22.39 32.10
N LYS D 38 23.02 23.70 32.06
CA LYS D 38 21.89 24.23 31.30
C LYS D 38 21.91 23.76 29.84
N SER D 39 23.07 23.86 29.24
CA SER D 39 23.24 23.54 27.83
C SER D 39 23.31 22.05 27.56
N THR D 40 23.59 21.26 28.61
CA THR D 40 23.61 19.80 28.51
C THR D 40 22.21 19.21 28.72
N GLN D 41 21.34 19.96 29.39
CA GLN D 41 20.00 19.45 29.52
C GLN D 41 19.25 19.82 28.27
N ALA D 42 19.58 20.97 27.72
CA ALA D 42 18.92 21.46 26.50
C ALA D 42 18.99 20.41 25.42
N ALA D 43 20.12 19.73 25.31
CA ALA D 43 20.28 18.70 24.29
C ALA D 43 19.66 17.37 24.74
N ILE D 44 20.06 16.84 25.88
CA ILE D 44 19.53 15.55 26.35
C ILE D 44 17.98 15.46 26.32
N ASP D 45 17.31 16.58 26.59
CA ASP D 45 15.84 16.64 26.51
C ASP D 45 15.30 16.58 25.07
N GLN D 46 15.96 17.25 24.13
CA GLN D 46 15.53 17.15 22.73
C GLN D 46 15.79 15.77 22.17
N ILE D 47 16.80 15.08 22.70
CA ILE D 47 17.06 13.71 22.30
C ILE D 47 16.01 12.76 22.88
N THR D 48 15.57 12.99 24.12
CA THR D 48 14.67 12.02 24.71
C THR D 48 13.25 12.26 24.21
N GLY D 49 13.08 13.40 23.54
CA GLY D 49 11.84 13.75 22.88
C GLY D 49 11.65 13.08 21.52
N LYS D 50 12.73 12.83 20.78
CA LYS D 50 12.64 12.07 19.53
C LYS D 50 12.41 10.60 19.81
N LEU D 51 12.78 10.18 21.01
CA LEU D 51 12.62 8.81 21.45
C LEU D 51 11.20 8.52 21.96
N ASN D 52 10.63 9.45 22.73
CA ASN D 52 9.24 9.33 23.14
C ASN D 52 8.35 9.23 21.93
N ARG D 53 8.78 9.85 20.83
CA ARG D 53 8.03 9.74 19.60
C ARG D 53 8.19 8.35 19.01
N LEU D 54 9.40 7.82 19.14
CA LEU D 54 9.73 6.53 18.57
C LEU D 54 8.94 5.35 19.14
N VAL D 55 8.77 5.33 20.46
CA VAL D 55 8.09 4.22 21.12
C VAL D 55 6.54 4.15 20.96
N GLU D 56 5.93 5.24 20.50
CA GLU D 56 4.45 5.36 20.43
C GLU D 56 3.60 4.27 19.72
N THR D 60 -2.31 -0.62 15.60
CA THR D 60 -3.42 -1.25 14.89
C THR D 60 -3.39 -2.78 14.97
N GLU D 61 -4.55 -3.38 15.21
CA GLU D 61 -4.61 -4.83 15.34
C GLU D 61 -4.88 -5.46 13.96
N PHE D 62 -3.94 -6.31 13.50
CA PHE D 62 -4.00 -6.92 12.15
C PHE D 62 -4.25 -8.40 12.15
N GLU D 63 -5.19 -8.90 11.34
CA GLU D 63 -5.48 -10.35 11.30
C GLU D 63 -4.62 -11.07 10.26
N SER D 64 -4.93 -12.32 9.98
CA SER D 64 -4.14 -13.04 8.97
C SER D 64 -4.83 -13.15 7.59
N ILE D 65 -4.04 -12.87 6.55
CA ILE D 65 -4.49 -13.06 5.17
C ILE D 65 -3.73 -14.16 4.42
N GLU D 66 -2.52 -14.48 4.87
CA GLU D 66 -1.75 -15.57 4.25
C GLU D 66 -1.82 -16.81 5.14
N SER D 67 -2.14 -17.97 4.58
CA SER D 67 -2.25 -19.18 5.40
C SER D 67 -0.91 -19.92 5.55
N GLU D 68 -0.37 -19.89 6.75
CA GLU D 68 0.98 -20.36 7.03
C GLU D 68 1.19 -21.88 6.77
N PHE D 69 0.15 -22.70 6.93
CA PHE D 69 0.29 -24.16 6.84
C PHE D 69 -0.47 -24.87 5.73
N SER D 70 -1.22 -24.14 4.93
CA SER D 70 -1.92 -24.79 3.83
C SER D 70 -1.86 -23.93 2.60
N GLU D 71 -2.05 -24.56 1.44
CA GLU D 71 -2.05 -23.86 0.15
C GLU D 71 -3.15 -22.81 0.14
N ILE D 72 -2.91 -21.76 -0.60
CA ILE D 72 -3.94 -20.76 -0.79
C ILE D 72 -4.11 -20.61 -2.32
N GLU D 73 -5.30 -20.21 -2.75
CA GLU D 73 -5.56 -20.09 -4.17
C GLU D 73 -4.49 -19.20 -4.82
N HIS D 74 -4.01 -19.62 -5.98
CA HIS D 74 -2.85 -19.01 -6.58
C HIS D 74 -2.99 -17.54 -6.95
N GLN D 75 -4.03 -17.20 -7.71
CA GLN D 75 -4.20 -15.82 -8.16
C GLN D 75 -4.25 -14.85 -6.97
N ILE D 76 -4.96 -15.21 -5.91
CA ILE D 76 -5.04 -14.35 -4.75
C ILE D 76 -3.70 -14.36 -3.99
N GLY D 77 -2.98 -15.46 -4.09
CA GLY D 77 -1.76 -15.61 -3.32
C GLY D 77 -0.74 -14.66 -3.87
N ASN D 78 -0.75 -14.48 -5.18
CA ASN D 78 0.22 -13.61 -5.84
C ASN D 78 -0.14 -12.13 -5.71
N VAL D 79 -1.35 -11.84 -5.26
CA VAL D 79 -1.73 -10.47 -4.99
C VAL D 79 -1.31 -10.16 -3.58
N ILE D 80 -1.46 -11.14 -2.70
CA ILE D 80 -1.06 -10.94 -1.32
C ILE D 80 0.46 -10.67 -1.23
N ASN D 81 1.25 -11.38 -2.04
CA ASN D 81 2.70 -11.23 -1.96
C ASN D 81 3.13 -9.88 -2.49
N TRP D 82 2.54 -9.47 -3.60
CA TRP D 82 2.81 -8.16 -4.20
C TRP D 82 2.50 -7.00 -3.24
N THR D 83 1.29 -6.98 -2.69
CA THR D 83 0.98 -5.95 -1.68
C THR D 83 1.94 -5.97 -0.49
N LYS D 84 2.18 -7.13 0.09
CA LYS D 84 3.04 -7.18 1.26
C LYS D 84 4.47 -6.75 0.92
N ASP D 85 4.98 -7.22 -0.23
CA ASP D 85 6.29 -6.74 -0.74
C ASP D 85 6.25 -5.23 -1.00
N SER D 86 5.18 -4.75 -1.64
CA SER D 86 5.05 -3.31 -1.87
C SER D 86 5.09 -2.55 -0.55
N ILE D 87 4.20 -2.90 0.38
CA ILE D 87 4.11 -2.29 1.69
C ILE D 87 5.44 -2.32 2.42
N THR D 88 6.13 -3.44 2.36
CA THR D 88 7.45 -3.55 3.00
C THR D 88 8.47 -2.62 2.36
N ASP D 89 8.40 -2.46 1.05
CA ASP D 89 9.25 -1.48 0.41
C ASP D 89 8.99 -0.10 1.00
N ILE D 90 7.72 0.27 1.15
CA ILE D 90 7.35 1.54 1.78
C ILE D 90 7.87 1.67 3.21
N TRP D 91 7.50 0.73 4.07
CA TRP D 91 8.01 0.80 5.45
C TRP D 91 9.54 0.77 5.58
N THR D 92 10.27 0.17 4.63
CA THR D 92 11.73 0.14 4.73
C THR D 92 12.27 1.50 4.29
N TYR D 93 11.72 2.03 3.20
CA TYR D 93 12.21 3.32 2.73
C TYR D 93 11.87 4.37 3.76
N GLN D 94 10.72 4.23 4.39
CA GLN D 94 10.32 5.18 5.38
C GLN D 94 11.24 5.10 6.58
N ALA D 95 11.58 3.87 6.97
CA ALA D 95 12.36 3.63 8.16
C ALA D 95 13.73 4.26 8.00
N GLU D 96 14.34 4.09 6.83
CA GLU D 96 15.65 4.68 6.53
C GLU D 96 15.65 6.22 6.48
N LEU D 97 14.71 6.83 5.76
CA LEU D 97 14.59 8.30 5.77
C LEU D 97 14.45 8.83 7.21
N LEU D 98 13.59 8.20 8.03
CA LEU D 98 13.34 8.72 9.36
C LEU D 98 14.63 8.75 10.15
N VAL D 99 15.25 7.59 10.22
CA VAL D 99 16.52 7.43 10.90
C VAL D 99 17.55 8.45 10.41
N ALA D 100 17.68 8.60 9.09
CA ALA D 100 18.70 9.52 8.57
C ALA D 100 18.32 10.96 8.82
N MET D 101 17.05 11.29 8.69
CA MET D 101 16.63 12.66 8.88
C MET D 101 16.78 13.01 10.35
N GLU D 102 16.61 12.01 11.20
CA GLU D 102 16.61 12.27 12.64
C GLU D 102 18.04 12.46 13.13
N ASN D 103 18.92 11.59 12.69
CA ASN D 103 20.34 11.73 12.97
C ASN D 103 20.92 13.01 12.41
N GLN D 104 20.43 13.42 11.25
CA GLN D 104 20.90 14.68 10.68
C GLN D 104 20.50 15.80 11.63
N HIS D 105 19.24 15.82 12.02
CA HIS D 105 18.78 16.89 12.88
C HIS D 105 19.49 16.85 14.21
N THR D 106 19.67 15.65 14.76
CA THR D 106 20.32 15.50 16.06
C THR D 106 21.72 16.09 16.12
N ILE D 107 22.62 15.57 15.29
CA ILE D 107 23.97 16.09 15.17
C ILE D 107 23.99 17.59 14.99
N ASP D 108 23.14 18.11 14.10
CA ASP D 108 23.20 19.54 13.82
C ASP D 108 22.54 20.36 14.89
N MET D 109 21.62 19.78 15.63
CA MET D 109 21.04 20.49 16.77
C MET D 109 22.04 20.53 17.93
N ALA D 110 22.85 19.49 18.09
CA ALA D 110 23.89 19.51 19.12
C ALA D 110 24.83 20.69 18.86
N ASP D 111 25.48 20.68 17.68
CA ASP D 111 26.29 21.77 17.10
C ASP D 111 25.68 23.13 17.49
N SER D 112 24.36 23.17 17.42
CA SER D 112 23.57 24.33 17.75
C SER D 112 23.67 24.71 19.20
N GLU D 113 23.52 23.75 20.09
CA GLU D 113 23.47 24.09 21.51
C GLU D 113 24.85 24.53 22.01
N MET D 114 25.87 24.23 21.22
CA MET D 114 27.26 24.59 21.51
C MET D 114 27.56 26.03 21.11
N LEU D 115 27.21 26.37 19.87
CA LEU D 115 27.37 27.72 19.38
C LEU D 115 26.52 28.67 20.21
N ASN D 116 25.38 28.21 20.72
CA ASN D 116 24.54 29.02 21.62
C ASN D 116 25.24 29.36 22.93
N LEU D 117 25.93 28.37 23.49
CA LEU D 117 26.75 28.53 24.68
C LEU D 117 27.83 29.57 24.48
N TYR D 118 28.72 29.27 23.54
CA TYR D 118 29.77 30.16 23.05
C TYR D 118 29.25 31.60 22.90
N GLU D 119 28.10 31.75 22.28
CA GLU D 119 27.57 33.09 22.02
C GLU D 119 26.99 33.79 23.25
N ARG D 120 26.47 33.05 24.21
CA ARG D 120 26.00 33.63 25.47
C ARG D 120 27.20 34.16 26.28
N VAL D 121 28.29 33.42 26.22
CA VAL D 121 29.55 33.78 26.87
C VAL D 121 30.23 34.98 26.22
N ARG D 122 30.11 35.09 24.92
CA ARG D 122 30.77 36.18 24.24
C ARG D 122 30.09 37.50 24.53
N LYS D 123 28.76 37.50 24.60
CA LYS D 123 28.03 38.72 24.86
C LYS D 123 28.22 39.08 26.33
N GLN D 124 28.53 38.06 27.11
CA GLN D 124 28.76 38.18 28.54
C GLN D 124 30.06 38.91 28.86
N LEU D 125 31.15 38.43 28.26
CA LEU D 125 32.45 39.07 28.36
C LEU D 125 32.43 40.14 27.32
N ARG D 126 31.80 41.25 27.66
CA ARG D 126 31.40 42.21 26.66
C ARG D 126 32.58 42.79 25.91
N GLN D 127 33.60 43.24 26.63
CA GLN D 127 34.79 43.79 25.98
C GLN D 127 36.08 43.40 26.72
N ASN D 128 36.00 42.48 27.66
CA ASN D 128 37.13 42.21 28.52
C ASN D 128 37.88 40.98 28.06
N ALA D 129 37.44 40.49 26.89
CA ALA D 129 38.07 39.38 26.21
C ALA D 129 37.81 39.50 24.73
N GLU D 130 38.48 38.68 23.94
CA GLU D 130 38.09 38.57 22.55
C GLU D 130 38.40 37.16 22.09
N GLU D 131 37.84 36.81 20.94
CA GLU D 131 37.85 35.45 20.44
C GLU D 131 39.22 35.04 19.87
N ASP D 132 39.73 33.85 20.18
CA ASP D 132 40.97 33.40 19.53
C ASP D 132 40.67 32.58 18.30
N GLY D 133 39.37 32.30 18.11
CA GLY D 133 38.90 31.62 16.93
C GLY D 133 38.96 30.11 16.94
N LYS D 134 39.57 29.53 17.98
CA LYS D 134 39.57 28.08 18.15
C LYS D 134 38.74 27.74 19.40
N GLY D 135 37.74 28.57 19.69
CA GLY D 135 36.81 28.30 20.78
C GLY D 135 37.12 29.00 22.09
N CYS D 136 38.34 29.51 22.22
CA CYS D 136 38.77 30.22 23.43
C CYS D 136 38.42 31.69 23.39
N PHE D 137 38.17 32.25 24.55
CA PHE D 137 38.26 33.68 24.71
C PHE D 137 39.57 33.96 25.43
N GLU D 138 40.29 34.98 25.03
CA GLU D 138 41.41 35.43 25.82
C GLU D 138 40.93 36.58 26.68
N ILE D 139 40.87 36.37 27.99
CA ILE D 139 40.39 37.42 28.88
C ILE D 139 41.49 38.42 29.13
N TYR D 140 41.21 39.69 28.85
CA TYR D 140 42.20 40.75 28.96
C TYR D 140 42.31 41.35 30.34
N HIS D 141 41.72 40.74 31.35
CA HIS D 141 42.02 41.20 32.70
C HIS D 141 42.41 40.07 33.67
N ALA D 142 42.52 40.42 34.95
CA ALA D 142 42.91 39.46 35.98
C ALA D 142 41.70 38.61 36.29
N CYS D 143 41.82 37.30 36.26
CA CYS D 143 40.60 36.53 36.46
C CYS D 143 40.85 35.23 37.27
N ASP D 144 40.25 35.16 38.45
CA ASP D 144 40.47 34.05 39.39
C ASP D 144 39.33 33.02 39.32
N ASP D 145 39.39 32.03 40.21
CA ASP D 145 38.37 30.99 40.26
C ASP D 145 36.99 31.55 40.59
N SER D 146 36.94 32.67 41.30
CA SER D 146 35.66 33.28 41.61
C SER D 146 35.12 33.95 40.35
N CYS D 147 36.04 34.49 39.57
CA CYS D 147 35.69 35.14 38.32
C CYS D 147 35.34 34.09 37.26
N MET D 148 35.93 32.90 37.37
CA MET D 148 35.59 31.80 36.47
C MET D 148 34.17 31.28 36.65
N GLU D 149 33.77 30.89 37.88
CA GLU D 149 32.40 30.46 38.08
C GLU D 149 31.47 31.62 37.75
N SER D 150 31.97 32.82 37.96
CA SER D 150 31.25 34.03 37.63
C SER D 150 30.80 34.00 36.15
N ILE D 151 31.65 33.41 35.31
CA ILE D 151 31.38 33.28 33.88
C ILE D 151 30.48 32.07 33.57
N ARG D 152 30.63 31.00 34.35
CA ARG D 152 29.76 29.85 34.16
C ARG D 152 28.36 29.99 34.83
N ASN D 153 28.28 30.69 35.97
CA ASN D 153 26.98 31.05 36.60
C ASN D 153 26.11 32.01 35.78
N ASN D 154 26.73 32.62 34.78
CA ASN D 154 26.19 33.78 34.06
C ASN D 154 25.81 34.89 35.04
N THR D 155 26.72 35.16 35.98
CA THR D 155 26.55 36.19 37.00
C THR D 155 27.58 37.34 36.87
N TYR D 156 28.48 37.20 35.89
CA TYR D 156 29.59 38.12 35.61
C TYR D 156 29.20 39.53 35.12
N ASP D 157 29.63 40.55 35.86
CA ASP D 157 29.36 41.96 35.53
C ASP D 157 30.55 42.61 34.84
N HIS D 158 30.43 42.85 33.54
CA HIS D 158 31.58 43.29 32.74
C HIS D 158 32.11 44.70 33.12
N SER D 159 31.21 45.62 33.51
CA SER D 159 31.62 47.01 33.72
C SER D 159 32.54 47.14 34.94
N GLN D 160 32.46 46.14 35.82
CA GLN D 160 33.42 46.00 36.92
C GLN D 160 34.86 45.92 36.42
N TYR D 161 35.06 45.31 35.26
CA TYR D 161 36.41 45.09 34.75
C TYR D 161 36.73 45.88 33.50
N ARG D 162 35.72 46.52 32.92
CA ARG D 162 35.84 47.15 31.61
C ARG D 162 37.05 48.10 31.51
N GLU D 163 37.17 49.08 32.42
CA GLU D 163 38.29 50.03 32.38
C GLU D 163 39.62 49.33 32.43
N GLU D 164 39.74 48.32 33.29
CA GLU D 164 41.02 47.62 33.40
C GLU D 164 41.33 46.77 32.17
N ALA D 165 40.29 46.21 31.55
CA ALA D 165 40.48 45.30 30.42
C ALA D 165 40.85 46.07 29.15
N LEU D 166 40.13 47.17 28.90
CA LEU D 166 40.40 47.98 27.72
C LEU D 166 41.82 48.55 27.68
N LEU D 167 42.34 48.98 28.83
CA LEU D 167 43.69 49.52 28.87
C LEU D 167 44.69 48.43 28.45
N ASN D 168 44.41 47.18 28.78
CA ASN D 168 45.25 46.05 28.35
C ASN D 168 45.19 45.74 26.84
N ARG D 169 44.01 45.87 26.25
CA ARG D 169 43.80 45.60 24.81
C ARG D 169 44.42 46.67 23.91
N LEU D 170 44.93 47.74 24.52
CA LEU D 170 45.44 48.90 23.79
C LEU D 170 46.95 49.17 23.93
N ASN D 171 47.58 48.62 24.96
CA ASN D 171 48.99 48.94 25.23
C ASN D 171 49.87 47.73 24.99
N ASP E 5 40.86 49.91 1.43
CA ASP E 5 41.68 48.69 1.49
C ASP E 5 40.95 47.48 2.10
N LYS E 6 40.68 46.43 1.31
CA LYS E 6 39.44 45.66 1.50
C LYS E 6 39.44 44.19 1.06
N ILE E 7 38.89 43.27 1.87
CA ILE E 7 38.75 41.83 1.48
C ILE E 7 37.30 41.30 1.56
N CYS E 8 36.84 40.70 0.47
CA CYS E 8 35.43 40.34 0.29
C CYS E 8 35.19 38.85 0.24
N LEU E 9 34.06 38.43 0.78
CA LEU E 9 33.63 37.06 0.53
C LEU E 9 32.40 36.98 -0.37
N GLY E 10 32.32 35.90 -1.13
CA GLY E 10 31.17 35.69 -1.98
C GLY E 10 31.09 34.26 -2.45
N HIS E 11 30.08 34.02 -3.26
CA HIS E 11 29.80 32.70 -3.78
C HIS E 11 29.60 32.78 -5.29
N HIS E 12 29.61 31.64 -5.96
CA HIS E 12 29.46 31.66 -7.39
C HIS E 12 28.00 31.82 -7.77
N ALA E 13 27.77 32.18 -9.02
CA ALA E 13 26.44 32.07 -9.61
C ALA E 13 26.60 31.63 -11.05
N VAL E 14 25.49 31.32 -11.71
CA VAL E 14 25.57 30.89 -13.10
C VAL E 14 24.66 31.81 -13.86
N ALA E 15 24.94 31.96 -15.15
CA ALA E 15 24.15 32.83 -16.00
C ALA E 15 22.69 32.47 -15.85
N ASN E 16 22.35 31.23 -16.19
CA ASN E 16 20.99 30.71 -15.98
C ASN E 16 20.91 29.50 -15.05
N GLY E 17 20.36 29.73 -13.88
CA GLY E 17 20.09 28.63 -12.96
C GLY E 17 18.86 27.81 -13.29
N THR E 18 18.68 26.71 -12.57
CA THR E 18 17.54 25.86 -12.78
C THR E 18 16.56 26.03 -11.62
N ILE E 19 15.28 26.00 -11.97
CA ILE E 19 14.21 26.16 -11.01
C ILE E 19 13.83 24.81 -10.43
N VAL E 20 13.76 24.72 -9.10
CA VAL E 20 13.44 23.50 -8.38
C VAL E 20 12.53 23.83 -7.21
N LYS E 21 11.97 22.78 -6.60
CA LYS E 21 11.02 22.93 -5.51
C LYS E 21 11.62 22.75 -4.12
N THR E 22 11.33 23.66 -3.21
CA THR E 22 11.74 23.47 -1.82
C THR E 22 10.50 23.36 -0.93
N LEU E 23 10.69 23.21 0.38
CA LEU E 23 9.57 23.03 1.30
C LEU E 23 8.73 24.30 1.40
N THR E 24 9.40 25.44 1.33
CA THR E 24 8.80 26.77 1.56
C THR E 24 8.48 27.49 0.25
N ASN E 25 8.83 26.86 -0.88
CA ASN E 25 8.89 27.57 -2.14
C ASN E 25 8.99 26.71 -3.38
N GLU E 26 8.10 26.92 -4.34
CA GLU E 26 8.33 26.44 -5.70
C GLU E 26 9.24 27.45 -6.39
N GLN E 27 9.64 27.19 -7.63
CA GLN E 27 10.34 28.19 -8.45
C GLN E 27 11.60 28.79 -7.79
N GLU E 28 12.21 28.06 -6.86
CA GLU E 28 13.42 28.54 -6.20
C GLU E 28 14.63 28.21 -7.09
N GLU E 29 15.34 29.23 -7.54
CA GLU E 29 16.43 29.03 -8.50
C GLU E 29 17.69 28.49 -7.85
N VAL E 30 18.44 27.70 -8.61
CA VAL E 30 19.60 26.98 -8.09
C VAL E 30 20.70 27.02 -9.16
N THR E 31 21.95 26.81 -8.76
CA THR E 31 23.06 26.81 -9.68
C THR E 31 23.08 25.58 -10.61
N ASN E 32 22.66 24.43 -10.13
CA ASN E 32 22.52 23.23 -10.97
C ASN E 32 21.53 22.26 -10.30
N ALA E 33 20.67 21.60 -11.07
CA ALA E 33 19.97 20.45 -10.50
C ALA E 33 20.10 19.20 -11.40
N THR E 34 19.48 18.11 -10.97
CA THR E 34 19.31 16.88 -11.77
C THR E 34 18.04 16.16 -11.47
N GLU E 35 17.64 15.35 -12.44
CA GLU E 35 16.35 14.69 -12.47
C GLU E 35 16.36 13.51 -11.53
N THR E 36 15.26 13.29 -10.83
CA THR E 36 15.12 12.17 -9.92
C THR E 36 14.11 11.17 -10.45
N VAL E 37 13.35 11.56 -11.47
CA VAL E 37 12.37 10.69 -12.09
C VAL E 37 12.79 10.36 -13.52
N GLU E 38 12.90 9.08 -13.82
CA GLU E 38 13.29 8.59 -15.13
C GLU E 38 12.15 8.61 -16.16
N SER E 39 12.31 9.42 -17.21
CA SER E 39 11.24 9.57 -18.20
C SER E 39 11.52 8.86 -19.52
N THR E 40 12.72 8.34 -19.71
CA THR E 40 13.05 7.62 -20.94
C THR E 40 13.52 6.22 -20.64
N GLY E 41 13.02 5.24 -21.38
CA GLY E 41 13.43 3.86 -21.19
C GLY E 41 13.92 3.27 -22.51
N ILE E 42 14.69 2.20 -22.42
CA ILE E 42 15.06 1.51 -23.66
C ILE E 42 13.84 0.77 -24.16
N ASN E 43 13.54 0.87 -25.46
CA ASN E 43 12.34 0.24 -26.02
C ASN E 43 12.58 -1.19 -26.52
N ARG E 44 13.59 -1.87 -25.99
CA ARG E 44 13.78 -3.29 -26.31
C ARG E 44 13.97 -4.13 -25.06
N LEU E 45 13.49 -5.36 -25.06
CA LEU E 45 13.74 -6.25 -23.92
C LEU E 45 15.25 -6.57 -23.81
N CYS E 46 15.86 -6.34 -22.65
CA CYS E 46 17.29 -6.57 -22.48
C CYS E 46 17.62 -7.88 -21.77
N MET E 47 18.18 -8.84 -22.49
CA MET E 47 18.30 -10.19 -21.93
C MET E 47 19.72 -10.71 -21.74
N LYS E 48 20.69 -9.81 -21.58
CA LYS E 48 22.04 -10.25 -21.26
C LYS E 48 22.07 -10.92 -19.89
N GLY E 49 22.85 -11.98 -19.77
CA GLY E 49 22.97 -12.69 -18.51
C GLY E 49 21.77 -13.55 -18.17
N ARG E 50 20.77 -13.55 -19.05
CA ARG E 50 19.57 -14.37 -18.87
C ARG E 50 19.39 -15.42 -19.96
N LYS E 51 19.23 -16.68 -19.57
CA LYS E 51 18.66 -17.65 -20.49
C LYS E 51 17.14 -17.39 -20.57
N HIS E 52 16.66 -17.02 -21.75
CA HIS E 52 15.28 -16.62 -21.86
C HIS E 52 14.61 -17.27 -23.03
N LYS E 53 13.29 -17.37 -22.94
CA LYS E 53 12.52 -17.99 -23.99
C LYS E 53 11.50 -17.01 -24.48
N ASP E 54 11.59 -16.63 -25.74
CA ASP E 54 10.64 -15.69 -26.28
C ASP E 54 9.63 -16.48 -27.04
N LEU E 55 8.49 -16.69 -26.41
CA LEU E 55 7.52 -17.66 -26.90
C LEU E 55 7.02 -17.31 -28.31
N GLY E 56 7.13 -16.04 -28.67
CA GLY E 56 6.61 -15.55 -29.94
C GLY E 56 5.10 -15.70 -30.10
N ASN E 57 4.63 -16.21 -31.23
CA ASN E 57 3.18 -16.29 -31.47
C ASN E 57 2.56 -17.32 -30.54
N CYS E 58 3.39 -18.06 -29.80
CA CYS E 58 2.91 -18.96 -28.76
C CYS E 58 2.42 -18.30 -27.50
N HIS E 59 1.43 -18.90 -26.89
CA HIS E 59 0.86 -18.43 -25.63
C HIS E 59 1.10 -19.48 -24.57
N PRO E 60 1.32 -19.07 -23.33
CA PRO E 60 1.78 -20.09 -22.39
C PRO E 60 0.86 -21.30 -22.27
N ILE E 61 -0.45 -21.11 -22.39
CA ILE E 61 -1.33 -22.27 -22.24
C ILE E 61 -1.05 -23.30 -23.32
N GLY E 62 -0.73 -22.84 -24.52
CA GLY E 62 -0.46 -23.75 -25.63
C GLY E 62 0.66 -24.71 -25.31
N MET E 63 1.71 -24.21 -24.66
CA MET E 63 2.77 -25.03 -24.10
C MET E 63 2.33 -26.29 -23.38
N LEU E 64 1.25 -26.21 -22.64
CA LEU E 64 0.86 -27.38 -21.85
C LEU E 64 0.09 -28.37 -22.73
N ILE E 65 -0.60 -27.90 -23.75
CA ILE E 65 -1.43 -28.82 -24.51
C ILE E 65 -0.81 -29.10 -25.86
N GLY E 66 0.24 -28.36 -26.18
CA GLY E 66 0.91 -28.51 -27.46
C GLY E 66 0.12 -28.11 -28.68
N THR E 67 -0.34 -26.87 -28.70
CA THR E 67 -0.97 -26.32 -29.91
C THR E 67 0.09 -26.25 -31.02
N PRO E 68 -0.31 -26.31 -32.29
CA PRO E 68 0.77 -26.28 -33.26
C PRO E 68 1.65 -25.03 -33.19
N ALA E 69 1.11 -23.86 -32.87
CA ALA E 69 1.96 -22.66 -32.87
C ALA E 69 3.10 -22.85 -31.86
N CYS E 70 2.82 -23.69 -30.87
CA CYS E 70 3.68 -23.90 -29.71
C CYS E 70 4.60 -25.12 -29.75
N ASP E 71 4.72 -25.74 -30.93
CA ASP E 71 5.48 -26.99 -31.09
C ASP E 71 6.90 -26.91 -30.55
N LEU E 72 7.56 -25.77 -30.73
CA LEU E 72 8.95 -25.66 -30.38
C LEU E 72 9.13 -25.19 -28.95
N HIS E 73 8.04 -25.25 -28.20
CA HIS E 73 7.98 -24.72 -26.83
C HIS E 73 7.38 -25.66 -25.78
N LEU E 74 7.33 -26.96 -26.09
CA LEU E 74 6.74 -27.94 -25.19
C LEU E 74 7.64 -28.25 -24.02
N THR E 75 8.93 -27.98 -24.16
CA THR E 75 9.84 -28.09 -23.04
C THR E 75 10.79 -26.93 -23.10
N GLY E 76 11.61 -26.77 -22.08
CA GLY E 76 12.54 -25.66 -22.05
C GLY E 76 13.10 -25.42 -20.67
N MET E 77 14.04 -24.48 -20.57
CA MET E 77 14.61 -24.03 -19.30
C MET E 77 14.83 -22.55 -19.46
N TRP E 78 14.49 -21.74 -18.46
CA TRP E 78 14.58 -20.29 -18.62
C TRP E 78 14.57 -19.50 -17.32
N ASP E 79 15.36 -18.44 -17.29
CA ASP E 79 15.35 -17.43 -16.24
C ASP E 79 14.11 -16.60 -16.40
N THR E 80 13.73 -16.40 -17.67
CA THR E 80 12.77 -15.38 -18.07
C THR E 80 11.82 -15.98 -19.07
N LEU E 81 10.59 -15.51 -19.17
CA LEU E 81 9.73 -16.05 -20.21
C LEU E 81 8.91 -14.90 -20.79
N ILE E 82 9.06 -14.67 -22.08
CA ILE E 82 8.41 -13.54 -22.70
C ILE E 82 7.16 -13.97 -23.44
N GLU E 83 6.10 -13.18 -23.33
CA GLU E 83 4.83 -13.47 -23.99
C GLU E 83 4.30 -12.24 -24.73
N ARG E 84 3.75 -12.50 -25.92
CA ARG E 84 3.51 -11.48 -26.92
C ARG E 84 2.04 -11.28 -27.13
N GLU E 85 1.67 -10.19 -27.82
CA GLU E 85 0.32 -9.66 -27.82
C GLU E 85 -0.77 -10.61 -28.36
N ASN E 86 -0.65 -11.11 -29.58
CA ASN E 86 -1.84 -11.77 -30.14
C ASN E 86 -1.76 -13.26 -30.06
N ALA E 87 -1.03 -13.71 -29.05
CA ALA E 87 -0.55 -15.07 -28.96
C ALA E 87 -1.66 -16.13 -29.01
N ILE E 88 -1.33 -17.31 -29.52
CA ILE E 88 -2.33 -18.35 -29.76
C ILE E 88 -2.22 -19.49 -28.77
N ALA E 89 -3.32 -19.69 -28.04
CA ALA E 89 -3.47 -20.79 -27.09
C ALA E 89 -4.17 -22.03 -27.67
N TYR E 90 -5.14 -21.84 -28.56
CA TYR E 90 -5.91 -22.99 -29.05
C TYR E 90 -6.09 -23.00 -30.58
N CYS E 91 -6.23 -24.16 -31.16
CA CYS E 91 -6.56 -24.19 -32.57
C CYS E 91 -8.05 -24.60 -32.74
N TYR E 92 -8.62 -25.19 -31.70
CA TYR E 92 -10.01 -25.62 -31.71
C TYR E 92 -10.79 -24.77 -30.72
N PRO E 93 -11.96 -24.28 -31.12
CA PRO E 93 -12.78 -23.45 -30.24
C PRO E 93 -12.94 -24.01 -28.84
N GLY E 94 -12.84 -23.13 -27.85
CA GLY E 94 -12.93 -23.53 -26.48
C GLY E 94 -11.97 -22.69 -25.65
N ALA E 95 -12.18 -22.75 -24.35
CA ALA E 95 -11.34 -22.02 -23.44
C ALA E 95 -10.88 -22.97 -22.36
N THR E 96 -10.04 -22.44 -21.47
CA THR E 96 -9.57 -23.15 -20.32
C THR E 96 -10.26 -22.63 -19.09
N VAL E 97 -10.87 -23.53 -18.35
CA VAL E 97 -11.48 -23.15 -17.11
C VAL E 97 -10.36 -22.73 -16.16
N ASN E 98 -10.53 -21.59 -15.51
CA ASN E 98 -9.57 -21.17 -14.50
C ASN E 98 -8.19 -20.88 -15.11
N VAL E 99 -8.19 -20.23 -16.26
CA VAL E 99 -7.01 -20.07 -17.08
C VAL E 99 -6.05 -19.01 -16.57
N GLU E 100 -6.50 -18.07 -15.74
CA GLU E 100 -5.54 -17.02 -15.40
C GLU E 100 -4.61 -17.52 -14.32
N ALA E 101 -5.13 -18.33 -13.40
CA ALA E 101 -4.31 -18.88 -12.34
C ALA E 101 -3.26 -19.77 -12.94
N LEU E 102 -3.57 -20.33 -14.09
CA LEU E 102 -2.67 -21.27 -14.74
C LEU E 102 -1.56 -20.53 -15.45
N ARG E 103 -1.92 -19.55 -16.28
CA ARG E 103 -0.92 -18.72 -16.98
C ARG E 103 0.12 -18.22 -16.00
N GLN E 104 -0.33 -17.83 -14.82
CA GLN E 104 0.61 -17.36 -13.84
C GLN E 104 1.48 -18.45 -13.25
N LYS E 105 1.02 -19.71 -13.19
CA LYS E 105 1.89 -20.79 -12.71
C LYS E 105 2.93 -21.09 -13.78
N ILE E 106 2.52 -20.99 -15.04
CA ILE E 106 3.46 -21.09 -16.14
C ILE E 106 4.40 -19.87 -16.18
N MET E 107 3.91 -18.66 -15.89
CA MET E 107 4.80 -17.47 -15.93
C MET E 107 5.68 -17.30 -14.68
N GLU E 108 5.36 -17.94 -13.57
CA GLU E 108 6.18 -17.85 -12.38
C GLU E 108 7.26 -18.93 -12.44
N SER E 109 7.14 -19.84 -13.41
CA SER E 109 7.97 -21.04 -13.45
C SER E 109 9.33 -20.78 -14.03
N GLY E 110 10.22 -21.77 -13.88
CA GLY E 110 11.58 -21.67 -14.41
C GLY E 110 11.93 -22.71 -15.47
N GLY E 111 10.94 -23.48 -15.92
CA GLY E 111 11.11 -24.45 -16.98
C GLY E 111 9.99 -25.46 -17.04
N ILE E 112 9.91 -26.26 -18.09
CA ILE E 112 8.85 -27.24 -18.22
C ILE E 112 9.44 -28.58 -18.65
N ASN E 113 9.01 -29.68 -18.03
CA ASN E 113 9.29 -31.04 -18.53
C ASN E 113 8.03 -31.66 -19.07
N LYS E 114 8.14 -32.64 -19.96
CA LYS E 114 6.97 -33.43 -20.25
C LYS E 114 7.17 -34.92 -19.90
N ILE E 115 6.24 -35.47 -19.16
CA ILE E 115 6.24 -36.87 -18.82
C ILE E 115 5.05 -37.55 -19.47
N SER E 116 5.30 -38.68 -20.11
CA SER E 116 4.23 -39.43 -20.73
C SER E 116 3.30 -39.93 -19.67
N THR E 117 2.04 -40.15 -20.04
CA THR E 117 1.11 -40.68 -19.06
C THR E 117 0.94 -42.16 -19.27
N GLY E 118 1.52 -42.67 -20.36
CA GLY E 118 1.37 -44.08 -20.69
C GLY E 118 -0.06 -44.57 -20.95
N PHE E 119 -0.99 -43.64 -21.19
CA PHE E 119 -2.37 -44.04 -21.35
C PHE E 119 -2.53 -44.92 -22.57
N THR E 120 -3.29 -46.00 -22.39
CA THR E 120 -3.50 -47.04 -23.39
C THR E 120 -4.99 -47.25 -23.62
N TYR E 121 -5.45 -47.40 -24.86
CA TYR E 121 -6.89 -47.53 -25.05
C TYR E 121 -7.29 -48.78 -25.82
N GLY E 122 -8.41 -49.36 -25.39
CA GLY E 122 -8.96 -50.52 -26.04
C GLY E 122 -9.19 -50.40 -27.54
N SER E 123 -9.53 -51.54 -28.11
CA SER E 123 -9.68 -51.69 -29.53
C SER E 123 -10.82 -50.88 -30.12
N SER E 124 -11.89 -50.80 -29.32
CA SER E 124 -13.13 -50.14 -29.67
C SER E 124 -12.92 -48.66 -29.97
N ILE E 125 -11.74 -48.18 -29.61
CA ILE E 125 -11.39 -46.78 -29.67
C ILE E 125 -10.45 -46.40 -30.81
N ASN E 126 -10.79 -45.33 -31.50
CA ASN E 126 -9.85 -44.59 -32.32
C ASN E 126 -9.25 -43.55 -31.41
N SER E 127 -7.95 -43.61 -31.14
CA SER E 127 -7.36 -42.61 -30.25
C SER E 127 -6.60 -41.63 -31.09
N ALA E 128 -6.73 -41.75 -32.40
CA ALA E 128 -5.92 -40.97 -33.33
C ALA E 128 -6.74 -39.91 -34.05
N GLY E 129 -7.83 -39.49 -33.41
CA GLY E 129 -8.68 -38.42 -33.92
C GLY E 129 -7.94 -37.12 -34.18
N THR E 130 -8.27 -36.47 -35.29
CA THR E 130 -7.62 -35.22 -35.71
C THR E 130 -8.68 -34.29 -36.23
N THR E 131 -8.31 -33.01 -36.45
CA THR E 131 -9.24 -32.05 -37.05
C THR E 131 -8.61 -31.04 -38.00
N ARG E 132 -9.37 -30.56 -39.00
CA ARG E 132 -8.85 -29.50 -39.89
C ARG E 132 -8.56 -28.21 -39.12
N ALA E 133 -9.25 -28.00 -38.01
CA ALA E 133 -9.10 -26.79 -37.21
C ALA E 133 -7.72 -26.68 -36.56
N CYS E 134 -6.92 -27.74 -36.70
CA CYS E 134 -5.54 -27.77 -36.22
C CYS E 134 -4.54 -28.17 -37.27
N MET E 135 -4.29 -27.33 -38.26
CA MET E 135 -3.37 -27.69 -39.35
C MET E 135 -1.91 -27.60 -38.88
N ARG E 136 -1.34 -28.75 -38.60
CA ARG E 136 0.08 -28.80 -38.35
C ARG E 136 0.75 -29.22 -39.65
N ASN E 137 1.83 -28.52 -39.97
CA ASN E 137 2.64 -28.76 -41.14
C ASN E 137 1.87 -29.19 -42.41
N GLY E 138 0.72 -28.58 -42.61
CA GLY E 138 -0.11 -28.71 -43.80
C GLY E 138 -1.25 -29.72 -43.75
N GLY E 139 -1.38 -30.49 -42.67
CA GLY E 139 -2.37 -31.55 -42.63
C GLY E 139 -3.28 -31.49 -41.43
N ASN E 140 -4.44 -32.13 -41.51
CA ASN E 140 -5.33 -32.25 -40.34
C ASN E 140 -4.57 -32.82 -39.16
N SER E 141 -4.71 -32.22 -37.99
CA SER E 141 -3.94 -32.67 -36.83
C SER E 141 -4.72 -32.48 -35.52
N PHE E 142 -3.98 -32.40 -34.43
CA PHE E 142 -4.59 -32.16 -33.15
C PHE E 142 -3.55 -31.64 -32.18
N TYR E 143 -3.97 -31.42 -30.94
CA TYR E 143 -3.06 -31.06 -29.89
C TYR E 143 -2.02 -32.14 -29.63
N ALA E 144 -0.78 -31.71 -29.52
CA ALA E 144 0.32 -32.61 -29.32
C ALA E 144 0.17 -33.43 -28.05
N GLU E 145 -0.23 -32.78 -26.95
CA GLU E 145 -0.23 -33.48 -25.66
C GLU E 145 -1.57 -34.14 -25.29
N LEU E 146 -2.59 -33.98 -26.10
CA LEU E 146 -3.83 -34.67 -25.81
C LEU E 146 -4.17 -35.67 -26.91
N LYS E 147 -5.16 -36.51 -26.64
CA LYS E 147 -5.66 -37.43 -27.64
C LYS E 147 -7.18 -37.39 -27.72
N TRP E 148 -7.69 -37.17 -28.92
CA TRP E 148 -9.12 -37.08 -29.09
C TRP E 148 -9.75 -38.46 -29.35
N LEU E 149 -10.10 -39.16 -28.26
CA LEU E 149 -10.71 -40.49 -28.34
C LEU E 149 -12.15 -40.51 -28.85
N VAL E 150 -12.40 -41.37 -29.84
CA VAL E 150 -13.74 -41.64 -30.38
C VAL E 150 -13.98 -43.13 -30.65
N SER E 151 -15.23 -43.50 -30.88
CA SER E 151 -15.60 -44.87 -31.20
C SER E 151 -14.99 -45.28 -32.52
N LYS E 152 -14.25 -46.40 -32.51
CA LYS E 152 -13.57 -46.88 -33.71
C LYS E 152 -14.59 -47.11 -34.79
N SER E 153 -15.72 -47.69 -34.40
CA SER E 153 -16.79 -47.87 -35.35
C SER E 153 -17.80 -46.75 -35.12
N ALA E 154 -18.04 -45.95 -36.15
CA ALA E 154 -18.89 -44.78 -36.00
C ALA E 154 -20.29 -45.17 -35.57
N GLY E 155 -20.82 -44.45 -34.58
CA GLY E 155 -22.15 -44.65 -34.07
C GLY E 155 -22.27 -45.60 -32.89
N GLN E 156 -21.39 -46.60 -32.82
CA GLN E 156 -21.54 -47.61 -31.78
C GLN E 156 -21.00 -47.05 -30.48
N ASN E 157 -21.67 -47.34 -29.37
CA ASN E 157 -21.31 -46.79 -28.04
C ASN E 157 -19.84 -46.92 -27.70
N PHE E 158 -19.23 -45.79 -27.32
CA PHE E 158 -17.91 -45.72 -26.71
C PHE E 158 -17.91 -46.54 -25.40
N PRO E 159 -16.89 -47.39 -25.19
CA PRO E 159 -16.83 -48.31 -24.04
C PRO E 159 -16.51 -47.62 -22.71
N GLN E 160 -16.86 -48.23 -21.57
CA GLN E 160 -16.57 -47.62 -20.28
C GLN E 160 -15.08 -47.73 -19.92
N THR E 161 -14.33 -46.65 -20.07
CA THR E 161 -12.89 -46.77 -19.98
C THR E 161 -12.41 -46.23 -18.64
N THR E 162 -11.20 -46.64 -18.28
CA THR E 162 -10.52 -46.16 -17.10
C THR E 162 -9.08 -45.95 -17.48
N ASN E 163 -8.48 -44.86 -17.00
CA ASN E 163 -7.06 -44.63 -17.22
C ASN E 163 -6.48 -44.02 -15.97
N THR E 164 -5.26 -44.39 -15.58
CA THR E 164 -4.73 -43.83 -14.36
C THR E 164 -3.31 -43.36 -14.59
N TYR E 165 -3.08 -42.07 -14.45
CA TYR E 165 -1.71 -41.57 -14.48
C TYR E 165 -1.17 -41.63 -13.07
N ARG E 166 0.01 -42.20 -12.87
CA ARG E 166 0.60 -42.13 -11.53
C ARG E 166 1.81 -41.21 -11.53
N ASN E 167 1.83 -40.30 -10.58
CA ASN E 167 2.98 -39.45 -10.40
C ASN E 167 3.94 -40.25 -9.54
N THR E 168 5.16 -40.44 -10.00
CA THR E 168 6.12 -41.19 -9.20
C THR E 168 7.36 -40.33 -8.89
N ASP E 169 7.34 -39.11 -9.43
CA ASP E 169 8.39 -38.11 -9.21
C ASP E 169 8.22 -37.45 -7.84
N THR E 170 9.19 -36.61 -7.47
CA THR E 170 9.16 -35.92 -6.18
C THR E 170 8.69 -34.49 -6.30
N ALA E 171 8.10 -34.14 -7.44
CA ALA E 171 7.55 -32.81 -7.59
C ALA E 171 6.11 -32.95 -8.05
N GLU E 172 5.28 -31.94 -7.81
CA GLU E 172 3.92 -32.01 -8.29
C GLU E 172 3.96 -31.89 -9.82
N HIS E 173 3.00 -32.55 -10.47
CA HIS E 173 2.90 -32.58 -11.94
C HIS E 173 1.57 -31.96 -12.41
N LEU E 174 1.62 -30.95 -13.24
CA LEU E 174 0.37 -30.39 -13.74
C LEU E 174 -0.24 -31.20 -14.87
N ILE E 175 -1.41 -31.76 -14.67
CA ILE E 175 -1.99 -32.56 -15.73
C ILE E 175 -3.16 -31.82 -16.32
N MET E 176 -3.36 -31.90 -17.63
CA MET E 176 -4.48 -31.23 -18.25
C MET E 176 -5.37 -32.18 -19.02
N TRP E 177 -6.63 -31.81 -19.23
CA TRP E 177 -7.50 -32.61 -20.05
C TRP E 177 -8.60 -31.82 -20.67
N GLY E 178 -9.18 -32.37 -21.72
CA GLY E 178 -10.25 -31.70 -22.42
C GLY E 178 -11.55 -32.46 -22.33
N ILE E 179 -12.65 -31.73 -22.47
CA ILE E 179 -13.95 -32.33 -22.48
C ILE E 179 -14.60 -31.85 -23.76
N HIS E 180 -15.02 -32.77 -24.62
CA HIS E 180 -15.54 -32.33 -25.92
C HIS E 180 -17.01 -32.08 -25.85
N HIS E 181 -17.41 -30.90 -26.29
CA HIS E 181 -18.79 -30.49 -26.27
C HIS E 181 -19.34 -30.57 -27.68
N PRO E 182 -20.01 -31.67 -28.04
CA PRO E 182 -20.53 -31.88 -29.41
C PRO E 182 -21.41 -30.75 -29.94
N SER E 183 -21.69 -30.74 -31.24
CA SER E 183 -22.26 -29.58 -31.92
C SER E 183 -23.74 -29.70 -32.22
N SER E 184 -24.21 -30.95 -32.21
CA SER E 184 -25.52 -31.35 -32.66
C SER E 184 -25.71 -32.71 -32.04
N THR E 185 -26.94 -33.12 -31.80
CA THR E 185 -27.08 -34.34 -31.03
C THR E 185 -26.77 -35.54 -31.93
N GLN E 186 -27.02 -35.35 -33.23
CA GLN E 186 -26.65 -36.31 -34.28
C GLN E 186 -25.17 -36.69 -34.22
N GLU E 187 -24.34 -35.67 -34.19
CA GLU E 187 -22.91 -35.83 -34.01
C GLU E 187 -22.50 -36.61 -32.74
N LYS E 188 -22.94 -36.18 -31.57
CA LYS E 188 -22.58 -36.87 -30.33
C LYS E 188 -22.74 -38.38 -30.53
N ASN E 189 -23.83 -38.74 -31.21
CA ASN E 189 -24.19 -40.13 -31.41
C ASN E 189 -23.21 -40.85 -32.32
N THR E 190 -22.66 -40.14 -33.31
CA THR E 190 -21.68 -40.73 -34.22
C THR E 190 -20.39 -41.08 -33.53
N LEU E 191 -19.73 -40.08 -32.93
CA LEU E 191 -18.45 -40.28 -32.27
C LEU E 191 -18.53 -41.20 -31.04
N TYR E 192 -19.64 -41.17 -30.31
CA TYR E 192 -19.63 -41.73 -28.97
C TYR E 192 -20.78 -42.67 -28.66
N GLY E 193 -21.86 -42.60 -29.44
CA GLY E 193 -23.04 -43.41 -29.20
C GLY E 193 -24.20 -42.71 -28.48
N THR E 194 -25.35 -43.38 -28.49
CA THR E 194 -26.57 -42.80 -27.95
C THR E 194 -26.62 -42.83 -26.41
N GLN E 195 -25.73 -43.61 -25.82
CA GLN E 195 -25.62 -43.70 -24.38
C GLN E 195 -25.32 -42.36 -23.71
N SER E 196 -25.79 -42.21 -22.49
CA SER E 196 -25.54 -41.03 -21.68
C SER E 196 -24.06 -40.87 -21.39
N LEU E 197 -23.49 -39.68 -21.62
CA LEU E 197 -22.04 -39.45 -21.47
C LEU E 197 -21.66 -38.87 -20.11
N SER E 198 -20.56 -39.35 -19.56
CA SER E 198 -20.15 -39.01 -18.21
C SER E 198 -18.65 -39.18 -18.08
N ILE E 199 -17.97 -38.16 -17.55
CA ILE E 199 -16.56 -38.26 -17.27
C ILE E 199 -16.27 -37.89 -15.82
N SER E 200 -15.96 -38.86 -14.99
CA SER E 200 -15.48 -38.53 -13.66
C SER E 200 -13.96 -38.47 -13.65
N VAL E 201 -13.40 -37.63 -12.79
CA VAL E 201 -11.95 -37.44 -12.70
C VAL E 201 -11.56 -37.28 -11.26
N GLY E 202 -10.67 -38.12 -10.75
CA GLY E 202 -10.36 -38.06 -9.34
C GLY E 202 -8.99 -38.45 -8.89
N SER E 203 -8.35 -37.57 -8.15
CA SER E 203 -7.14 -37.90 -7.42
C SER E 203 -7.50 -37.83 -5.97
N SER E 204 -6.49 -37.81 -5.10
CA SER E 204 -6.73 -37.70 -3.67
C SER E 204 -7.19 -36.29 -3.30
N THR E 205 -6.78 -35.36 -4.17
CA THR E 205 -6.90 -33.95 -3.90
C THR E 205 -7.73 -33.23 -4.97
N TYR E 206 -8.55 -33.99 -5.69
CA TYR E 206 -9.45 -33.37 -6.65
C TYR E 206 -10.58 -34.38 -6.82
N ARG E 207 -11.71 -33.94 -7.37
CA ARG E 207 -12.84 -34.83 -7.68
C ARG E 207 -13.83 -34.06 -8.53
N ASN E 208 -14.20 -34.64 -9.66
CA ASN E 208 -15.11 -33.89 -10.48
C ASN E 208 -15.82 -34.78 -11.50
N ASN E 209 -16.94 -34.28 -12.02
CA ASN E 209 -17.66 -34.97 -13.06
C ASN E 209 -17.99 -33.96 -14.14
N PHE E 210 -17.71 -34.29 -15.39
CA PHE E 210 -18.01 -33.41 -16.50
C PHE E 210 -18.94 -34.13 -17.44
N VAL E 211 -19.87 -33.40 -18.05
CA VAL E 211 -20.73 -33.95 -19.07
C VAL E 211 -20.77 -33.04 -20.27
N PRO E 212 -20.48 -33.60 -21.45
CA PRO E 212 -20.51 -32.80 -22.66
C PRO E 212 -21.86 -32.10 -22.85
N VAL E 213 -21.81 -30.84 -23.26
CA VAL E 213 -23.00 -30.03 -23.42
C VAL E 213 -23.28 -29.95 -24.88
N VAL E 214 -24.25 -30.71 -25.38
CA VAL E 214 -24.39 -30.75 -26.84
C VAL E 214 -25.14 -29.53 -27.37
N GLY E 215 -24.70 -29.12 -28.55
CA GLY E 215 -25.19 -27.96 -29.27
C GLY E 215 -26.43 -28.29 -30.07
N ALA E 216 -26.99 -27.27 -30.72
CA ALA E 216 -28.14 -27.46 -31.58
C ALA E 216 -28.02 -26.79 -32.95
N ARG E 217 -28.63 -27.42 -33.95
CA ARG E 217 -28.95 -26.79 -35.23
C ARG E 217 -27.71 -26.18 -36.01
N PRO E 218 -27.69 -24.87 -36.45
CA PRO E 218 -26.56 -24.58 -37.36
C PRO E 218 -25.16 -24.56 -36.73
N GLN E 219 -24.15 -24.71 -37.57
CA GLN E 219 -22.79 -24.58 -37.09
C GLN E 219 -22.56 -23.16 -36.59
N VAL E 220 -23.17 -22.21 -37.28
CA VAL E 220 -23.00 -20.79 -37.04
C VAL E 220 -23.48 -20.30 -35.63
N ASN E 221 -24.52 -20.92 -35.10
CA ASN E 221 -25.12 -20.55 -33.82
C ASN E 221 -24.17 -20.72 -32.61
N GLY E 222 -24.43 -19.98 -31.55
CA GLY E 222 -23.56 -20.00 -30.39
C GLY E 222 -23.15 -21.39 -29.90
N LEU E 223 -24.03 -22.39 -30.02
CA LEU E 223 -23.73 -23.73 -29.52
C LEU E 223 -23.18 -24.68 -30.56
N SER E 224 -21.86 -24.68 -30.69
CA SER E 224 -21.21 -25.62 -31.58
C SER E 224 -20.09 -26.38 -30.89
N SER E 225 -19.50 -27.27 -31.65
CA SER E 225 -18.40 -28.08 -31.20
C SER E 225 -17.32 -27.18 -30.66
N ARG E 226 -17.04 -27.33 -29.37
CA ARG E 226 -15.89 -26.74 -28.70
C ARG E 226 -15.28 -27.74 -27.74
N ILE E 227 -14.03 -27.49 -27.36
CA ILE E 227 -13.31 -28.33 -26.43
C ILE E 227 -12.83 -27.44 -25.30
N ASP E 228 -13.29 -27.74 -24.09
CA ASP E 228 -12.90 -26.95 -22.94
C ASP E 228 -11.87 -27.71 -22.11
N PHE E 229 -10.89 -26.99 -21.56
CA PHE E 229 -9.80 -27.63 -20.87
C PHE E 229 -9.91 -27.42 -19.40
N HIS E 230 -9.36 -28.36 -18.63
CA HIS E 230 -9.41 -28.32 -17.17
C HIS E 230 -8.06 -28.73 -16.68
N TRP E 231 -7.83 -28.68 -15.38
CA TRP E 231 -6.49 -28.96 -14.95
C TRP E 231 -6.39 -29.05 -13.48
N THR E 232 -5.37 -29.75 -13.04
CA THR E 232 -5.19 -29.98 -11.63
C THR E 232 -3.72 -30.31 -11.48
N LEU E 233 -3.14 -30.03 -10.32
CA LEU E 233 -1.81 -30.53 -10.06
C LEU E 233 -2.00 -31.93 -9.52
N VAL E 234 -1.04 -32.81 -9.79
CA VAL E 234 -0.97 -34.10 -9.13
C VAL E 234 0.26 -34.13 -8.24
N GLN E 235 0.05 -34.39 -6.96
CA GLN E 235 1.09 -34.25 -5.95
C GLN E 235 1.97 -35.49 -5.99
N PRO E 236 3.21 -35.41 -5.45
CA PRO E 236 4.11 -36.56 -5.62
C PRO E 236 3.55 -37.78 -4.93
N GLY E 237 3.65 -38.92 -5.61
CA GLY E 237 3.17 -40.17 -5.06
C GLY E 237 1.70 -40.39 -5.28
N ASP E 238 1.03 -39.49 -6.00
CA ASP E 238 -0.44 -39.55 -6.04
C ASP E 238 -0.99 -39.92 -7.44
N ASN E 239 -1.88 -40.89 -7.49
CA ASN E 239 -2.54 -41.32 -8.72
C ASN E 239 -3.80 -40.52 -9.12
N ILE E 240 -4.00 -40.31 -10.41
CA ILE E 240 -5.18 -39.60 -10.88
C ILE E 240 -5.87 -40.42 -11.97
N THR E 241 -7.19 -40.49 -11.88
CA THR E 241 -7.92 -41.46 -12.66
C THR E 241 -9.00 -40.83 -13.49
N PHE E 242 -9.25 -41.37 -14.66
CA PHE E 242 -10.29 -40.85 -15.51
C PHE E 242 -11.27 -41.98 -15.70
N SER E 243 -12.57 -41.67 -15.74
CA SER E 243 -13.58 -42.66 -16.03
C SER E 243 -14.45 -42.05 -17.10
N HIS E 244 -14.21 -42.40 -18.35
CA HIS E 244 -15.00 -41.76 -19.38
C HIS E 244 -15.96 -42.65 -20.14
N ASN E 245 -16.97 -41.99 -20.71
CA ASN E 245 -17.91 -42.55 -21.66
C ASN E 245 -17.64 -42.09 -23.08
N GLY E 246 -16.56 -41.31 -23.23
CA GLY E 246 -16.32 -40.58 -24.45
C GLY E 246 -16.68 -39.15 -24.17
N GLY E 247 -15.95 -38.24 -24.79
CA GLY E 247 -16.09 -36.82 -24.52
C GLY E 247 -14.75 -36.41 -23.96
N LEU E 248 -14.01 -37.38 -23.45
CA LEU E 248 -12.69 -37.08 -22.93
C LEU E 248 -11.69 -36.84 -24.05
N ILE E 249 -10.98 -35.72 -23.94
CA ILE E 249 -9.81 -35.41 -24.74
C ILE E 249 -8.69 -35.75 -23.80
N ALA E 250 -8.18 -36.97 -23.81
CA ALA E 250 -7.29 -37.41 -22.72
C ALA E 250 -5.86 -37.04 -23.00
N PRO E 251 -5.09 -36.76 -21.94
CA PRO E 251 -3.70 -36.33 -22.11
C PRO E 251 -2.76 -37.51 -22.42
N SER E 252 -1.84 -37.33 -23.36
CA SER E 252 -0.82 -38.34 -23.52
C SER E 252 0.38 -37.90 -22.71
N ARG E 253 0.52 -36.61 -22.45
CA ARG E 253 1.57 -36.22 -21.51
C ARG E 253 1.10 -35.28 -20.41
N VAL E 254 1.89 -35.18 -19.36
CA VAL E 254 1.61 -34.25 -18.27
C VAL E 254 2.80 -33.32 -18.19
N SER E 255 2.65 -32.21 -17.48
CA SER E 255 3.74 -31.27 -17.40
C SER E 255 4.27 -31.21 -16.00
N LYS E 256 5.49 -30.72 -15.86
CA LYS E 256 6.10 -30.54 -14.59
C LYS E 256 6.79 -29.22 -14.68
N LEU E 257 6.32 -28.23 -13.93
CA LEU E 257 6.98 -26.93 -13.97
C LEU E 257 8.18 -26.96 -13.03
N ILE E 258 9.32 -26.52 -13.55
CA ILE E 258 10.58 -26.58 -12.82
C ILE E 258 11.11 -25.21 -12.40
N GLY E 259 11.67 -25.12 -11.19
CA GLY E 259 12.26 -23.88 -10.72
C GLY E 259 11.37 -22.65 -10.74
N ARG E 260 11.99 -21.47 -10.74
CA ARG E 260 11.29 -20.21 -10.70
C ARG E 260 11.97 -19.22 -11.58
N GLY E 261 11.19 -18.44 -12.32
CA GLY E 261 11.70 -17.44 -13.25
C GLY E 261 10.77 -16.26 -13.39
N LEU E 262 11.15 -15.31 -14.20
CA LEU E 262 10.42 -14.06 -14.33
C LEU E 262 9.60 -13.96 -15.61
N GLY E 263 8.29 -13.88 -15.49
CA GLY E 263 7.47 -13.71 -16.67
C GLY E 263 7.34 -12.25 -17.08
N ILE E 264 7.69 -11.97 -18.35
CA ILE E 264 7.44 -10.67 -18.97
C ILE E 264 6.38 -10.74 -20.08
N GLN E 265 5.41 -9.83 -20.05
CA GLN E 265 4.48 -9.64 -21.16
C GLN E 265 4.89 -8.41 -21.91
N SER E 266 5.45 -8.56 -23.11
CA SER E 266 5.96 -7.38 -23.78
C SER E 266 5.79 -7.40 -25.26
N ASP E 267 5.74 -6.21 -25.87
CA ASP E 267 5.68 -6.16 -27.32
C ASP E 267 7.01 -5.76 -27.93
N ALA E 268 7.98 -5.48 -27.06
CA ALA E 268 9.33 -5.07 -27.45
C ALA E 268 10.21 -6.23 -27.97
N PRO E 269 11.09 -5.94 -28.95
CA PRO E 269 12.02 -6.90 -29.57
C PRO E 269 13.22 -7.23 -28.69
N ILE E 270 13.73 -8.44 -28.77
CA ILE E 270 14.72 -8.86 -27.80
C ILE E 270 16.14 -8.40 -28.15
N ASP E 271 16.82 -7.82 -27.17
CA ASP E 271 18.19 -7.36 -27.28
C ASP E 271 19.10 -8.12 -26.34
N ASN E 272 19.85 -9.11 -26.82
CA ASN E 272 20.81 -9.82 -25.97
C ASN E 272 22.11 -9.07 -25.60
N ASN E 273 22.38 -7.97 -26.28
CA ASN E 273 23.61 -7.21 -26.05
C ASN E 273 23.52 -6.47 -24.72
N CYS E 274 22.33 -5.96 -24.49
CA CYS E 274 21.92 -5.18 -23.33
C CYS E 274 21.53 -5.96 -22.08
N GLU E 275 21.85 -5.39 -20.91
CA GLU E 275 21.63 -6.04 -19.62
C GLU E 275 20.53 -5.23 -18.89
N SER E 276 19.76 -5.86 -18.00
CA SER E 276 18.74 -5.13 -17.24
C SER E 276 18.03 -5.94 -16.18
N LYS E 277 17.39 -5.25 -15.24
CA LYS E 277 16.76 -5.88 -14.09
C LYS E 277 15.27 -5.54 -13.98
N CYS E 278 14.79 -4.66 -14.86
CA CYS E 278 13.45 -4.09 -14.79
C CYS E 278 12.73 -3.89 -16.14
N PHE E 279 11.57 -4.49 -16.35
CA PHE E 279 10.95 -4.46 -17.68
C PHE E 279 9.48 -4.05 -17.68
N TRP E 280 8.94 -3.66 -18.83
CA TRP E 280 7.52 -3.37 -18.88
C TRP E 280 6.89 -3.70 -20.24
N ARG E 281 5.68 -3.21 -20.51
CA ARG E 281 5.04 -3.56 -21.77
C ARG E 281 5.87 -3.14 -22.99
N GLY E 282 6.41 -1.93 -22.95
CA GLY E 282 7.09 -1.39 -24.11
C GLY E 282 8.61 -1.33 -24.10
N GLY E 283 9.26 -2.11 -23.25
CA GLY E 283 10.71 -2.12 -23.25
C GLY E 283 11.32 -2.40 -21.88
N SER E 284 12.51 -1.85 -21.65
CA SER E 284 13.17 -1.90 -20.35
C SER E 284 13.30 -0.55 -19.68
N ILE E 285 14.01 -0.54 -18.56
CA ILE E 285 14.26 0.66 -17.74
C ILE E 285 15.60 0.47 -17.04
N ASN E 286 16.62 1.15 -17.53
CA ASN E 286 17.92 1.09 -16.91
C ASN E 286 18.22 2.46 -16.39
N THR E 287 18.08 2.61 -15.09
CA THR E 287 18.24 3.93 -14.57
C THR E 287 18.95 3.86 -13.24
N ARG E 288 19.52 5.00 -12.87
CA ARG E 288 20.17 5.15 -11.59
C ARG E 288 19.06 5.58 -10.64
N LEU E 289 18.12 6.32 -11.23
CA LEU E 289 17.09 7.01 -10.50
C LEU E 289 16.16 6.07 -9.75
N PRO E 290 15.51 6.57 -8.68
CA PRO E 290 14.65 5.73 -7.84
C PRO E 290 13.20 5.76 -8.28
N PHE E 291 12.86 6.72 -9.13
CA PHE E 291 11.49 6.85 -9.58
C PHE E 291 11.44 6.85 -11.10
N GLN E 292 10.37 6.30 -11.66
CA GLN E 292 10.19 6.25 -13.10
C GLN E 292 8.79 6.68 -13.36
N ASN E 293 8.54 7.22 -14.53
CA ASN E 293 7.20 7.69 -14.84
C ASN E 293 6.79 7.11 -16.17
N LEU E 294 7.47 6.06 -16.57
CA LEU E 294 7.13 5.41 -17.85
C LEU E 294 5.84 4.61 -17.76
N SER E 295 5.68 3.84 -16.69
CA SER E 295 4.51 2.97 -16.57
C SER E 295 4.37 2.37 -15.18
N PRO E 296 3.12 2.26 -14.71
CA PRO E 296 2.71 1.70 -13.41
C PRO E 296 2.67 0.20 -13.40
N ARG E 297 2.94 -0.39 -14.57
CA ARG E 297 2.95 -1.84 -14.73
C ARG E 297 4.29 -2.33 -15.21
N THR E 298 5.12 -2.72 -14.24
CA THR E 298 6.47 -3.17 -14.49
C THR E 298 6.67 -4.45 -13.73
N VAL E 299 7.70 -5.21 -14.10
CA VAL E 299 8.08 -6.40 -13.34
C VAL E 299 9.60 -6.41 -13.21
N GLY E 300 10.11 -7.15 -12.21
CA GLY E 300 11.53 -7.18 -11.92
C GLY E 300 11.96 -6.28 -10.79
N GLN E 301 13.24 -5.95 -10.73
CA GLN E 301 13.73 -5.01 -9.73
C GLN E 301 13.53 -3.57 -10.23
N CYS E 302 12.53 -2.89 -9.67
CA CYS E 302 12.10 -1.61 -10.27
C CYS E 302 12.05 -0.33 -9.44
N PRO E 303 12.53 0.78 -10.03
CA PRO E 303 12.22 2.14 -9.60
C PRO E 303 10.71 2.33 -9.54
N LYS E 304 10.26 3.04 -8.52
CA LYS E 304 8.85 3.07 -8.28
C LYS E 304 8.22 4.06 -9.23
N TYR E 305 7.13 3.66 -9.86
CA TYR E 305 6.35 4.57 -10.69
C TYR E 305 5.79 5.69 -9.81
N VAL E 306 5.85 6.92 -10.31
CA VAL E 306 5.21 8.05 -9.65
C VAL E 306 4.51 8.83 -10.72
N ASN E 307 3.37 9.42 -10.38
CA ASN E 307 2.63 10.24 -11.34
C ASN E 307 3.14 11.67 -11.35
N ARG E 308 4.43 11.84 -11.65
CA ARG E 308 5.00 13.16 -11.86
C ARG E 308 5.88 13.16 -13.11
N ARG E 309 5.70 14.18 -13.92
CA ARG E 309 6.43 14.32 -15.16
C ARG E 309 7.93 14.54 -14.84
N SER E 310 8.22 15.30 -13.76
CA SER E 310 9.60 15.75 -13.44
C SER E 310 9.80 16.16 -11.98
N LEU E 311 10.84 15.64 -11.33
CA LEU E 311 11.19 16.07 -9.98
C LEU E 311 12.68 16.45 -9.78
N MET E 312 12.99 17.72 -9.96
CA MET E 312 14.38 18.21 -9.92
C MET E 312 14.92 18.33 -8.51
N LEU E 313 16.11 17.78 -8.30
CA LEU E 313 16.78 17.81 -7.01
C LEU E 313 18.00 18.72 -7.01
N ALA E 314 17.98 19.83 -6.28
CA ALA E 314 19.12 20.76 -6.33
C ALA E 314 20.42 20.03 -5.99
N THR E 315 21.42 20.28 -6.82
CA THR E 315 22.76 19.76 -6.67
C THR E 315 23.68 20.95 -6.44
N GLY E 316 23.10 22.15 -6.41
CA GLY E 316 23.86 23.37 -6.23
C GLY E 316 23.18 24.32 -5.27
N MET E 317 23.73 25.51 -5.08
CA MET E 317 23.18 26.44 -4.08
C MET E 317 22.14 27.36 -4.70
N ARG E 318 21.57 28.26 -3.91
CA ARG E 318 20.73 29.30 -4.48
C ARG E 318 21.47 30.04 -5.57
N ASN E 319 20.76 30.45 -6.61
CA ASN E 319 21.42 31.15 -7.68
C ASN E 319 21.02 32.60 -7.64
N VAL E 320 21.85 33.43 -7.03
CA VAL E 320 21.58 34.85 -7.02
C VAL E 320 22.46 35.46 -8.10
N PRO E 321 21.86 35.92 -9.20
CA PRO E 321 22.65 36.68 -10.17
C PRO E 321 22.62 38.17 -9.83
N GLU E 322 23.28 39.01 -10.62
CA GLU E 322 23.35 40.43 -10.29
C GLU E 322 22.22 41.23 -10.92
N LEU F 1 17.78 28.99 7.73
CA LEU F 1 18.49 29.97 6.90
C LEU F 1 19.56 30.73 7.66
N PHE F 2 20.73 30.81 7.06
CA PHE F 2 21.84 31.50 7.69
C PHE F 2 22.03 32.79 6.92
N GLY F 3 22.67 33.78 7.53
CA GLY F 3 22.56 35.14 7.01
C GLY F 3 23.05 35.47 5.60
N ALA F 4 23.91 34.61 5.06
CA ALA F 4 24.79 34.90 3.91
C ALA F 4 24.13 34.99 2.52
N ILE F 5 23.85 33.83 1.93
CA ILE F 5 23.47 33.71 0.53
C ILE F 5 22.02 34.06 0.25
N ALA F 6 21.79 34.97 -0.69
CA ALA F 6 20.49 35.66 -0.85
C ALA F 6 20.11 36.40 0.42
N GLY F 7 21.14 36.79 1.16
CA GLY F 7 21.03 37.55 2.40
C GLY F 7 21.92 38.78 2.29
N PHE F 8 22.85 38.96 3.24
CA PHE F 8 23.64 40.20 3.21
C PHE F 8 24.64 40.21 2.06
N LEU F 9 24.96 39.06 1.49
CA LEU F 9 25.70 39.02 0.23
C LEU F 9 24.69 39.33 -0.88
N GLU F 10 24.84 40.46 -1.54
CA GLU F 10 23.83 40.90 -2.50
C GLU F 10 23.62 39.90 -3.60
N ASN F 11 24.69 39.19 -3.95
CA ASN F 11 24.67 38.32 -5.11
C ASN F 11 25.88 37.43 -5.31
N GLY F 12 25.72 36.48 -6.21
CA GLY F 12 26.77 35.57 -6.58
C GLY F 12 27.70 36.20 -7.57
N TRP F 13 28.83 35.54 -7.77
CA TRP F 13 29.77 35.99 -8.77
C TRP F 13 29.81 34.99 -9.89
N GLU F 14 29.15 35.36 -10.98
CA GLU F 14 29.09 34.55 -12.18
C GLU F 14 30.53 34.32 -12.72
N GLY F 15 31.42 35.27 -12.41
CA GLY F 15 32.82 35.22 -12.82
C GLY F 15 33.63 34.08 -12.23
N MET F 16 33.37 33.73 -10.96
CA MET F 16 34.12 32.69 -10.25
C MET F 16 33.67 31.30 -10.62
N VAL F 17 34.59 30.51 -11.15
CA VAL F 17 34.31 29.13 -11.51
C VAL F 17 35.35 28.22 -10.87
N ASP F 18 36.30 28.87 -10.22
CA ASP F 18 37.40 28.23 -9.53
C ASP F 18 36.84 27.19 -8.54
N GLY F 19 35.81 27.63 -7.81
CA GLY F 19 35.16 26.85 -6.77
C GLY F 19 33.78 27.44 -6.58
N TRP F 20 33.04 26.91 -5.60
CA TRP F 20 31.74 27.46 -5.18
C TRP F 20 31.74 28.76 -4.33
N TYR F 21 32.65 28.83 -3.36
CA TYR F 21 32.87 29.98 -2.48
C TYR F 21 34.25 30.56 -2.69
N GLY F 22 34.40 31.88 -2.60
CA GLY F 22 35.71 32.47 -2.78
C GLY F 22 35.93 33.80 -2.10
N PHE F 23 37.14 34.33 -2.30
CA PHE F 23 37.53 35.69 -1.89
C PHE F 23 37.71 36.66 -3.07
N ARG F 24 37.19 37.89 -2.94
CA ARG F 24 37.64 38.99 -3.80
C ARG F 24 38.43 39.99 -2.97
N HIS F 25 39.55 40.48 -3.48
CA HIS F 25 40.27 41.52 -2.73
C HIS F 25 40.65 42.81 -3.52
N GLN F 26 40.67 43.94 -2.80
CA GLN F 26 41.09 45.24 -3.30
C GLN F 26 42.22 45.78 -2.43
N ASN F 27 43.33 46.19 -3.05
CA ASN F 27 44.49 46.75 -2.33
C ASN F 27 45.33 47.57 -3.32
N ALA F 28 46.35 48.30 -2.85
CA ALA F 28 47.13 49.21 -3.71
C ALA F 28 47.61 48.61 -5.05
N GLN F 29 47.75 47.29 -5.10
CA GLN F 29 48.24 46.60 -6.30
C GLN F 29 47.11 46.39 -7.31
N GLY F 30 45.89 46.30 -6.81
CA GLY F 30 44.72 46.14 -7.66
C GLY F 30 43.73 45.17 -7.07
N THR F 31 42.95 44.57 -7.98
CA THR F 31 41.86 43.69 -7.60
C THR F 31 42.28 42.28 -7.94
N GLY F 32 42.06 41.36 -7.01
CA GLY F 32 42.27 39.94 -7.27
C GLY F 32 41.06 39.07 -6.95
N GLN F 33 41.16 37.80 -7.30
CA GLN F 33 40.09 36.87 -6.98
C GLN F 33 40.58 35.42 -6.94
N ALA F 34 40.30 34.74 -5.82
CA ALA F 34 40.67 33.34 -5.63
C ALA F 34 39.50 32.57 -5.00
N ALA F 35 39.51 31.24 -5.08
CA ALA F 35 38.41 30.50 -4.48
C ALA F 35 38.87 29.49 -3.41
N ASP F 36 38.10 29.42 -2.32
CA ASP F 36 38.45 28.59 -1.15
C ASP F 36 38.28 27.10 -1.42
N TYR F 37 39.33 26.31 -1.19
CA TYR F 37 39.23 24.87 -1.52
C TYR F 37 38.45 24.13 -0.48
N LYS F 38 38.82 24.36 0.78
CA LYS F 38 38.27 23.60 1.89
C LYS F 38 36.76 23.66 1.91
N SER F 39 36.19 24.87 1.81
CA SER F 39 34.75 25.03 1.98
C SER F 39 33.87 24.69 0.74
N THR F 40 34.41 24.79 -0.47
CA THR F 40 33.68 24.31 -1.64
C THR F 40 33.68 22.78 -1.65
N GLN F 41 34.69 22.20 -1.03
CA GLN F 41 34.77 20.75 -0.99
C GLN F 41 33.83 20.20 0.07
N ALA F 42 33.71 20.92 1.19
CA ALA F 42 32.76 20.55 2.23
C ALA F 42 31.35 20.41 1.68
N ALA F 43 31.02 21.33 0.79
CA ALA F 43 29.67 21.46 0.26
C ALA F 43 29.41 20.42 -0.80
N ILE F 44 30.43 20.17 -1.63
CA ILE F 44 30.32 19.22 -2.72
C ILE F 44 30.37 17.81 -2.15
N ASP F 45 31.11 17.62 -1.06
CA ASP F 45 31.07 16.37 -0.31
C ASP F 45 29.65 16.09 0.20
N GLN F 46 28.99 17.09 0.80
CA GLN F 46 27.71 16.83 1.42
C GLN F 46 26.63 16.58 0.36
N ILE F 47 26.86 17.11 -0.85
CA ILE F 47 25.98 16.83 -1.98
C ILE F 47 26.15 15.39 -2.46
N THR F 48 27.38 14.86 -2.41
CA THR F 48 27.59 13.54 -2.96
C THR F 48 26.98 12.48 -2.05
N GLY F 49 27.10 12.66 -0.75
CA GLY F 49 26.45 11.73 0.16
C GLY F 49 24.94 11.67 -0.04
N LYS F 50 24.38 12.74 -0.59
CA LYS F 50 22.96 12.79 -0.89
C LYS F 50 22.65 12.02 -2.13
N LEU F 51 23.34 12.40 -3.19
CA LEU F 51 23.19 11.70 -4.44
C LEU F 51 23.57 10.21 -4.24
N ASN F 52 24.54 9.94 -3.37
CA ASN F 52 24.91 8.55 -3.07
C ASN F 52 23.80 7.76 -2.44
N ARG F 53 22.97 8.41 -1.63
CA ARG F 53 21.80 7.74 -1.09
C ARG F 53 20.70 7.59 -2.14
N LEU F 54 20.34 8.69 -2.79
CA LEU F 54 19.33 8.70 -3.86
C LEU F 54 19.32 7.48 -4.80
N VAL F 55 20.52 6.96 -5.11
CA VAL F 55 20.67 5.79 -5.99
C VAL F 55 20.81 4.46 -5.23
N GLU F 56 20.41 4.43 -3.95
CA GLU F 56 20.33 3.17 -3.18
C GLU F 56 19.50 2.13 -3.98
N LYS F 57 20.18 1.06 -4.35
CA LYS F 57 19.66 0.15 -5.35
C LYS F 57 18.87 -1.02 -4.81
N THR F 58 19.00 -1.31 -3.52
CA THR F 58 18.41 -2.53 -2.97
C THR F 58 16.89 -2.66 -3.21
N ASN F 59 16.54 -3.63 -4.05
CA ASN F 59 15.18 -3.78 -4.59
C ASN F 59 14.68 -5.22 -4.51
N THR F 60 13.47 -5.36 -3.97
CA THR F 60 12.73 -6.61 -4.02
C THR F 60 12.26 -6.88 -5.48
N GLU F 61 12.19 -8.15 -5.86
CA GLU F 61 11.71 -8.47 -7.19
C GLU F 61 10.18 -8.60 -7.22
N PHE F 62 9.57 -8.02 -8.24
CA PHE F 62 8.14 -7.97 -8.33
C PHE F 62 7.71 -8.71 -9.56
N GLU F 63 6.66 -9.52 -9.42
CA GLU F 63 6.10 -10.21 -10.56
C GLU F 63 4.81 -9.55 -10.95
N SER F 64 4.41 -9.79 -12.18
CA SER F 64 3.18 -9.30 -12.75
C SER F 64 1.96 -9.80 -11.95
N ILE F 65 1.04 -8.90 -11.60
CA ILE F 65 -0.22 -9.37 -11.02
C ILE F 65 -1.36 -9.06 -11.95
N GLU F 66 -1.11 -8.22 -12.97
CA GLU F 66 -2.13 -8.06 -14.01
C GLU F 66 -1.67 -8.44 -15.42
N SER F 67 -2.62 -8.98 -16.18
CA SER F 67 -2.37 -9.45 -17.53
C SER F 67 -2.57 -8.30 -18.50
N GLU F 68 -1.48 -7.91 -19.15
CA GLU F 68 -1.52 -6.88 -20.19
C GLU F 68 -2.38 -7.27 -21.39
N PHE F 69 -2.52 -8.57 -21.66
CA PHE F 69 -3.06 -8.99 -22.97
C PHE F 69 -4.39 -9.71 -22.84
N SER F 70 -4.67 -10.18 -21.64
CA SER F 70 -5.84 -11.01 -21.47
C SER F 70 -6.72 -10.29 -20.48
N GLU F 71 -7.97 -10.72 -20.38
CA GLU F 71 -8.87 -10.07 -19.44
C GLU F 71 -8.53 -10.71 -18.09
N ILE F 72 -8.88 -10.03 -17.00
CA ILE F 72 -8.64 -10.51 -15.64
C ILE F 72 -9.98 -10.54 -14.89
N GLU F 73 -10.16 -11.43 -13.92
CA GLU F 73 -11.44 -11.49 -13.18
C GLU F 73 -11.91 -10.12 -12.61
N HIS F 74 -13.14 -9.70 -12.87
CA HIS F 74 -13.52 -8.30 -12.67
C HIS F 74 -13.47 -7.75 -11.22
N GLN F 75 -13.75 -8.55 -10.22
CA GLN F 75 -13.61 -8.04 -8.88
C GLN F 75 -12.15 -7.90 -8.37
N ILE F 76 -11.30 -8.88 -8.68
CA ILE F 76 -9.93 -8.90 -8.17
C ILE F 76 -9.12 -7.84 -8.85
N GLY F 77 -9.50 -7.52 -10.08
CA GLY F 77 -8.79 -6.53 -10.86
C GLY F 77 -9.14 -5.12 -10.39
N ASN F 78 -10.21 -5.02 -9.60
CA ASN F 78 -10.58 -3.75 -8.99
C ASN F 78 -9.86 -3.55 -7.67
N VAL F 79 -9.70 -4.66 -6.95
CA VAL F 79 -8.88 -4.68 -5.74
C VAL F 79 -7.44 -4.43 -6.12
N ILE F 80 -7.02 -4.88 -7.30
CA ILE F 80 -5.64 -4.59 -7.75
C ILE F 80 -5.46 -3.15 -8.13
N ASN F 81 -6.24 -2.69 -9.09
CA ASN F 81 -6.23 -1.29 -9.50
C ASN F 81 -6.30 -0.38 -8.26
N TRP F 82 -7.22 -0.59 -7.31
CA TRP F 82 -7.26 0.24 -6.08
C TRP F 82 -5.97 0.17 -5.30
N THR F 83 -5.42 -1.03 -5.15
CA THR F 83 -4.15 -1.16 -4.46
C THR F 83 -3.03 -0.49 -5.21
N LYS F 84 -2.90 -0.73 -6.50
CA LYS F 84 -1.78 -0.14 -7.22
C LYS F 84 -1.77 1.40 -7.17
N ASP F 85 -2.91 2.02 -7.49
CA ASP F 85 -3.02 3.48 -7.37
C ASP F 85 -2.70 4.03 -5.95
N SER F 86 -3.21 3.39 -4.90
CA SER F 86 -2.87 3.76 -3.53
C SER F 86 -1.37 3.85 -3.29
N ILE F 87 -0.67 2.74 -3.52
CA ILE F 87 0.81 2.66 -3.51
C ILE F 87 1.48 3.76 -4.33
N THR F 88 0.94 4.06 -5.50
CA THR F 88 1.50 5.13 -6.32
C THR F 88 1.33 6.52 -5.70
N ASP F 89 0.13 6.79 -5.19
CA ASP F 89 -0.18 8.01 -4.44
C ASP F 89 0.79 8.24 -3.32
N ILE F 90 1.08 7.16 -2.61
CA ILE F 90 2.10 7.11 -1.57
C ILE F 90 3.50 7.45 -2.04
N TRP F 91 3.97 6.75 -3.07
CA TRP F 91 5.30 7.01 -3.64
C TRP F 91 5.37 8.42 -4.23
N THR F 92 4.34 8.84 -4.95
CA THR F 92 4.31 10.19 -5.51
C THR F 92 4.42 11.22 -4.41
N TYR F 93 3.86 10.89 -3.26
CA TYR F 93 3.90 11.84 -2.17
C TYR F 93 5.31 11.84 -1.63
N GLN F 94 5.82 10.64 -1.37
CA GLN F 94 7.15 10.49 -0.84
C GLN F 94 8.16 11.14 -1.73
N ALA F 95 8.05 10.88 -3.03
CA ALA F 95 9.04 11.40 -3.97
C ALA F 95 9.14 12.94 -3.81
N GLU F 96 8.02 13.61 -4.03
CA GLU F 96 7.97 15.06 -3.95
C GLU F 96 8.44 15.62 -2.62
N LEU F 97 8.07 14.94 -1.53
CA LEU F 97 8.51 15.33 -0.19
C LEU F 97 10.00 15.19 -0.13
N LEU F 98 10.52 14.11 -0.69
CA LEU F 98 11.94 13.87 -0.65
C LEU F 98 12.69 15.00 -1.33
N VAL F 99 12.37 15.28 -2.59
CA VAL F 99 13.13 16.30 -3.27
C VAL F 99 12.82 17.68 -2.67
N ALA F 100 11.62 17.86 -2.13
CA ALA F 100 11.30 19.14 -1.54
C ALA F 100 12.12 19.32 -0.30
N MET F 101 12.10 18.32 0.57
CA MET F 101 12.83 18.35 1.84
C MET F 101 14.33 18.39 1.58
N GLU F 102 14.78 17.48 0.72
CA GLU F 102 16.20 17.38 0.42
C GLU F 102 16.70 18.67 -0.26
N ASN F 103 15.94 19.25 -1.19
CA ASN F 103 16.27 20.58 -1.73
C ASN F 103 16.46 21.70 -0.73
N GLN F 104 15.58 21.71 0.27
CA GLN F 104 15.64 22.69 1.33
C GLN F 104 17.00 22.57 1.97
N HIS F 105 17.25 21.39 2.52
CA HIS F 105 18.42 21.15 3.31
C HIS F 105 19.68 21.58 2.55
N THR F 106 19.67 21.36 1.25
CA THR F 106 20.84 21.59 0.43
C THR F 106 21.12 23.09 0.31
N ILE F 107 20.12 23.84 -0.12
CA ILE F 107 20.25 25.28 -0.15
C ILE F 107 20.80 25.77 1.18
N ASP F 108 20.16 25.38 2.28
CA ASP F 108 20.57 25.78 3.62
C ASP F 108 21.99 25.35 4.01
N MET F 109 22.39 24.12 3.70
CA MET F 109 23.76 23.67 3.98
C MET F 109 24.78 24.53 3.22
N ALA F 110 24.41 24.99 2.01
CA ALA F 110 25.30 25.83 1.20
C ALA F 110 25.53 27.17 1.87
N ASP F 111 24.43 27.76 2.36
CA ASP F 111 24.42 28.97 3.19
C ASP F 111 25.35 28.83 4.42
N SER F 112 25.15 27.74 5.16
CA SER F 112 26.03 27.36 6.26
C SER F 112 27.52 27.40 5.90
N GLU F 113 27.91 26.80 4.77
CA GLU F 113 29.33 26.76 4.43
C GLU F 113 29.89 28.15 4.15
N MET F 114 29.09 29.03 3.55
CA MET F 114 29.54 30.38 3.27
C MET F 114 29.72 31.15 4.58
N LEU F 115 28.66 31.17 5.39
CA LEU F 115 28.69 31.84 6.69
C LEU F 115 29.87 31.39 7.51
N ASN F 116 30.11 30.08 7.55
CA ASN F 116 31.19 29.56 8.36
C ASN F 116 32.55 30.09 7.93
N LEU F 117 32.75 30.27 6.63
CA LEU F 117 34.00 30.84 6.14
C LEU F 117 34.09 32.31 6.60
N TYR F 118 33.01 33.05 6.38
CA TYR F 118 32.89 34.41 6.88
C TYR F 118 33.29 34.46 8.35
N GLU F 119 32.58 33.73 9.22
CA GLU F 119 32.89 33.83 10.64
C GLU F 119 34.25 33.19 10.97
N ARG F 120 34.85 32.52 9.99
CA ARG F 120 36.23 32.03 10.11
C ARG F 120 37.22 33.17 9.82
N VAL F 121 37.03 33.83 8.67
CA VAL F 121 37.84 34.98 8.32
C VAL F 121 37.68 36.08 9.38
N ARG F 122 36.45 36.24 9.86
CA ARG F 122 36.12 37.28 10.83
C ARG F 122 37.00 37.18 12.06
N LYS F 123 37.31 35.95 12.44
CA LYS F 123 38.01 35.69 13.69
C LYS F 123 39.52 35.87 13.56
N GLN F 124 40.09 35.40 12.45
CA GLN F 124 41.51 35.63 12.19
C GLN F 124 41.87 37.08 12.32
N LEU F 125 41.12 37.90 11.62
CA LEU F 125 41.44 39.32 11.49
C LEU F 125 41.37 40.04 12.84
N ARG F 126 40.65 39.46 13.80
CA ARG F 126 40.56 39.99 15.16
C ARG F 126 40.36 41.50 15.11
N GLN F 127 41.13 42.26 15.87
CA GLN F 127 40.87 43.69 15.95
C GLN F 127 41.36 44.46 14.73
N ASN F 128 42.15 43.81 13.87
CA ASN F 128 42.68 44.42 12.63
C ASN F 128 41.65 44.80 11.53
N ALA F 129 40.43 44.25 11.57
CA ALA F 129 39.39 44.54 10.57
C ALA F 129 38.01 44.77 11.16
N GLU F 130 37.16 45.50 10.44
CA GLU F 130 35.75 45.64 10.80
C GLU F 130 34.80 45.22 9.66
N GLU F 131 33.57 44.86 10.00
CA GLU F 131 32.61 44.38 9.02
C GLU F 131 31.75 45.45 8.36
N ASP F 132 31.59 45.41 7.04
CA ASP F 132 30.80 46.44 6.33
C ASP F 132 29.34 46.09 6.15
N GLY F 133 28.97 44.89 6.61
CA GLY F 133 27.60 44.43 6.57
C GLY F 133 27.15 43.88 5.25
N LYS F 134 28.05 43.91 4.26
CA LYS F 134 27.72 43.45 2.91
C LYS F 134 28.64 42.33 2.48
N GLY F 135 29.44 41.81 3.40
CA GLY F 135 30.26 40.65 3.11
C GLY F 135 31.73 40.96 2.90
N CYS F 136 32.08 42.24 2.87
CA CYS F 136 33.48 42.66 2.87
C CYS F 136 34.01 42.90 4.27
N PHE F 137 35.33 42.81 4.40
CA PHE F 137 36.00 43.32 5.59
C PHE F 137 36.81 44.54 5.22
N GLU F 138 36.68 45.59 6.01
CA GLU F 138 37.55 46.71 5.78
C GLU F 138 38.74 46.44 6.67
N ILE F 139 39.93 46.45 6.08
CA ILE F 139 41.13 46.12 6.84
C ILE F 139 41.91 47.38 7.16
N TYR F 140 42.30 47.50 8.42
CA TYR F 140 42.84 48.75 8.95
C TYR F 140 44.36 48.76 9.00
N HIS F 141 45.00 48.08 8.05
CA HIS F 141 46.40 48.28 7.74
C HIS F 141 46.55 48.04 6.25
N ALA F 142 47.74 48.20 5.69
CA ALA F 142 47.95 47.94 4.27
C ALA F 142 48.23 46.47 4.10
N CYS F 143 47.70 45.88 3.04
CA CYS F 143 47.87 44.44 2.84
C CYS F 143 48.27 44.11 1.41
N ASP F 144 49.56 43.82 1.20
CA ASP F 144 50.00 43.42 -0.13
C ASP F 144 49.50 42.02 -0.44
N ASP F 145 49.79 41.52 -1.64
CA ASP F 145 49.22 40.25 -2.06
C ASP F 145 49.62 39.08 -1.17
N SER F 146 50.86 39.03 -0.72
CA SER F 146 51.30 37.89 0.09
C SER F 146 50.65 37.92 1.46
N CYS F 147 49.91 39.00 1.70
CA CYS F 147 49.14 39.16 2.91
C CYS F 147 47.69 38.75 2.64
N MET F 148 47.18 39.05 1.45
CA MET F 148 45.85 38.57 1.07
C MET F 148 45.87 37.04 1.09
N GLU F 149 46.73 36.45 0.26
CA GLU F 149 47.05 35.00 0.31
C GLU F 149 47.16 34.51 1.73
N SER F 150 47.73 35.32 2.60
CA SER F 150 47.93 34.93 3.98
C SER F 150 46.60 34.64 4.67
N ILE F 151 45.57 35.41 4.34
CA ILE F 151 44.26 35.26 4.96
C ILE F 151 43.53 34.05 4.40
N ARG F 152 43.74 33.82 3.10
CA ARG F 152 43.13 32.70 2.39
C ARG F 152 43.78 31.37 2.72
N ASN F 153 45.10 31.42 2.95
CA ASN F 153 45.89 30.25 3.32
C ASN F 153 45.67 29.98 4.82
N ASN F 154 44.98 30.92 5.45
CA ASN F 154 44.57 30.88 6.85
C ASN F 154 45.75 30.94 7.81
N THR F 155 46.81 31.63 7.40
CA THR F 155 48.01 31.76 8.21
C THR F 155 48.28 33.18 8.71
N TYR F 156 47.33 34.08 8.48
CA TYR F 156 47.43 35.48 8.88
C TYR F 156 47.60 35.56 10.39
N ASP F 157 48.69 36.20 10.80
CA ASP F 157 49.02 36.43 12.20
C ASP F 157 48.60 37.84 12.56
N HIS F 158 47.65 37.98 13.47
CA HIS F 158 47.03 39.28 13.65
C HIS F 158 47.91 40.26 14.40
N SER F 159 48.56 39.86 15.49
CA SER F 159 49.38 40.79 16.29
C SER F 159 50.48 41.47 15.43
N GLN F 160 50.78 40.87 14.28
CA GLN F 160 51.70 41.42 13.30
C GLN F 160 51.27 42.81 12.80
N TYR F 161 49.98 43.03 12.70
CA TYR F 161 49.49 44.30 12.21
C TYR F 161 48.67 45.05 13.26
N ARG F 162 48.56 44.49 14.46
CA ARG F 162 47.57 44.95 15.42
C ARG F 162 47.80 46.39 15.84
N GLU F 163 49.03 46.75 16.20
CA GLU F 163 49.31 48.13 16.60
C GLU F 163 48.89 49.12 15.52
N GLU F 164 49.36 48.88 14.29
CA GLU F 164 49.04 49.78 13.18
C GLU F 164 47.55 49.88 13.06
N ALA F 165 46.89 48.73 13.05
CA ALA F 165 45.46 48.65 12.84
C ALA F 165 44.68 49.20 14.03
N LEU F 166 45.24 49.05 15.23
CA LEU F 166 44.54 49.54 16.38
C LEU F 166 44.46 51.07 16.31
N LEU F 167 45.51 51.74 15.88
CA LEU F 167 45.40 53.19 15.89
C LEU F 167 44.97 53.79 14.55
N ASN F 168 44.52 52.97 13.63
CA ASN F 168 43.90 53.49 12.41
C ASN F 168 42.39 53.38 12.51
N ARG F 169 41.96 52.52 13.42
CA ARG F 169 40.54 52.40 13.73
C ARG F 169 40.15 53.61 14.53
N LEU F 170 41.13 54.19 15.22
CA LEU F 170 40.87 55.28 16.14
C LEU F 170 41.21 56.69 15.58
N ASN F 171 41.83 56.78 14.40
CA ASN F 171 42.55 58.02 14.07
C ASN F 171 42.16 58.59 12.71
#